data_6OFD
#
_entry.id   6OFD
#
_cell.length_a   126.174
_cell.length_b   126.174
_cell.length_c   298.044
_cell.angle_alpha   90.00
_cell.angle_beta   90.00
_cell.angle_gamma   120.00
#
_symmetry.space_group_name_H-M   'P 31 2 1'
#
loop_
_entity.id
_entity.type
_entity.pdbx_description
1 polymer 'Fe(3+)-Zn(2+) purple acid phosphatase'
2 branched alpha-L-fucopyranose-(1-3)-[2-acetamido-2-deoxy-beta-D-glucopyranose-(1-4)]2-acetamido-2-deoxy-beta-D-glucopyranose
3 branched beta-D-mannopyranose-(1-4)-2-acetamido-2-deoxy-beta-D-glucopyranose-(1-4)-[alpha-L-fucopyranose-(1-3)]2-acetamido-2-deoxy-beta-D-glucopyranose
4 branched alpha-D-mannopyranose-(1-3)-[alpha-D-mannopyranose-(1-6)]beta-D-mannopyranose-(1-4)-2-acetamido-2-deoxy-beta-D-glucopyranose-(1-4)-[alpha-L-fucopyranose-(1-3)]2-acetamido-2-deoxy-beta-D-glucopyranose
5 branched beta-D-mannopyranose-(1-4)-2-acetamido-2-deoxy-beta-D-glucopyranose-(1-4)-2-acetamido-2-deoxy-beta-D-glucopyranose
6 branched alpha-L-fucopyranose-(1-3)-2-acetamido-2-deoxy-beta-D-glucopyranose
7 non-polymer 'ZINC ION'
8 non-polymer 'FE (III) ION'
9 non-polymer 2-acetamido-2-deoxy-beta-D-glucopyranose
10 non-polymer '[(S)-(naphthalen-1-yl)(octadecyloxy)methyl]phosphonic acid'
11 non-polymer 'SODIUM ION'
12 non-polymer 'SULFATE ION'
13 non-polymer 1,2-ETHANEDIOL
14 non-polymer 'TRIETHYLENE GLYCOL'
15 non-polymer GLYCEROL
16 non-polymer 'CHLORIDE ION'
17 water water
#
_entity_poly.entity_id   1
_entity_poly.type   'polypeptide(L)'
_entity_poly.pdbx_seq_one_letter_code
;MGVVKGLLALALVLNVVVVSNGGKSSNFVRKTNKNRDMPLDSDVFRVPPGYNAPQQVHITQGDLVGRAMIISWVTMDEPG
SSAVRYWSEKNGRKRIAKGKMSTYRFFNYSSGFIHHTTIRKLKYNTKYYYEVGLRNTTRRFSFITPPQTGLDVPYTFGLI
GDLGQSFDSNTTLSHYELSPKKGQTVLFVGDLSYADRYPNHDNVRWDTWGRFTERSVAYQPWIWTAGNHEIEFAPEINET
EPFKPFSYRYHVPYEASQSTSPFWYSIKRASAHIIVLSSYSAYGRGTPQYTWLKKELRKVKRSETPWLIVLMHSPLYNSY
NHHFMEGEAMRTKFEAWFVKYKVDVVFAGHVHAYERSERVSNIAYKITNGLCTPVKDQSAPVYITIGDAGNYGVIDSNMI
QPQPEYSAFREASFGHGMFDIKNRTHAHFSWNRNQDGVAVEADSVWFFNRHWYPVDDST
;
_entity_poly.pdbx_strand_id   A,B,D,C
#
# COMPACT_ATOMS: atom_id res chain seq x y z
N ASN A 33 31.50 -28.18 20.76
CA ASN A 33 30.94 -28.42 22.09
C ASN A 33 29.42 -28.53 22.02
N LYS A 34 28.76 -27.45 22.42
CA LYS A 34 27.32 -27.30 22.29
C LYS A 34 26.97 -26.62 20.96
N ASN A 35 27.73 -25.59 20.60
CA ASN A 35 27.51 -24.83 19.38
C ASN A 35 28.40 -25.39 18.27
N ARG A 36 27.77 -25.90 17.20
CA ARG A 36 28.49 -26.42 16.05
C ARG A 36 28.28 -25.57 14.81
N ASP A 37 27.62 -24.42 14.94
CA ASP A 37 27.53 -23.49 13.82
C ASP A 37 28.90 -22.90 13.48
N MET A 38 29.15 -22.75 12.19
CA MET A 38 30.43 -22.22 11.75
C MET A 38 30.55 -20.75 12.13
N PRO A 39 31.71 -20.34 12.66
CA PRO A 39 31.89 -18.94 13.10
C PRO A 39 31.81 -17.95 11.94
N LEU A 40 31.51 -16.70 12.28
CA LEU A 40 31.28 -15.66 11.28
C LEU A 40 32.50 -15.42 10.40
N ASP A 41 33.71 -15.71 10.88
CA ASP A 41 34.91 -15.49 10.07
C ASP A 41 35.31 -16.72 9.25
N SER A 42 34.46 -17.75 9.18
CA SER A 42 34.77 -18.94 8.39
C SER A 42 34.97 -18.59 6.92
N ASP A 43 35.78 -19.40 6.24
CA ASP A 43 36.09 -19.14 4.85
C ASP A 43 34.85 -19.20 3.96
N VAL A 44 33.88 -20.06 4.29
CA VAL A 44 32.67 -20.18 3.48
C VAL A 44 31.80 -18.92 3.54
N PHE A 45 32.00 -18.05 4.52
CA PHE A 45 31.18 -16.86 4.70
C PHE A 45 31.85 -15.61 4.16
N ARG A 46 32.99 -15.73 3.49
CA ARG A 46 33.72 -14.53 3.06
C ARG A 46 32.87 -13.69 2.12
N VAL A 47 33.04 -12.39 2.22
CA VAL A 47 32.35 -11.43 1.35
C VAL A 47 33.14 -11.31 0.05
N PRO A 48 32.53 -11.51 -1.11
CA PRO A 48 33.22 -11.26 -2.39
C PRO A 48 33.73 -9.82 -2.46
N PRO A 49 34.98 -9.61 -2.89
CA PRO A 49 35.58 -8.29 -2.84
C PRO A 49 35.11 -7.37 -3.96
N GLY A 50 35.25 -6.07 -3.72
CA GLY A 50 34.91 -5.06 -4.70
C GLY A 50 33.68 -4.29 -4.28
N TYR A 51 33.66 -3.00 -4.67
CA TYR A 51 32.56 -2.13 -4.25
C TYR A 51 31.23 -2.69 -4.75
N ASN A 52 30.29 -2.88 -3.82
CA ASN A 52 28.95 -3.37 -4.11
C ASN A 52 28.96 -4.66 -4.92
N ALA A 53 29.93 -5.54 -4.64
CA ALA A 53 29.98 -6.82 -5.31
C ALA A 53 28.73 -7.64 -4.96
N PRO A 54 28.06 -8.24 -5.94
CA PRO A 54 26.97 -9.15 -5.62
C PRO A 54 27.43 -10.28 -4.70
N GLN A 55 26.57 -10.64 -3.76
CA GLN A 55 26.82 -11.80 -2.93
C GLN A 55 25.53 -12.57 -2.79
N GLN A 56 25.62 -13.76 -2.19
CA GLN A 56 24.46 -14.63 -1.98
C GLN A 56 23.73 -14.94 -3.30
N VAL A 57 24.48 -15.22 -4.35
CA VAL A 57 23.87 -15.44 -5.66
C VAL A 57 23.19 -16.81 -5.67
N HIS A 58 21.96 -16.86 -6.17
CA HIS A 58 21.28 -18.15 -6.24
C HIS A 58 20.28 -18.11 -7.38
N ILE A 59 20.08 -19.26 -8.00
CA ILE A 59 19.21 -19.42 -9.16
C ILE A 59 18.20 -20.51 -8.89
N THR A 60 17.03 -20.40 -9.52
CA THR A 60 16.08 -21.49 -9.51
C THR A 60 15.28 -21.42 -10.81
N GLN A 61 14.58 -22.51 -11.12
CA GLN A 61 13.77 -22.52 -12.33
C GLN A 61 12.72 -21.42 -12.26
N GLY A 62 12.57 -20.67 -13.35
CA GLY A 62 11.72 -19.50 -13.39
C GLY A 62 10.42 -19.60 -14.17
N ASP A 63 10.08 -20.78 -14.67
CA ASP A 63 8.85 -21.02 -15.45
C ASP A 63 8.41 -22.46 -15.19
N LEU A 64 7.44 -22.93 -15.99
CA LEU A 64 6.90 -24.27 -15.77
C LEU A 64 7.74 -25.39 -16.36
N VAL A 65 8.43 -25.18 -17.49
CA VAL A 65 9.03 -26.29 -18.22
C VAL A 65 10.55 -26.19 -18.37
N GLY A 66 11.18 -25.15 -17.84
CA GLY A 66 12.63 -25.10 -17.82
C GLY A 66 13.27 -24.11 -18.76
N ARG A 67 12.48 -23.30 -19.47
CA ARG A 67 13.03 -22.29 -20.36
C ARG A 67 13.31 -20.96 -19.67
N ALA A 68 13.17 -20.89 -18.35
CA ALA A 68 13.43 -19.65 -17.63
C ALA A 68 14.20 -19.93 -16.34
N MET A 69 14.89 -18.89 -15.86
CA MET A 69 15.67 -19.00 -14.63
C MET A 69 15.50 -17.73 -13.82
N ILE A 70 15.15 -17.87 -12.54
CA ILE A 70 15.17 -16.74 -11.62
C ILE A 70 16.58 -16.60 -11.08
N ILE A 71 17.18 -15.42 -11.29
CA ILE A 71 18.51 -15.09 -10.81
C ILE A 71 18.36 -14.13 -9.64
N SER A 72 18.96 -14.46 -8.50
CA SER A 72 18.78 -13.71 -7.27
C SER A 72 20.13 -13.43 -6.63
N TRP A 73 20.27 -12.23 -6.05
CA TRP A 73 21.52 -11.86 -5.39
C TRP A 73 21.25 -10.66 -4.49
N VAL A 74 22.23 -10.36 -3.65
CA VAL A 74 22.14 -9.25 -2.70
C VAL A 74 23.32 -8.32 -2.92
N THR A 75 23.06 -7.01 -2.92
CA THR A 75 24.13 -6.02 -2.85
C THR A 75 24.03 -5.31 -1.52
N MET A 76 25.18 -4.98 -0.93
CA MET A 76 25.23 -4.47 0.42
C MET A 76 25.57 -2.99 0.52
N ASP A 77 26.32 -2.45 -0.44
CA ASP A 77 26.75 -1.06 -0.34
C ASP A 77 25.75 -0.06 -0.91
N GLU A 78 25.01 -0.41 -1.94
CA GLU A 78 24.01 0.49 -2.50
C GLU A 78 23.05 -0.33 -3.35
N PRO A 79 21.87 0.21 -3.67
CA PRO A 79 20.89 -0.58 -4.45
C PRO A 79 21.46 -1.29 -5.66
N GLY A 80 22.20 -0.61 -6.52
CA GLY A 80 22.74 -1.24 -7.70
C GLY A 80 21.68 -1.56 -8.76
N SER A 81 22.14 -2.20 -9.83
CA SER A 81 21.29 -2.56 -10.96
C SER A 81 20.77 -3.98 -10.83
N SER A 82 19.50 -4.18 -11.18
CA SER A 82 18.90 -5.50 -11.22
C SER A 82 19.03 -6.15 -12.59
N ALA A 83 19.82 -5.57 -13.49
CA ALA A 83 20.07 -6.18 -14.80
C ALA A 83 20.97 -7.41 -14.70
N VAL A 84 20.64 -8.43 -15.48
CA VAL A 84 21.47 -9.61 -15.65
C VAL A 84 21.90 -9.65 -17.12
N ARG A 85 23.21 -9.76 -17.36
CA ARG A 85 23.72 -9.96 -18.71
C ARG A 85 23.97 -11.45 -18.89
N TYR A 86 23.55 -12.02 -20.01
CA TYR A 86 23.64 -13.48 -20.14
C TYR A 86 23.77 -13.88 -21.61
N TRP A 87 24.37 -15.05 -21.83
CA TRP A 87 24.57 -15.54 -23.20
C TRP A 87 24.81 -17.03 -23.18
N SER A 88 24.38 -17.69 -24.25
CA SER A 88 24.65 -19.11 -24.38
C SER A 88 26.04 -19.33 -24.95
N GLU A 89 26.67 -20.42 -24.53
CA GLU A 89 27.94 -20.82 -25.11
C GLU A 89 27.79 -21.04 -26.62
N LYS A 90 26.64 -21.56 -27.03
CA LYS A 90 26.42 -21.98 -28.40
C LYS A 90 26.23 -20.80 -29.35
N ASN A 91 25.59 -19.71 -28.90
CA ASN A 91 25.35 -18.58 -29.78
C ASN A 91 26.15 -17.33 -29.43
N GLY A 92 26.62 -17.20 -28.20
CA GLY A 92 27.49 -16.08 -27.85
C GLY A 92 26.89 -14.72 -28.01
N ARG A 93 25.55 -14.62 -28.05
CA ARG A 93 24.84 -13.34 -28.16
C ARG A 93 24.52 -12.83 -26.75
N LYS A 94 25.18 -11.74 -26.36
CA LYS A 94 24.92 -11.15 -25.06
C LYS A 94 23.54 -10.50 -25.02
N ARG A 95 22.76 -10.80 -23.97
CA ARG A 95 21.45 -10.19 -23.76
C ARG A 95 21.33 -9.66 -22.34
N ILE A 96 20.35 -8.78 -22.14
CA ILE A 96 20.10 -8.12 -20.87
C ILE A 96 18.67 -8.44 -20.45
N ALA A 97 18.50 -8.94 -19.22
CA ALA A 97 17.19 -9.04 -18.61
C ALA A 97 17.12 -8.11 -17.40
N LYS A 98 15.95 -7.50 -17.20
CA LYS A 98 15.72 -6.56 -16.10
C LYS A 98 14.85 -7.21 -15.03
N GLY A 99 15.17 -6.91 -13.77
CA GLY A 99 14.45 -7.43 -12.63
C GLY A 99 14.10 -6.33 -11.65
N LYS A 100 13.97 -6.72 -10.39
CA LYS A 100 13.44 -5.85 -9.36
C LYS A 100 14.24 -5.98 -8.09
N MET A 101 14.36 -4.87 -7.38
CA MET A 101 15.06 -4.82 -6.11
C MET A 101 14.03 -4.69 -4.98
N SER A 102 14.33 -5.30 -3.85
CA SER A 102 13.44 -5.22 -2.70
C SER A 102 14.28 -5.25 -1.42
N THR A 103 13.66 -4.78 -0.33
CA THR A 103 14.28 -4.77 0.99
C THR A 103 13.24 -5.21 2.00
N TYR A 104 13.70 -5.59 3.19
CA TYR A 104 12.81 -5.84 4.31
C TYR A 104 13.52 -5.52 5.61
N ARG A 105 12.73 -5.37 6.67
CA ARG A 105 13.22 -5.21 8.01
C ARG A 105 12.67 -6.36 8.85
N PHE A 106 13.44 -6.80 9.83
CA PHE A 106 12.98 -7.79 10.80
C PHE A 106 13.51 -7.38 12.15
N PHE A 107 12.62 -6.94 13.04
CA PHE A 107 13.01 -6.36 14.33
C PHE A 107 14.00 -5.23 14.06
N ASN A 108 15.21 -5.32 14.57
CA ASN A 108 16.19 -4.25 14.35
C ASN A 108 17.15 -4.56 13.22
N TYR A 109 16.88 -5.59 12.43
CA TYR A 109 17.69 -5.90 11.26
C TYR A 109 17.12 -5.18 10.04
N SER A 110 18.01 -4.61 9.22
CA SER A 110 17.65 -4.02 7.93
C SER A 110 18.40 -4.78 6.84
N SER A 111 17.67 -5.37 5.89
CA SER A 111 18.35 -6.15 4.86
C SER A 111 19.21 -5.25 3.96
N GLY A 112 20.12 -5.88 3.25
CA GLY A 112 20.68 -5.27 2.06
C GLY A 112 19.68 -5.29 0.92
N PHE A 113 20.16 -5.10 -0.31
CA PHE A 113 19.31 -4.83 -1.46
C PHE A 113 19.17 -6.12 -2.26
N ILE A 114 17.96 -6.67 -2.25
CA ILE A 114 17.68 -7.99 -2.79
C ILE A 114 17.22 -7.87 -4.23
N HIS A 115 17.86 -8.62 -5.13
CA HIS A 115 17.53 -8.57 -6.55
C HIS A 115 16.98 -9.91 -6.99
N HIS A 116 15.87 -9.88 -7.74
CA HIS A 116 15.33 -11.06 -8.41
C HIS A 116 15.06 -10.68 -9.86
N THR A 117 15.65 -11.45 -10.77
CA THR A 117 15.54 -11.17 -12.20
C THR A 117 15.31 -12.47 -12.94
N THR A 118 14.25 -12.52 -13.73
CA THR A 118 13.94 -13.74 -14.46
C THR A 118 14.48 -13.62 -15.88
N ILE A 119 15.31 -14.56 -16.27
CA ILE A 119 15.76 -14.71 -17.65
C ILE A 119 14.81 -15.69 -18.34
N ARG A 120 14.32 -15.32 -19.53
CA ARG A 120 13.28 -16.10 -20.19
C ARG A 120 13.71 -16.53 -21.60
N LYS A 121 12.95 -17.48 -22.15
CA LYS A 121 13.11 -17.96 -23.52
C LYS A 121 14.49 -18.59 -23.75
N LEU A 122 14.96 -19.35 -22.78
CA LEU A 122 16.23 -20.04 -22.92
C LEU A 122 16.07 -21.27 -23.78
N LYS A 123 17.14 -21.60 -24.51
CA LYS A 123 17.16 -22.83 -25.29
C LYS A 123 17.40 -24.02 -24.36
N TYR A 124 16.77 -25.14 -24.68
CA TYR A 124 16.93 -26.35 -23.89
C TYR A 124 18.33 -26.93 -24.01
N ASN A 125 18.72 -27.69 -22.98
CA ASN A 125 19.98 -28.44 -22.94
C ASN A 125 21.18 -27.59 -23.38
N THR A 126 21.29 -26.38 -22.82
CA THR A 126 22.23 -25.41 -23.33
C THR A 126 22.96 -24.73 -22.19
N LYS A 127 24.27 -24.53 -22.34
CA LYS A 127 25.03 -23.87 -21.29
C LYS A 127 24.96 -22.36 -21.47
N TYR A 128 24.62 -21.65 -20.39
CA TYR A 128 24.52 -20.20 -20.36
C TYR A 128 25.49 -19.63 -19.32
N TYR A 129 26.10 -18.51 -19.65
CA TYR A 129 26.79 -17.69 -18.65
C TYR A 129 25.90 -16.51 -18.30
N TYR A 130 26.01 -16.03 -17.08
CA TYR A 130 25.26 -14.84 -16.71
C TYR A 130 26.10 -14.02 -15.77
N GLU A 131 25.87 -12.71 -15.78
CA GLU A 131 26.63 -11.76 -14.97
C GLU A 131 25.67 -10.87 -14.18
N VAL A 132 26.02 -10.61 -12.93
CA VAL A 132 25.27 -9.69 -12.08
C VAL A 132 26.24 -8.66 -11.54
N GLY A 133 25.69 -7.56 -11.05
CA GLY A 133 26.49 -6.43 -10.61
C GLY A 133 27.04 -5.58 -11.74
N LEU A 134 26.22 -5.31 -12.77
CA LEU A 134 26.71 -4.69 -14.00
C LEU A 134 27.19 -3.26 -13.79
N ARG A 135 26.85 -2.61 -12.68
CA ARG A 135 27.25 -1.23 -12.53
C ARG A 135 28.62 -1.05 -11.89
N ASN A 136 28.97 -1.82 -10.86
CA ASN A 136 30.22 -1.58 -10.15
C ASN A 136 31.12 -2.82 -10.16
N THR A 137 30.77 -3.89 -9.46
CA THR A 137 31.63 -5.08 -9.47
C THR A 137 30.84 -6.23 -10.07
N THR A 138 31.24 -6.66 -11.27
CA THR A 138 30.55 -7.72 -11.98
C THR A 138 31.07 -9.09 -11.57
N ARG A 139 30.16 -10.04 -11.41
CA ARG A 139 30.52 -11.43 -11.14
C ARG A 139 29.84 -12.32 -12.16
N ARG A 140 30.56 -13.33 -12.65
CA ARG A 140 30.08 -14.20 -13.71
C ARG A 140 29.87 -15.61 -13.17
N PHE A 141 28.82 -16.26 -13.64
CA PHE A 141 28.47 -17.60 -13.24
C PHE A 141 27.97 -18.33 -14.49
N SER A 142 27.49 -19.54 -14.32
CA SER A 142 27.00 -20.29 -15.47
C SER A 142 26.02 -21.35 -14.99
N PHE A 143 25.12 -21.75 -15.89
CA PHE A 143 24.25 -22.89 -15.62
C PHE A 143 23.99 -23.61 -16.95
N ILE A 144 23.32 -24.75 -16.86
CA ILE A 144 22.93 -25.54 -18.02
C ILE A 144 21.43 -25.82 -17.95
N THR A 145 20.68 -25.32 -18.93
CA THR A 145 19.25 -25.58 -18.95
C THR A 145 18.99 -27.07 -19.12
N PRO A 146 17.88 -27.57 -18.59
CA PRO A 146 17.55 -28.97 -18.76
C PRO A 146 17.17 -29.25 -20.20
N PRO A 147 17.09 -30.52 -20.60
CA PRO A 147 16.46 -30.82 -21.88
C PRO A 147 14.96 -30.55 -21.79
N GLN A 148 14.33 -30.44 -22.97
CA GLN A 148 12.88 -30.32 -23.02
C GLN A 148 12.22 -31.49 -22.31
N THR A 149 11.12 -31.23 -21.59
CA THR A 149 10.40 -32.30 -20.91
C THR A 149 10.04 -33.40 -21.90
N GLY A 150 10.00 -34.64 -21.43
CA GLY A 150 9.82 -35.79 -22.31
C GLY A 150 9.81 -37.09 -21.52
N LEU A 151 9.38 -38.15 -22.21
CA LEU A 151 9.10 -39.42 -21.55
C LEU A 151 10.37 -40.04 -20.96
N ASP A 152 11.46 -40.06 -21.73
CA ASP A 152 12.63 -40.86 -21.38
C ASP A 152 13.85 -40.02 -21.06
N VAL A 153 13.66 -38.73 -20.77
CA VAL A 153 14.75 -37.79 -20.53
C VAL A 153 15.45 -38.07 -19.20
N PRO A 154 16.71 -38.50 -19.20
CA PRO A 154 17.43 -38.72 -17.93
C PRO A 154 17.74 -37.41 -17.21
N TYR A 155 17.85 -37.51 -15.88
CA TYR A 155 18.15 -36.33 -15.08
C TYR A 155 18.47 -36.77 -13.67
N THR A 156 19.45 -36.12 -13.05
CA THR A 156 19.89 -36.47 -11.70
C THR A 156 19.56 -35.34 -10.74
N PHE A 157 18.73 -35.62 -9.74
CA PHE A 157 18.32 -34.65 -8.72
C PHE A 157 19.05 -34.94 -7.41
N GLY A 158 19.66 -33.91 -6.83
CA GLY A 158 20.11 -34.02 -5.46
C GLY A 158 18.96 -33.83 -4.48
N LEU A 159 19.06 -34.51 -3.33
CA LEU A 159 18.10 -34.34 -2.24
C LEU A 159 18.83 -33.89 -0.98
N ILE A 160 18.51 -32.69 -0.52
CA ILE A 160 19.11 -32.08 0.65
C ILE A 160 17.99 -31.55 1.54
N GLY A 161 18.09 -31.75 2.85
CA GLY A 161 17.10 -31.21 3.77
C GLY A 161 17.75 -30.72 5.05
N ASP A 162 17.18 -29.66 5.60
CA ASP A 162 17.57 -29.15 6.91
C ASP A 162 19.08 -28.91 6.95
N LEU A 163 19.54 -28.06 6.03
CA LEU A 163 20.97 -27.94 5.77
C LEU A 163 21.68 -27.18 6.89
N GLY A 164 21.23 -25.98 7.20
CA GLY A 164 21.89 -25.25 8.27
C GLY A 164 23.27 -24.74 7.86
N GLN A 165 24.04 -24.33 8.88
CA GLN A 165 25.39 -23.81 8.64
C GLN A 165 26.34 -24.27 9.74
N SER A 166 26.25 -25.54 10.11
CA SER A 166 27.25 -26.14 10.98
C SER A 166 28.36 -26.73 10.10
N PHE A 167 29.41 -27.25 10.76
CA PHE A 167 30.46 -27.92 10.00
C PHE A 167 29.91 -29.16 9.30
N ASP A 168 28.96 -29.85 9.93
CA ASP A 168 28.31 -30.98 9.27
C ASP A 168 27.65 -30.54 7.97
N SER A 169 26.99 -29.38 7.99
CA SER A 169 26.40 -28.82 6.77
C SER A 169 27.45 -28.66 5.69
N ASN A 170 28.59 -28.09 6.05
CA ASN A 170 29.65 -27.90 5.07
C ASN A 170 30.12 -29.23 4.49
N THR A 171 30.16 -30.28 5.31
CA THR A 171 30.60 -31.58 4.83
C THR A 171 29.59 -32.18 3.87
N THR A 172 28.29 -32.09 4.20
CA THR A 172 27.25 -32.58 3.30
C THR A 172 27.33 -31.89 1.94
N LEU A 173 27.41 -30.56 1.93
CA LEU A 173 27.50 -29.83 0.68
C LEU A 173 28.73 -30.26 -0.12
N SER A 174 29.88 -30.45 0.55
CA SER A 174 31.07 -30.97 -0.12
C SER A 174 30.81 -32.34 -0.76
N HIS A 175 30.18 -33.25 -0.02
CA HIS A 175 29.88 -34.57 -0.57
C HIS A 175 28.94 -34.49 -1.76
N TYR A 176 27.93 -33.62 -1.68
CA TYR A 176 27.06 -33.43 -2.83
C TYR A 176 27.86 -32.98 -4.05
N GLU A 177 28.70 -31.97 -3.90
CA GLU A 177 29.38 -31.42 -5.07
C GLU A 177 30.51 -32.33 -5.55
N LEU A 178 31.03 -33.21 -4.70
CA LEU A 178 32.05 -34.15 -5.11
C LEU A 178 31.49 -35.47 -5.60
N SER A 179 30.17 -35.61 -5.66
CA SER A 179 29.55 -36.88 -5.98
C SER A 179 29.79 -37.23 -7.44
N PRO A 180 30.25 -38.44 -7.76
CA PRO A 180 30.38 -38.80 -9.16
C PRO A 180 29.04 -38.97 -9.85
N LYS A 181 27.94 -39.11 -9.10
CA LYS A 181 26.64 -39.15 -9.74
C LYS A 181 26.25 -37.79 -10.33
N LYS A 182 26.89 -36.72 -9.88
CA LYS A 182 26.73 -35.36 -10.42
C LYS A 182 25.28 -34.89 -10.48
N GLY A 183 24.79 -34.34 -9.37
CA GLY A 183 23.44 -33.80 -9.34
C GLY A 183 23.35 -32.56 -10.23
N GLN A 184 22.19 -32.42 -10.87
CA GLN A 184 21.96 -31.31 -11.79
C GLN A 184 21.00 -30.26 -11.24
N THR A 185 20.26 -30.60 -10.19
CA THR A 185 19.29 -29.74 -9.55
C THR A 185 19.08 -30.29 -8.14
N VAL A 186 19.07 -29.42 -7.14
CA VAL A 186 18.78 -29.85 -5.78
C VAL A 186 17.30 -29.69 -5.50
N LEU A 187 16.67 -30.77 -5.04
CA LEU A 187 15.34 -30.71 -4.44
C LEU A 187 15.53 -30.49 -2.94
N PHE A 188 15.13 -29.32 -2.44
CA PHE A 188 15.46 -28.90 -1.08
C PHE A 188 14.18 -28.90 -0.25
N VAL A 189 14.12 -29.78 0.76
CA VAL A 189 12.85 -30.05 1.44
C VAL A 189 12.67 -29.21 2.70
N GLY A 190 13.47 -28.16 2.87
CA GLY A 190 13.14 -27.12 3.81
C GLY A 190 14.06 -27.09 5.01
N ASP A 191 13.88 -26.02 5.80
CA ASP A 191 14.75 -25.57 6.89
C ASP A 191 16.10 -25.18 6.31
N LEU A 192 16.25 -23.90 5.98
CA LEU A 192 17.40 -23.40 5.22
C LEU A 192 18.55 -22.95 6.14
N SER A 193 18.47 -21.74 6.68
CA SER A 193 19.56 -21.12 7.40
C SER A 193 19.59 -21.41 8.90
N TYR A 194 18.44 -21.73 9.51
CA TYR A 194 18.29 -21.83 10.96
C TYR A 194 18.67 -20.53 11.65
N ALA A 195 18.53 -19.41 10.94
CA ALA A 195 18.77 -18.11 11.56
C ALA A 195 17.83 -17.89 12.73
N ASP A 196 16.65 -18.52 12.72
CA ASP A 196 15.70 -18.23 13.79
C ASP A 196 16.09 -18.86 15.12
N ARG A 197 17.20 -19.59 15.20
CA ARG A 197 17.70 -20.02 16.50
C ARG A 197 18.52 -18.94 17.20
N TYR A 198 18.92 -17.89 16.49
CA TYR A 198 19.73 -16.82 17.03
C TYR A 198 18.86 -15.78 17.73
N PRO A 199 19.45 -14.98 18.62
CA PRO A 199 18.69 -13.89 19.26
C PRO A 199 18.01 -12.98 18.26
N ASN A 200 16.70 -12.77 18.44
CA ASN A 200 15.88 -12.02 17.50
C ASN A 200 16.01 -12.57 16.08
N HIS A 201 16.28 -13.86 15.95
CA HIS A 201 16.41 -14.54 14.66
C HIS A 201 17.51 -13.96 13.80
N ASP A 202 18.52 -13.34 14.45
CA ASP A 202 19.58 -12.57 13.82
C ASP A 202 19.71 -12.81 12.33
N ASN A 203 19.05 -11.98 11.51
CA ASN A 203 18.97 -12.25 10.08
C ASN A 203 20.32 -12.11 9.37
N VAL A 204 21.37 -11.67 10.07
CA VAL A 204 22.73 -11.82 9.54
C VAL A 204 23.01 -13.27 9.22
N ARG A 205 22.42 -14.20 9.98
CA ARG A 205 22.66 -15.61 9.70
C ARG A 205 21.91 -16.09 8.47
N TRP A 206 21.01 -15.29 7.91
CA TRP A 206 20.51 -15.57 6.56
C TRP A 206 21.53 -15.16 5.51
N ASP A 207 22.21 -14.02 5.74
CA ASP A 207 23.20 -13.56 4.77
C ASP A 207 24.38 -14.52 4.68
N THR A 208 24.88 -15.01 5.83
CA THR A 208 25.96 -15.98 5.82
C THR A 208 25.55 -17.25 5.09
N TRP A 209 24.36 -17.77 5.38
CA TRP A 209 23.87 -18.94 4.68
C TRP A 209 23.86 -18.72 3.17
N GLY A 210 23.37 -17.57 2.71
CA GLY A 210 23.37 -17.30 1.28
C GLY A 210 24.77 -17.30 0.69
N ARG A 211 25.73 -16.66 1.37
CA ARG A 211 27.10 -16.69 0.88
C ARG A 211 27.66 -18.10 0.87
N PHE A 212 27.25 -18.94 1.85
CA PHE A 212 27.80 -20.29 1.99
C PHE A 212 27.26 -21.23 0.91
N THR A 213 25.95 -21.20 0.68
CA THR A 213 25.36 -22.09 -0.33
C THR A 213 25.66 -21.63 -1.77
N GLU A 214 26.16 -20.40 -1.96
CA GLU A 214 26.38 -19.88 -3.32
C GLU A 214 27.22 -20.83 -4.19
N ARG A 215 28.25 -21.45 -3.62
CA ARG A 215 29.14 -22.27 -4.45
C ARG A 215 28.41 -23.40 -5.16
N SER A 216 27.19 -23.73 -4.72
CA SER A 216 26.36 -24.66 -5.45
C SER A 216 25.22 -23.96 -6.19
N VAL A 217 24.38 -23.21 -5.48
CA VAL A 217 23.11 -22.77 -6.03
C VAL A 217 23.26 -21.61 -7.01
N ALA A 218 24.44 -21.00 -7.11
CA ALA A 218 24.65 -20.02 -8.17
C ALA A 218 24.85 -20.68 -9.54
N TYR A 219 25.15 -21.99 -9.55
CA TYR A 219 25.43 -22.71 -10.80
C TYR A 219 24.39 -23.76 -11.16
N GLN A 220 23.49 -24.09 -10.25
CA GLN A 220 22.42 -25.04 -10.56
C GLN A 220 21.24 -24.66 -9.68
N PRO A 221 20.02 -24.84 -10.17
CA PRO A 221 18.85 -24.45 -9.38
C PRO A 221 18.64 -25.38 -8.20
N TRP A 222 18.24 -24.78 -7.08
CA TRP A 222 17.67 -25.49 -5.96
C TRP A 222 16.17 -25.20 -5.94
N ILE A 223 15.35 -26.23 -5.74
CA ILE A 223 13.89 -26.08 -5.73
C ILE A 223 13.47 -25.99 -4.28
N TRP A 224 12.92 -24.84 -3.88
CA TRP A 224 12.73 -24.48 -2.47
C TRP A 224 11.42 -24.99 -1.90
N THR A 225 11.49 -25.66 -0.75
CA THR A 225 10.35 -26.01 0.09
C THR A 225 10.45 -25.23 1.40
N ALA A 226 9.31 -24.79 1.93
CA ALA A 226 9.31 -24.01 3.17
C ALA A 226 9.16 -24.95 4.37
N GLY A 227 10.12 -24.87 5.31
CA GLY A 227 10.07 -25.67 6.51
C GLY A 227 9.71 -24.83 7.73
N ASN A 228 9.74 -25.47 8.91
CA ASN A 228 9.24 -24.73 10.07
C ASN A 228 10.21 -23.65 10.52
N HIS A 229 11.50 -23.79 10.25
CA HIS A 229 12.41 -22.70 10.57
C HIS A 229 12.27 -21.51 9.64
N GLU A 230 11.49 -21.63 8.56
CA GLU A 230 11.18 -20.47 7.74
C GLU A 230 9.98 -19.66 8.25
N ILE A 231 9.13 -20.25 9.11
CA ILE A 231 7.91 -19.57 9.57
C ILE A 231 8.23 -18.21 10.18
N GLU A 232 9.18 -18.20 11.12
CA GLU A 232 9.64 -16.99 11.83
C GLU A 232 8.47 -16.13 12.27
N PHE A 233 7.53 -16.78 12.95
CA PHE A 233 6.40 -16.11 13.58
C PHE A 233 6.80 -15.76 15.02
N ALA A 234 7.08 -14.48 15.28
CA ALA A 234 7.61 -14.02 16.55
C ALA A 234 6.83 -12.80 17.01
N PRO A 235 5.59 -12.98 17.47
CA PRO A 235 4.77 -11.84 17.89
C PRO A 235 5.39 -11.04 19.03
N GLU A 236 6.21 -11.67 19.86
CA GLU A 236 6.84 -10.96 20.98
C GLU A 236 7.77 -9.84 20.51
N ILE A 237 8.23 -9.87 19.26
CA ILE A 237 9.01 -8.77 18.71
C ILE A 237 8.26 -8.18 17.52
N ASN A 238 6.93 -8.31 17.54
CA ASN A 238 6.04 -7.71 16.53
CA ASN A 238 6.05 -7.70 16.54
C ASN A 238 6.43 -8.11 15.11
N GLU A 239 6.85 -9.36 14.95
CA GLU A 239 7.10 -9.91 13.61
C GLU A 239 6.11 -11.04 13.39
N THR A 240 4.96 -10.71 12.80
CA THR A 240 3.84 -11.64 12.72
C THR A 240 3.49 -12.07 11.30
N GLU A 241 4.30 -11.75 10.29
CA GLU A 241 4.04 -12.18 8.92
C GLU A 241 4.78 -13.50 8.66
N PRO A 242 4.09 -14.63 8.57
CA PRO A 242 4.81 -15.91 8.43
C PRO A 242 5.64 -15.94 7.16
N PHE A 243 6.85 -16.48 7.29
CA PHE A 243 7.77 -16.77 6.19
C PHE A 243 8.41 -15.52 5.60
N LYS A 244 8.37 -14.38 6.29
CA LYS A 244 8.77 -13.12 5.66
C LYS A 244 10.22 -13.11 5.17
N PRO A 245 11.24 -13.34 6.02
CA PRO A 245 12.61 -13.30 5.48
C PRO A 245 12.81 -14.30 4.35
N PHE A 246 12.38 -15.54 4.55
CA PHE A 246 12.47 -16.53 3.50
C PHE A 246 11.83 -16.05 2.20
N SER A 247 10.61 -15.52 2.27
CA SER A 247 9.90 -15.16 1.04
C SER A 247 10.53 -13.97 0.32
N TYR A 248 11.20 -13.07 1.05
CA TYR A 248 11.89 -11.97 0.38
C TYR A 248 13.13 -12.45 -0.34
N ARG A 249 13.83 -13.44 0.24
CA ARG A 249 15.12 -13.88 -0.28
C ARG A 249 15.03 -14.98 -1.34
N TYR A 250 14.05 -15.87 -1.25
CA TYR A 250 13.95 -17.03 -2.14
C TYR A 250 12.61 -16.95 -2.88
N HIS A 251 12.64 -16.53 -4.13
CA HIS A 251 11.46 -16.49 -4.98
C HIS A 251 11.27 -17.82 -5.71
N VAL A 252 10.01 -18.14 -6.01
CA VAL A 252 9.67 -19.35 -6.77
C VAL A 252 8.71 -18.96 -7.87
N PRO A 253 8.66 -19.73 -8.96
CA PRO A 253 7.73 -19.40 -10.07
C PRO A 253 6.33 -19.95 -9.85
N TYR A 254 5.70 -19.53 -8.75
CA TYR A 254 4.43 -20.13 -8.35
C TYR A 254 3.27 -19.75 -9.28
N GLU A 255 3.26 -18.55 -9.89
CA GLU A 255 2.18 -18.23 -10.83
C GLU A 255 2.17 -19.13 -12.06
N ALA A 256 3.32 -19.74 -12.41
CA ALA A 256 3.40 -20.54 -13.63
C ALA A 256 2.57 -21.81 -13.55
N SER A 257 2.24 -22.29 -12.36
CA SER A 257 1.34 -23.41 -12.18
C SER A 257 -0.01 -22.97 -11.62
N GLN A 258 -0.33 -21.69 -11.76
CA GLN A 258 -1.59 -21.11 -11.34
C GLN A 258 -1.78 -21.17 -9.83
N SER A 259 -0.68 -21.34 -9.08
CA SER A 259 -0.77 -21.15 -7.65
C SER A 259 -0.89 -19.67 -7.33
N THR A 260 -1.57 -19.38 -6.22
CA THR A 260 -1.70 -18.03 -5.71
C THR A 260 -0.74 -17.75 -4.57
N SER A 261 0.17 -18.67 -4.27
CA SER A 261 1.07 -18.47 -3.14
C SER A 261 2.43 -19.08 -3.43
N PRO A 262 3.51 -18.41 -3.01
CA PRO A 262 4.85 -18.99 -3.21
C PRO A 262 5.09 -20.26 -2.42
N PHE A 263 4.24 -20.58 -1.46
CA PHE A 263 4.56 -21.69 -0.57
C PHE A 263 4.07 -23.03 -1.08
N TRP A 264 3.30 -23.05 -2.18
CA TRP A 264 3.01 -24.33 -2.84
C TRP A 264 2.95 -24.04 -4.32
N TYR A 265 3.51 -24.96 -5.12
CA TYR A 265 3.64 -24.72 -6.55
C TYR A 265 4.20 -25.95 -7.23
N SER A 266 4.27 -25.92 -8.55
CA SER A 266 4.72 -27.06 -9.33
C SER A 266 5.69 -26.60 -10.40
N ILE A 267 6.65 -27.47 -10.72
CA ILE A 267 7.52 -27.28 -11.88
C ILE A 267 7.67 -28.63 -12.56
N LYS A 268 7.97 -28.58 -13.85
CA LYS A 268 8.38 -29.74 -14.61
C LYS A 268 9.82 -29.55 -15.07
N ARG A 269 10.60 -30.63 -15.04
CA ARG A 269 12.01 -30.57 -15.39
C ARG A 269 12.40 -31.94 -15.95
N ALA A 270 12.90 -31.97 -17.18
CA ALA A 270 13.21 -33.23 -17.84
C ALA A 270 12.00 -34.16 -17.83
N SER A 271 12.12 -35.34 -17.22
CA SER A 271 11.02 -36.29 -17.19
C SER A 271 10.24 -36.24 -15.89
N ALA A 272 10.43 -35.20 -15.07
CA ALA A 272 9.82 -35.15 -13.74
C ALA A 272 8.79 -34.03 -13.65
N HIS A 273 7.69 -34.30 -12.94
CA HIS A 273 6.73 -33.30 -12.50
C HIS A 273 6.85 -33.19 -10.99
N ILE A 274 7.24 -32.01 -10.50
CA ILE A 274 7.56 -31.81 -9.08
C ILE A 274 6.52 -30.90 -8.46
N ILE A 275 5.89 -31.37 -7.39
CA ILE A 275 4.85 -30.65 -6.66
C ILE A 275 5.41 -30.30 -5.30
N VAL A 276 5.46 -29.00 -4.97
CA VAL A 276 6.01 -28.52 -3.71
C VAL A 276 4.83 -28.11 -2.84
N LEU A 277 4.75 -28.67 -1.63
CA LEU A 277 3.67 -28.41 -0.69
C LEU A 277 4.18 -27.64 0.53
N SER A 278 3.25 -27.03 1.26
CA SER A 278 3.58 -26.24 2.45
C SER A 278 2.92 -26.85 3.69
N SER A 279 3.75 -27.47 4.55
CA SER A 279 3.24 -28.10 5.77
C SER A 279 2.66 -27.08 6.75
N TYR A 280 3.13 -25.83 6.73
CA TYR A 280 2.72 -24.82 7.71
C TYR A 280 1.79 -23.78 7.10
N SER A 281 1.14 -24.12 5.98
CA SER A 281 0.01 -23.35 5.46
C SER A 281 -1.28 -24.16 5.64
N ALA A 282 -2.41 -23.49 5.40
CA ALA A 282 -3.68 -24.19 5.50
C ALA A 282 -3.79 -25.24 4.39
N TYR A 283 -4.40 -26.37 4.72
CA TYR A 283 -4.71 -27.36 3.69
C TYR A 283 -6.06 -28.02 3.96
N GLY A 284 -6.91 -27.36 4.73
CA GLY A 284 -8.26 -27.83 4.89
C GLY A 284 -9.03 -27.78 3.58
N ARG A 285 -10.10 -28.57 3.54
CA ARG A 285 -10.90 -28.65 2.32
C ARG A 285 -11.44 -27.27 1.98
N GLY A 286 -11.26 -26.86 0.72
CA GLY A 286 -11.68 -25.55 0.30
C GLY A 286 -10.62 -24.46 0.39
N THR A 287 -9.49 -24.71 1.05
CA THR A 287 -8.45 -23.68 1.18
C THR A 287 -7.69 -23.53 -0.14
N PRO A 288 -7.02 -22.38 -0.34
CA PRO A 288 -6.19 -22.24 -1.55
C PRO A 288 -5.24 -23.41 -1.83
N GLN A 289 -4.48 -23.90 -0.84
CA GLN A 289 -3.53 -24.96 -1.12
C GLN A 289 -4.25 -26.26 -1.50
N TYR A 290 -5.27 -26.62 -0.73
CA TYR A 290 -6.01 -27.84 -1.00
C TYR A 290 -6.67 -27.79 -2.38
N THR A 291 -7.28 -26.66 -2.71
CA THR A 291 -7.89 -26.47 -4.03
C THR A 291 -6.84 -26.56 -5.14
N TRP A 292 -5.70 -25.90 -4.94
CA TRP A 292 -4.66 -25.91 -5.96
C TRP A 292 -4.12 -27.33 -6.19
N LEU A 293 -3.94 -28.11 -5.12
CA LEU A 293 -3.33 -29.44 -5.26
C LEU A 293 -4.28 -30.41 -5.94
N LYS A 294 -5.56 -30.36 -5.59
CA LYS A 294 -6.55 -31.21 -6.24
C LYS A 294 -6.57 -30.97 -7.75
N LYS A 295 -6.53 -29.70 -8.15
CA LYS A 295 -6.51 -29.35 -9.56
C LYS A 295 -5.18 -29.75 -10.21
N GLU A 296 -4.06 -29.52 -9.51
CA GLU A 296 -2.75 -29.83 -10.09
C GLU A 296 -2.56 -31.34 -10.31
N LEU A 297 -3.11 -32.17 -9.41
CA LEU A 297 -2.95 -33.61 -9.64
C LEU A 297 -3.69 -34.06 -10.88
N ARG A 298 -4.83 -33.44 -11.20
CA ARG A 298 -5.55 -33.74 -12.44
C ARG A 298 -4.89 -33.17 -13.69
N LYS A 299 -4.04 -32.15 -13.56
CA LYS A 299 -3.30 -31.69 -14.74
C LYS A 299 -2.07 -32.54 -15.06
N VAL A 300 -1.62 -33.40 -14.12
CA VAL A 300 -0.42 -34.21 -14.38
C VAL A 300 -0.65 -35.10 -15.58
N LYS A 301 0.30 -35.09 -16.51
CA LYS A 301 0.28 -35.98 -17.66
C LYS A 301 1.52 -36.87 -17.59
N ARG A 302 1.35 -38.11 -17.13
CA ARG A 302 2.47 -39.03 -17.02
C ARG A 302 2.98 -39.48 -18.39
N SER A 303 2.23 -39.21 -19.46
CA SER A 303 2.74 -39.42 -20.81
C SER A 303 3.73 -38.36 -21.25
N GLU A 304 3.86 -37.26 -20.50
CA GLU A 304 4.86 -36.23 -20.74
C GLU A 304 5.95 -36.21 -19.69
N THR A 305 5.57 -36.24 -18.42
CA THR A 305 6.53 -36.33 -17.31
C THR A 305 6.18 -37.56 -16.48
N PRO A 306 6.85 -38.69 -16.71
CA PRO A 306 6.45 -39.91 -16.00
C PRO A 306 6.78 -39.93 -14.53
N TRP A 307 7.74 -39.14 -14.04
CA TRP A 307 8.14 -39.21 -12.64
C TRP A 307 7.39 -38.11 -11.86
N LEU A 308 6.51 -38.53 -10.94
CA LEU A 308 5.71 -37.61 -10.13
C LEU A 308 6.29 -37.58 -8.72
N ILE A 309 6.81 -36.41 -8.33
CA ILE A 309 7.57 -36.23 -7.10
C ILE A 309 6.90 -35.15 -6.27
N VAL A 310 6.69 -35.42 -4.99
CA VAL A 310 6.13 -34.44 -4.07
C VAL A 310 7.19 -34.08 -3.06
N LEU A 311 7.40 -32.78 -2.85
CA LEU A 311 8.22 -32.27 -1.75
C LEU A 311 7.32 -31.68 -0.67
N MET A 312 7.62 -32.01 0.58
CA MET A 312 7.00 -31.32 1.71
C MET A 312 8.01 -31.34 2.83
N HIS A 313 7.85 -30.44 3.81
CA HIS A 313 8.84 -30.44 4.87
C HIS A 313 8.60 -31.56 5.87
N SER A 314 7.36 -31.69 6.38
CA SER A 314 7.09 -32.60 7.49
C SER A 314 6.66 -33.97 6.98
N PRO A 315 7.34 -35.06 7.36
CA PRO A 315 7.06 -36.37 6.74
C PRO A 315 5.75 -37.00 7.20
N LEU A 316 5.03 -37.62 6.24
CA LEU A 316 3.81 -38.36 6.56
C LEU A 316 4.11 -39.71 7.20
N TYR A 317 5.23 -40.34 6.84
CA TYR A 317 5.67 -41.58 7.47
C TYR A 317 7.02 -41.32 8.14
N ASN A 318 7.12 -41.64 9.42
CA ASN A 318 8.26 -41.26 10.24
C ASN A 318 8.24 -42.10 11.50
N SER A 319 9.26 -42.94 11.70
CA SER A 319 9.31 -43.81 12.86
C SER A 319 10.36 -43.37 13.87
N TYR A 320 10.86 -42.14 13.77
CA TYR A 320 11.74 -41.56 14.77
C TYR A 320 10.93 -40.89 15.88
N ASN A 321 11.55 -40.79 17.05
CA ASN A 321 10.90 -40.12 18.19
C ASN A 321 10.68 -38.63 17.91
N HIS A 322 11.71 -37.94 17.44
CA HIS A 322 11.60 -36.51 17.17
CA HIS A 322 11.60 -36.51 17.17
C HIS A 322 10.53 -36.26 16.11
N HIS A 323 9.54 -35.43 16.46
CA HIS A 323 8.44 -35.05 15.56
C HIS A 323 7.55 -36.25 15.18
N PHE A 324 7.56 -37.31 15.99
CA PHE A 324 6.67 -38.43 15.75
C PHE A 324 5.22 -37.95 15.59
N MET A 325 4.61 -38.35 14.47
CA MET A 325 3.20 -38.15 14.14
C MET A 325 2.83 -36.70 13.81
N GLU A 326 3.79 -35.79 13.68
CA GLU A 326 3.42 -34.42 13.28
C GLU A 326 2.79 -34.39 11.89
N GLY A 327 3.18 -35.31 11.01
CA GLY A 327 2.62 -35.36 9.69
C GLY A 327 1.24 -35.94 9.59
N GLU A 328 0.63 -36.36 10.71
CA GLU A 328 -0.65 -37.06 10.63
C GLU A 328 -1.73 -36.17 10.02
N ALA A 329 -1.74 -34.89 10.38
CA ALA A 329 -2.77 -33.98 9.86
C ALA A 329 -2.76 -33.93 8.33
N MET A 330 -1.60 -33.66 7.72
CA MET A 330 -1.60 -33.57 6.27
C MET A 330 -1.85 -34.95 5.65
N ARG A 331 -1.45 -36.01 6.34
CA ARG A 331 -1.69 -37.35 5.81
C ARG A 331 -3.17 -37.62 5.63
N THR A 332 -3.98 -37.27 6.64
CA THR A 332 -5.43 -37.49 6.52
C THR A 332 -6.00 -36.75 5.33
N LYS A 333 -5.37 -35.64 4.91
CA LYS A 333 -5.88 -34.88 3.77
C LYS A 333 -5.39 -35.43 2.43
N PHE A 334 -4.11 -35.74 2.30
CA PHE A 334 -3.51 -35.91 0.99
C PHE A 334 -3.06 -37.32 0.68
N GLU A 335 -2.90 -38.19 1.67
CA GLU A 335 -2.33 -39.51 1.40
C GLU A 335 -3.15 -40.28 0.36
N ALA A 336 -4.48 -40.24 0.47
CA ALA A 336 -5.31 -40.96 -0.50
C ALA A 336 -5.15 -40.40 -1.90
N TRP A 337 -4.91 -39.10 -2.01
CA TRP A 337 -4.66 -38.52 -3.33
C TRP A 337 -3.35 -39.03 -3.92
N PHE A 338 -2.30 -39.14 -3.09
CA PHE A 338 -1.03 -39.65 -3.58
C PHE A 338 -1.18 -41.08 -4.08
N VAL A 339 -2.03 -41.87 -3.44
CA VAL A 339 -2.27 -43.24 -3.88
C VAL A 339 -3.06 -43.23 -5.19
N LYS A 340 -4.12 -42.42 -5.25
CA LYS A 340 -4.97 -42.38 -6.45
C LYS A 340 -4.19 -41.97 -7.68
N TYR A 341 -3.24 -41.05 -7.53
CA TYR A 341 -2.48 -40.53 -8.66
C TYR A 341 -1.13 -41.23 -8.82
N LYS A 342 -0.86 -42.26 -8.01
CA LYS A 342 0.35 -43.05 -8.13
C LYS A 342 1.59 -42.17 -8.13
N VAL A 343 1.69 -41.34 -7.09
CA VAL A 343 2.93 -40.59 -6.87
C VAL A 343 4.06 -41.60 -6.73
N ASP A 344 5.19 -41.31 -7.39
CA ASP A 344 6.32 -42.22 -7.31
C ASP A 344 7.04 -42.11 -5.97
N VAL A 345 7.27 -40.89 -5.50
CA VAL A 345 8.08 -40.72 -4.30
C VAL A 345 7.69 -39.40 -3.61
N VAL A 346 7.72 -39.42 -2.28
CA VAL A 346 7.49 -38.23 -1.48
C VAL A 346 8.75 -37.99 -0.65
N PHE A 347 9.36 -36.82 -0.81
CA PHE A 347 10.55 -36.46 -0.07
C PHE A 347 10.18 -35.46 1.01
N ALA A 348 10.73 -35.65 2.21
CA ALA A 348 10.49 -34.72 3.31
C ALA A 348 11.76 -34.57 4.13
N GLY A 349 11.78 -33.56 4.98
CA GLY A 349 12.89 -33.38 5.91
C GLY A 349 12.43 -33.36 7.36
N HIS A 350 12.77 -32.29 8.08
CA HIS A 350 12.25 -31.98 9.42
C HIS A 350 12.83 -32.92 10.49
N VAL A 351 12.75 -34.23 10.31
CA VAL A 351 13.48 -35.17 11.16
C VAL A 351 14.95 -35.16 10.73
N HIS A 352 15.86 -34.99 11.70
CA HIS A 352 17.29 -34.88 11.38
C HIS A 352 17.94 -36.28 11.34
N ALA A 353 17.60 -37.00 10.27
CA ALA A 353 18.04 -38.37 10.06
C ALA A 353 17.54 -38.83 8.69
N TYR A 354 17.78 -40.10 8.34
CA TYR A 354 17.36 -40.65 7.06
C TYR A 354 16.40 -41.82 7.29
N GLU A 355 15.36 -41.91 6.46
CA GLU A 355 14.43 -43.03 6.51
C GLU A 355 13.84 -43.26 5.12
N ARG A 356 13.64 -44.52 4.76
CA ARG A 356 12.98 -44.88 3.51
C ARG A 356 11.85 -45.86 3.84
N SER A 357 10.62 -45.48 3.54
CA SER A 357 9.52 -46.37 3.86
C SER A 357 9.42 -47.45 2.80
N GLU A 358 8.63 -48.48 3.10
CA GLU A 358 8.06 -49.31 2.05
C GLU A 358 6.97 -48.54 1.32
N ARG A 359 6.46 -49.13 0.22
CA ARG A 359 5.24 -48.63 -0.42
C ARG A 359 4.06 -49.04 0.44
N VAL A 360 3.51 -48.10 1.20
CA VAL A 360 2.44 -48.41 2.14
C VAL A 360 1.34 -47.36 2.03
N SER A 361 0.19 -47.71 2.59
CA SER A 361 -0.93 -46.77 2.68
C SER A 361 -1.70 -47.09 3.95
N ASN A 362 -2.39 -46.07 4.46
CA ASN A 362 -3.15 -46.16 5.70
C ASN A 362 -4.43 -45.35 5.48
N ILE A 363 -5.19 -45.74 4.45
CA ILE A 363 -6.30 -44.95 3.94
C ILE A 363 -7.62 -45.69 4.05
N ALA A 364 -7.69 -46.75 4.86
CA ALA A 364 -8.91 -47.54 5.03
C ALA A 364 -9.67 -47.18 6.30
N TYR A 365 -9.19 -46.20 7.06
CA TYR A 365 -9.72 -45.91 8.39
C TYR A 365 -11.04 -45.14 8.32
N LYS A 366 -12.01 -45.56 9.14
CA LYS A 366 -13.34 -44.93 9.18
C LYS A 366 -13.84 -44.71 10.61
N ILE A 367 -12.93 -44.30 11.50
CA ILE A 367 -13.22 -43.96 12.91
C ILE A 367 -13.51 -45.20 13.73
N THR A 368 -14.54 -45.97 13.34
CA THR A 368 -15.03 -47.08 14.16
C THR A 368 -14.68 -48.46 13.64
N ASN A 369 -14.01 -48.58 12.49
CA ASN A 369 -13.75 -49.89 11.90
C ASN A 369 -12.38 -50.44 12.28
N GLY A 370 -11.61 -49.75 13.10
CA GLY A 370 -10.36 -50.32 13.58
C GLY A 370 -9.26 -50.50 12.56
N LEU A 371 -9.44 -50.03 11.31
CA LEU A 371 -8.43 -50.22 10.26
C LEU A 371 -7.45 -49.04 10.26
N CYS A 372 -6.49 -49.07 11.18
CA CYS A 372 -5.53 -47.98 11.34
C CYS A 372 -4.09 -48.45 11.20
N THR A 373 -3.88 -49.63 10.65
CA THR A 373 -2.52 -50.15 10.48
C THR A 373 -2.07 -49.93 9.04
N PRO A 374 -0.91 -49.33 8.79
CA PRO A 374 -0.44 -49.21 7.40
C PRO A 374 -0.20 -50.60 6.80
N VAL A 375 -0.62 -50.76 5.55
CA VAL A 375 -0.45 -52.01 4.80
C VAL A 375 0.37 -51.73 3.54
N LYS A 376 1.00 -52.79 3.01
CA LYS A 376 1.72 -52.66 1.75
C LYS A 376 0.74 -52.31 0.63
N ASP A 377 1.16 -51.39 -0.22
CA ASP A 377 0.26 -50.85 -1.25
C ASP A 377 1.17 -50.41 -2.41
N GLN A 378 1.31 -51.30 -3.40
CA GLN A 378 2.17 -51.05 -4.55
C GLN A 378 1.71 -49.84 -5.36
N SER A 379 0.51 -49.32 -5.11
CA SER A 379 0.08 -48.11 -5.79
C SER A 379 0.54 -46.83 -5.09
N ALA A 380 1.19 -46.94 -3.92
CA ALA A 380 1.52 -45.79 -3.10
C ALA A 380 2.95 -45.33 -3.39
N PRO A 381 3.30 -44.10 -3.04
CA PRO A 381 4.69 -43.66 -3.15
C PRO A 381 5.55 -44.32 -2.10
N VAL A 382 6.85 -44.28 -2.34
CA VAL A 382 7.83 -44.43 -1.28
C VAL A 382 7.94 -43.09 -0.57
N TYR A 383 8.01 -43.13 0.76
CA TYR A 383 8.20 -41.94 1.59
C TYR A 383 9.66 -41.95 2.07
N ILE A 384 10.39 -40.88 1.76
CA ILE A 384 11.78 -40.76 2.17
C ILE A 384 11.94 -39.50 3.01
N THR A 385 12.43 -39.67 4.23
CA THR A 385 12.88 -38.58 5.07
C THR A 385 14.36 -38.34 4.80
N ILE A 386 14.72 -37.11 4.45
CA ILE A 386 16.12 -36.82 4.13
C ILE A 386 16.52 -35.48 4.74
N GLY A 387 16.10 -35.25 5.99
CA GLY A 387 16.44 -34.02 6.70
C GLY A 387 17.76 -34.06 7.46
N ASP A 388 18.77 -34.75 6.92
CA ASP A 388 19.99 -35.04 7.66
C ASP A 388 21.23 -34.34 7.09
N ALA A 389 21.07 -33.18 6.46
CA ALA A 389 22.23 -32.53 5.85
C ALA A 389 23.09 -31.74 6.83
N GLY A 390 22.62 -31.51 8.06
CA GLY A 390 23.50 -30.90 9.02
C GLY A 390 22.85 -30.06 10.11
N ASN A 391 21.83 -29.30 9.75
CA ASN A 391 21.17 -28.34 10.63
C ASN A 391 22.23 -27.60 11.45
N TYR A 392 22.10 -27.59 12.78
CA TYR A 392 23.07 -26.93 13.64
C TYR A 392 23.94 -27.94 14.37
N GLY A 393 24.06 -29.14 13.79
CA GLY A 393 24.99 -30.13 14.26
C GLY A 393 24.40 -31.29 15.03
N VAL A 394 23.08 -31.44 15.09
CA VAL A 394 22.44 -32.45 15.93
C VAL A 394 21.73 -33.48 15.07
N ILE A 395 22.02 -34.74 15.32
CA ILE A 395 21.35 -35.86 14.66
C ILE A 395 20.24 -36.37 15.56
N ASP A 396 19.20 -36.95 14.97
CA ASP A 396 18.09 -37.53 15.74
C ASP A 396 18.28 -39.04 15.77
N SER A 397 18.73 -39.56 16.90
CA SER A 397 19.11 -40.97 16.94
C SER A 397 18.12 -41.86 17.67
N ASN A 398 17.13 -41.29 18.36
CA ASN A 398 16.16 -42.11 19.08
C ASN A 398 15.08 -42.59 18.10
N MET A 399 15.11 -43.87 17.77
CA MET A 399 14.10 -44.46 16.91
C MET A 399 13.13 -45.28 17.74
N ILE A 400 11.88 -45.27 17.32
CA ILE A 400 10.90 -46.17 17.93
C ILE A 400 11.24 -47.60 17.53
N GLN A 401 11.38 -48.50 18.54
CA GLN A 401 11.80 -49.90 18.40
C GLN A 401 10.65 -50.84 18.70
N PRO A 402 10.48 -51.91 17.91
CA PRO A 402 11.33 -52.30 16.79
C PRO A 402 10.97 -51.53 15.53
N GLN A 403 11.82 -51.56 14.49
CA GLN A 403 11.49 -50.93 13.21
C GLN A 403 10.12 -51.41 12.74
N PRO A 404 9.19 -50.50 12.49
CA PRO A 404 7.85 -50.92 12.03
C PRO A 404 7.91 -51.51 10.62
N GLU A 405 6.85 -52.26 10.30
CA GLU A 405 6.77 -52.90 8.99
C GLU A 405 6.78 -51.89 7.86
N TYR A 406 6.23 -50.69 8.08
CA TYR A 406 6.19 -49.73 6.98
C TYR A 406 7.56 -49.13 6.66
N SER A 407 8.55 -49.31 7.55
CA SER A 407 9.86 -48.69 7.40
C SER A 407 10.84 -49.68 6.78
N ALA A 408 11.38 -49.34 5.61
CA ALA A 408 12.30 -50.26 4.95
C ALA A 408 13.72 -50.11 5.48
N PHE A 409 14.17 -48.87 5.68
CA PHE A 409 15.54 -48.61 6.08
C PHE A 409 15.54 -47.27 6.80
N ARG A 410 16.29 -47.18 7.89
CA ARG A 410 16.46 -45.91 8.56
C ARG A 410 17.85 -45.89 9.17
N GLU A 411 18.42 -44.69 9.26
CA GLU A 411 19.71 -44.54 9.92
C GLU A 411 19.88 -43.09 10.34
N ALA A 412 20.42 -42.89 11.54
CA ALA A 412 20.70 -41.58 12.09
C ALA A 412 22.14 -41.19 11.75
N SER A 413 22.33 -40.76 10.50
CA SER A 413 23.62 -40.24 10.06
C SER A 413 23.39 -39.01 9.19
N PHE A 414 24.37 -38.12 9.19
CA PHE A 414 24.34 -36.98 8.28
C PHE A 414 24.62 -37.46 6.86
N GLY A 415 23.90 -36.87 5.90
CA GLY A 415 24.18 -37.16 4.51
C GLY A 415 23.20 -36.47 3.60
N HIS A 416 23.18 -36.92 2.35
CA HIS A 416 22.27 -36.37 1.34
C HIS A 416 21.86 -37.50 0.41
N GLY A 417 20.85 -37.23 -0.41
CA GLY A 417 20.33 -38.20 -1.33
C GLY A 417 20.54 -37.81 -2.79
N MET A 418 20.32 -38.77 -3.68
CA MET A 418 20.40 -38.57 -5.12
C MET A 418 19.31 -39.39 -5.79
N PHE A 419 18.49 -38.75 -6.62
CA PHE A 419 17.41 -39.43 -7.32
C PHE A 419 17.70 -39.34 -8.82
N ASP A 420 18.13 -40.47 -9.40
CA ASP A 420 18.79 -40.49 -10.69
C ASP A 420 17.87 -41.18 -11.71
N ILE A 421 17.18 -40.38 -12.51
CA ILE A 421 16.22 -40.90 -13.48
C ILE A 421 16.97 -41.39 -14.71
N LYS A 422 16.70 -42.64 -15.10
CA LYS A 422 17.28 -43.22 -16.31
C LYS A 422 16.34 -43.11 -17.51
N ASN A 423 15.04 -43.31 -17.30
CA ASN A 423 14.06 -43.32 -18.37
C ASN A 423 12.68 -43.49 -17.73
N ARG A 424 11.63 -43.67 -18.53
CA ARG A 424 10.28 -43.64 -17.98
C ARG A 424 10.01 -44.76 -16.99
N THR A 425 10.78 -45.86 -17.00
CA THR A 425 10.51 -46.97 -16.09
C THR A 425 11.44 -47.02 -14.88
N HIS A 426 12.66 -46.50 -14.98
CA HIS A 426 13.68 -46.73 -13.96
C HIS A 426 14.26 -45.43 -13.45
N ALA A 427 14.36 -45.33 -12.12
CA ALA A 427 15.10 -44.28 -11.44
C ALA A 427 15.86 -44.92 -10.30
N HIS A 428 17.08 -44.46 -10.04
CA HIS A 428 17.90 -45.05 -8.98
C HIS A 428 18.10 -44.04 -7.87
N PHE A 429 17.65 -44.39 -6.67
CA PHE A 429 17.86 -43.53 -5.51
C PHE A 429 19.01 -44.06 -4.67
N SER A 430 19.87 -43.14 -4.21
CA SER A 430 20.97 -43.53 -3.35
C SER A 430 21.14 -42.50 -2.24
N TRP A 431 21.68 -42.96 -1.12
CA TRP A 431 21.92 -42.14 0.06
C TRP A 431 23.41 -42.23 0.38
N ASN A 432 24.05 -41.09 0.56
CA ASN A 432 25.48 -41.02 0.87
C ASN A 432 25.66 -40.43 2.26
N ARG A 433 26.48 -41.09 3.08
CA ARG A 433 26.76 -40.67 4.45
C ARG A 433 28.02 -39.82 4.51
N ASN A 434 28.00 -38.82 5.38
CA ASN A 434 29.14 -37.94 5.53
C ASN A 434 30.39 -38.69 6.01
N GLN A 435 30.22 -39.75 6.80
CA GLN A 435 31.37 -40.52 7.29
C GLN A 435 31.92 -41.51 6.25
N ASP A 436 31.27 -41.69 5.11
CA ASP A 436 31.77 -42.56 4.05
C ASP A 436 32.52 -41.74 2.98
N GLY A 437 33.18 -42.44 2.07
CA GLY A 437 33.73 -41.77 0.90
C GLY A 437 32.62 -41.15 0.04
N VAL A 438 33.00 -40.17 -0.79
CA VAL A 438 32.00 -39.46 -1.59
C VAL A 438 31.35 -40.37 -2.64
N ALA A 439 32.00 -41.46 -3.03
CA ALA A 439 31.44 -42.35 -4.03
C ALA A 439 30.76 -43.58 -3.43
N VAL A 440 30.63 -43.64 -2.11
CA VAL A 440 30.07 -44.80 -1.41
C VAL A 440 28.59 -44.52 -1.10
N GLU A 441 27.71 -45.44 -1.51
CA GLU A 441 26.28 -45.38 -1.21
C GLU A 441 25.96 -46.35 -0.07
N ALA A 442 25.51 -45.81 1.07
CA ALA A 442 25.13 -46.66 2.20
C ALA A 442 23.73 -47.24 2.08
N ASP A 443 22.85 -46.60 1.31
CA ASP A 443 21.55 -47.17 0.96
C ASP A 443 21.29 -46.80 -0.49
N SER A 444 20.58 -47.67 -1.18
CA SER A 444 20.25 -47.44 -2.58
C SER A 444 19.17 -48.42 -2.98
N VAL A 445 18.34 -48.00 -3.94
CA VAL A 445 17.21 -48.81 -4.35
C VAL A 445 16.78 -48.31 -5.72
N TRP A 446 16.28 -49.23 -6.54
CA TRP A 446 15.71 -48.92 -7.85
C TRP A 446 14.23 -48.63 -7.70
N PHE A 447 13.81 -47.46 -8.18
CA PHE A 447 12.41 -47.11 -8.30
C PHE A 447 11.89 -47.62 -9.64
N PHE A 448 10.85 -48.43 -9.60
CA PHE A 448 10.13 -48.77 -10.84
C PHE A 448 8.90 -47.88 -10.91
N ASN A 449 8.76 -47.15 -12.01
CA ASN A 449 7.73 -46.13 -12.14
C ASN A 449 6.33 -46.68 -11.90
N ARG A 450 5.54 -45.98 -11.08
CA ARG A 450 4.21 -46.46 -10.73
C ARG A 450 3.25 -46.42 -11.91
N HIS A 451 3.50 -45.54 -12.88
CA HIS A 451 2.57 -45.41 -13.98
C HIS A 451 2.96 -46.34 -15.13
N TRP A 452 4.25 -46.35 -15.48
CA TRP A 452 4.77 -47.04 -16.65
C TRP A 452 5.32 -48.44 -16.38
N TYR A 453 5.59 -48.78 -15.14
CA TYR A 453 6.23 -50.08 -14.87
C TYR A 453 6.03 -50.47 -13.42
N PRO A 454 4.79 -50.77 -13.01
CA PRO A 454 4.44 -50.96 -11.59
C PRO A 454 4.74 -52.37 -11.04
N VAL A 455 5.96 -52.83 -11.24
CA VAL A 455 6.36 -54.11 -10.70
C VAL A 455 6.89 -53.90 -9.28
N ASP A 456 6.81 -54.96 -8.48
CA ASP A 456 7.18 -54.87 -7.07
C ASP A 456 8.65 -54.54 -6.85
N ASP A 457 8.94 -53.33 -6.34
CA ASP A 457 10.32 -52.88 -6.10
C ASP A 457 10.69 -52.85 -4.62
N SER A 458 10.01 -53.67 -3.80
CA SER A 458 10.29 -53.69 -2.37
C SER A 458 11.60 -54.42 -2.09
N ASN B 35 -27.19 26.35 -19.08
CA ASN B 35 -26.83 24.94 -19.16
C ASN B 35 -26.98 24.40 -20.58
N ARG B 36 -25.88 24.39 -21.32
CA ARG B 36 -25.88 23.93 -22.69
C ARG B 36 -25.17 22.58 -22.85
N ASP B 37 -24.98 21.85 -21.75
CA ASP B 37 -24.39 20.53 -21.84
C ASP B 37 -25.34 19.57 -22.53
N MET B 38 -24.80 18.73 -23.41
CA MET B 38 -25.63 17.76 -24.11
C MET B 38 -26.26 16.80 -23.11
N PRO B 39 -27.56 16.51 -23.25
CA PRO B 39 -28.20 15.58 -22.31
C PRO B 39 -27.69 14.15 -22.46
N LEU B 40 -27.92 13.36 -21.41
CA LEU B 40 -27.33 12.02 -21.33
C LEU B 40 -27.80 11.10 -22.45
N ASP B 41 -28.99 11.33 -23.00
CA ASP B 41 -29.46 10.44 -24.05
C ASP B 41 -29.03 10.87 -25.45
N SER B 42 -28.09 11.81 -25.56
CA SER B 42 -27.61 12.25 -26.86
C SER B 42 -26.91 11.11 -27.60
N ASP B 43 -26.98 11.18 -28.94
CA ASP B 43 -26.36 10.14 -29.76
C ASP B 43 -24.86 10.04 -29.49
N VAL B 44 -24.20 11.15 -29.20
CA VAL B 44 -22.75 11.15 -28.96
C VAL B 44 -22.38 10.31 -27.73
N PHE B 45 -23.34 10.09 -26.82
CA PHE B 45 -23.10 9.38 -25.56
C PHE B 45 -23.53 7.91 -25.59
N ARG B 46 -23.92 7.38 -26.74
CA ARG B 46 -24.46 6.03 -26.81
C ARG B 46 -23.42 5.00 -26.39
N VAL B 47 -23.90 3.93 -25.76
CA VAL B 47 -23.06 2.85 -25.27
C VAL B 47 -22.87 1.86 -26.40
N PRO B 48 -21.64 1.46 -26.71
CA PRO B 48 -21.41 0.42 -27.72
C PRO B 48 -22.08 -0.89 -27.29
N PRO B 49 -22.84 -1.51 -28.19
CA PRO B 49 -23.64 -2.68 -27.82
C PRO B 49 -22.79 -3.93 -27.65
N GLY B 50 -23.38 -4.89 -26.94
CA GLY B 50 -22.76 -6.18 -26.68
C GLY B 50 -22.21 -6.26 -25.26
N TYR B 51 -22.19 -7.47 -24.72
CA TYR B 51 -21.82 -7.65 -23.32
C TYR B 51 -20.36 -7.24 -23.09
N ASN B 52 -20.17 -6.35 -22.11
CA ASN B 52 -18.84 -5.85 -21.73
C ASN B 52 -18.06 -5.28 -22.92
N ALA B 53 -18.77 -4.60 -23.80
CA ALA B 53 -18.13 -3.97 -24.94
C ALA B 53 -17.24 -2.83 -24.48
N PRO B 54 -15.98 -2.77 -24.93
CA PRO B 54 -15.15 -1.59 -24.64
C PRO B 54 -15.83 -0.30 -25.07
N GLN B 55 -15.69 0.72 -24.24
CA GLN B 55 -16.15 2.07 -24.57
C GLN B 55 -15.08 3.04 -24.14
N GLN B 56 -15.26 4.33 -24.50
CA GLN B 56 -14.28 5.37 -24.15
C GLN B 56 -12.88 4.97 -24.63
N VAL B 57 -12.79 4.41 -25.82
CA VAL B 57 -11.49 4.03 -26.36
C VAL B 57 -10.73 5.31 -26.72
N HIS B 58 -9.46 5.36 -26.35
CA HIS B 58 -8.64 6.52 -26.69
C HIS B 58 -7.18 6.10 -26.74
N ILE B 59 -6.41 6.74 -27.62
CA ILE B 59 -5.00 6.41 -27.79
C ILE B 59 -4.17 7.68 -27.62
N THR B 60 -2.91 7.49 -27.24
CA THR B 60 -1.95 8.58 -27.28
C THR B 60 -0.58 7.98 -27.54
N GLN B 61 0.38 8.83 -27.89
CA GLN B 61 1.74 8.35 -28.13
C GLN B 61 2.28 7.67 -26.88
N GLY B 62 2.94 6.52 -27.08
CA GLY B 62 3.37 5.70 -25.95
C GLY B 62 4.87 5.69 -25.67
N ASP B 63 5.64 6.44 -26.43
CA ASP B 63 7.09 6.47 -26.29
C ASP B 63 7.58 7.85 -26.67
N LEU B 64 8.91 8.02 -26.67
CA LEU B 64 9.48 9.33 -26.94
C LEU B 64 9.39 9.72 -28.41
N VAL B 65 9.45 8.77 -29.34
CA VAL B 65 9.67 9.11 -30.74
C VAL B 65 8.54 8.69 -31.68
N GLY B 66 7.52 7.97 -31.22
CA GLY B 66 6.38 7.65 -32.06
C GLY B 66 6.24 6.19 -32.47
N ARG B 67 7.13 5.31 -32.02
CA ARG B 67 7.06 3.89 -32.29
C ARG B 67 6.07 3.16 -31.40
N ALA B 68 5.44 3.84 -30.45
CA ALA B 68 4.59 3.17 -29.49
C ALA B 68 3.29 3.95 -29.32
N MET B 69 2.28 3.24 -28.85
CA MET B 69 0.94 3.79 -28.67
C MET B 69 0.34 3.25 -27.39
N ILE B 70 -0.16 4.14 -26.53
CA ILE B 70 -0.94 3.72 -25.37
C ILE B 70 -2.40 3.58 -25.80
N ILE B 71 -2.95 2.38 -25.66
CA ILE B 71 -4.36 2.12 -25.93
C ILE B 71 -5.10 2.07 -24.61
N SER B 72 -6.18 2.85 -24.51
CA SER B 72 -6.94 2.97 -23.27
C SER B 72 -8.42 2.76 -23.55
N TRP B 73 -9.13 2.15 -22.60
CA TRP B 73 -10.58 1.95 -22.74
C TRP B 73 -11.14 1.51 -21.39
N VAL B 74 -12.47 1.53 -21.29
CA VAL B 74 -13.21 1.12 -20.09
C VAL B 74 -14.16 -0.02 -20.43
N THR B 75 -14.27 -1.01 -19.53
CA THR B 75 -15.37 -1.96 -19.60
C THR B 75 -16.24 -1.80 -18.38
N MET B 76 -17.56 -1.88 -18.58
CA MET B 76 -18.52 -1.54 -17.54
C MET B 76 -19.15 -2.76 -16.87
N ASP B 77 -19.24 -3.89 -17.56
CA ASP B 77 -19.93 -5.05 -16.99
C ASP B 77 -19.03 -5.93 -16.15
N GLU B 78 -17.75 -6.05 -16.47
CA GLU B 78 -16.82 -6.84 -15.67
C GLU B 78 -15.41 -6.48 -16.08
N PRO B 79 -14.39 -6.89 -15.31
CA PRO B 79 -13.01 -6.50 -15.63
C PRO B 79 -12.58 -6.71 -17.07
N GLY B 80 -12.78 -7.90 -17.63
CA GLY B 80 -12.33 -8.19 -18.98
C GLY B 80 -10.83 -8.28 -19.12
N SER B 81 -10.40 -8.45 -20.36
CA SER B 81 -8.99 -8.61 -20.68
C SER B 81 -8.37 -7.26 -21.05
N SER B 82 -7.14 -7.04 -20.61
CA SER B 82 -6.39 -5.86 -21.03
C SER B 82 -5.54 -6.10 -22.28
N ALA B 83 -5.75 -7.23 -22.96
CA ALA B 83 -4.97 -7.56 -24.15
C ALA B 83 -5.45 -6.77 -25.35
N VAL B 84 -4.50 -6.36 -26.19
CA VAL B 84 -4.77 -5.63 -27.42
C VAL B 84 -4.18 -6.44 -28.56
N ARG B 85 -5.01 -6.74 -29.56
CA ARG B 85 -4.56 -7.42 -30.78
C ARG B 85 -4.29 -6.37 -31.84
N TYR B 86 -3.15 -6.47 -32.52
CA TYR B 86 -2.83 -5.43 -33.50
C TYR B 86 -2.01 -6.01 -34.65
N TRP B 87 -2.14 -5.40 -35.81
CA TRP B 87 -1.42 -5.83 -37.01
C TRP B 87 -1.38 -4.67 -37.99
N SER B 88 -0.32 -4.64 -38.81
CA SER B 88 -0.25 -3.60 -39.84
C SER B 88 -1.09 -3.98 -41.05
N GLU B 89 -1.63 -2.96 -41.71
CA GLU B 89 -2.59 -3.17 -42.79
C GLU B 89 -2.00 -3.96 -43.95
N LYS B 90 -0.72 -3.78 -44.26
CA LYS B 90 -0.16 -4.44 -45.43
C LYS B 90 0.36 -5.83 -45.08
N ASN B 91 1.31 -5.90 -44.12
CA ASN B 91 1.81 -7.19 -43.61
C ASN B 91 0.66 -8.03 -43.03
N GLY B 92 0.36 -7.88 -41.75
CA GLY B 92 -0.81 -8.56 -41.25
C GLY B 92 -0.59 -9.57 -40.14
N ARG B 93 0.65 -9.71 -39.66
CA ARG B 93 0.93 -10.61 -38.54
C ARG B 93 0.26 -10.06 -37.29
N LYS B 94 -0.81 -10.73 -36.84
CA LYS B 94 -1.55 -10.28 -35.68
C LYS B 94 -0.78 -10.63 -34.42
N ARG B 95 -0.56 -9.63 -33.57
CA ARG B 95 0.18 -9.75 -32.32
C ARG B 95 -0.68 -9.30 -31.15
N ILE B 96 -0.25 -9.66 -29.95
CA ILE B 96 -0.98 -9.36 -28.72
C ILE B 96 -0.06 -8.52 -27.82
N ALA B 97 -0.57 -7.40 -27.31
CA ALA B 97 0.07 -6.64 -26.25
C ALA B 97 -0.75 -6.75 -24.97
N LYS B 98 -0.07 -6.94 -23.85
CA LYS B 98 -0.71 -7.08 -22.54
C LYS B 98 -0.54 -5.80 -21.72
N GLY B 99 -1.62 -5.38 -21.05
CA GLY B 99 -1.65 -4.16 -20.27
C GLY B 99 -2.22 -4.39 -18.88
N LYS B 100 -2.77 -3.32 -18.31
CA LYS B 100 -3.17 -3.34 -16.90
C LYS B 100 -4.56 -2.73 -16.75
N MET B 101 -5.29 -3.24 -15.77
CA MET B 101 -6.60 -2.73 -15.42
C MET B 101 -6.51 -2.03 -14.06
N SER B 102 -7.23 -0.92 -13.92
CA SER B 102 -7.28 -0.19 -12.68
C SER B 102 -8.70 0.31 -12.49
N THR B 103 -9.05 0.63 -11.25
CA THR B 103 -10.33 1.22 -10.90
C THR B 103 -10.09 2.33 -9.89
N TYR B 104 -11.11 3.17 -9.68
CA TYR B 104 -11.02 4.18 -8.63
C TYR B 104 -12.41 4.51 -8.12
N ARG B 105 -12.45 5.18 -6.97
CA ARG B 105 -13.66 5.73 -6.40
C ARG B 105 -13.50 7.23 -6.25
N PHE B 106 -14.62 7.94 -6.36
CA PHE B 106 -14.67 9.37 -6.11
C PHE B 106 -15.99 9.63 -5.40
N PHE B 107 -15.92 9.84 -4.08
CA PHE B 107 -17.11 10.03 -3.23
C PHE B 107 -18.01 8.81 -3.37
N ASN B 108 -19.24 8.93 -3.87
CA ASN B 108 -20.11 7.76 -3.99
C ASN B 108 -20.14 7.21 -5.42
N TYR B 109 -19.22 7.66 -6.26
CA TYR B 109 -19.01 7.09 -7.58
C TYR B 109 -18.01 5.95 -7.50
N SER B 110 -18.29 4.88 -8.25
CA SER B 110 -17.35 3.77 -8.45
C SER B 110 -17.13 3.60 -9.94
N SER B 111 -15.88 3.69 -10.38
CA SER B 111 -15.62 3.59 -11.81
C SER B 111 -15.83 2.15 -12.31
N GLY B 112 -15.93 2.04 -13.62
CA GLY B 112 -15.75 0.77 -14.28
C GLY B 112 -14.29 0.39 -14.31
N PHE B 113 -13.97 -0.56 -15.17
CA PHE B 113 -12.65 -1.15 -15.20
C PHE B 113 -11.84 -0.49 -16.32
N ILE B 114 -10.78 0.20 -15.94
CA ILE B 114 -10.02 1.06 -16.83
C ILE B 114 -8.82 0.27 -17.31
N HIS B 115 -8.59 0.27 -18.62
CA HIS B 115 -7.50 -0.51 -19.20
C HIS B 115 -6.52 0.43 -19.88
N HIS B 116 -5.24 0.23 -19.63
CA HIS B 116 -4.18 0.92 -20.35
C HIS B 116 -3.18 -0.12 -20.83
N THR B 117 -2.90 -0.12 -22.13
CA THR B 117 -2.00 -1.08 -22.72
C THR B 117 -1.13 -0.38 -23.78
N THR B 118 0.18 -0.56 -23.68
CA THR B 118 1.13 0.03 -24.62
C THR B 118 1.53 -0.98 -25.69
N ILE B 119 1.33 -0.62 -26.96
CA ILE B 119 1.90 -1.33 -28.11
C ILE B 119 3.24 -0.72 -28.43
N ARG B 120 4.29 -1.53 -28.48
CA ARG B 120 5.63 -0.99 -28.70
C ARG B 120 6.21 -1.51 -30.02
N LYS B 121 7.31 -0.86 -30.43
CA LYS B 121 8.13 -1.34 -31.55
C LYS B 121 7.34 -1.37 -32.85
N LEU B 122 6.55 -0.34 -33.10
CA LEU B 122 5.81 -0.25 -34.35
C LEU B 122 6.71 0.32 -35.46
N LYS B 123 6.32 0.05 -36.70
CA LYS B 123 6.99 0.66 -37.84
C LYS B 123 6.42 2.06 -38.09
N TYR B 124 7.30 2.96 -38.52
CA TYR B 124 6.93 4.33 -38.81
C TYR B 124 6.04 4.38 -40.05
N ASN B 125 5.23 5.44 -40.12
CA ASN B 125 4.42 5.74 -41.30
C ASN B 125 3.56 4.55 -41.74
N THR B 126 2.99 3.82 -40.79
CA THR B 126 2.27 2.60 -41.11
C THR B 126 0.88 2.60 -40.47
N LYS B 127 -0.14 2.26 -41.27
CA LYS B 127 -1.47 2.04 -40.72
C LYS B 127 -1.51 0.71 -39.98
N TYR B 128 -2.03 0.73 -38.74
CA TYR B 128 -2.24 -0.48 -37.93
C TYR B 128 -3.70 -0.59 -37.53
N TYR B 129 -4.23 -1.80 -37.59
CA TYR B 129 -5.50 -2.09 -36.95
C TYR B 129 -5.23 -2.59 -35.54
N TYR B 130 -6.14 -2.28 -34.61
CA TYR B 130 -6.06 -2.84 -33.27
C TYR B 130 -7.45 -3.15 -32.76
N GLU B 131 -7.52 -4.12 -31.86
CA GLU B 131 -8.80 -4.59 -31.33
C GLU B 131 -8.70 -4.72 -29.83
N VAL B 132 -9.81 -4.45 -29.16
CA VAL B 132 -9.93 -4.55 -27.72
C VAL B 132 -11.22 -5.28 -27.39
N GLY B 133 -11.31 -5.75 -26.15
CA GLY B 133 -12.48 -6.49 -25.73
C GLY B 133 -12.41 -7.93 -26.21
N LEU B 134 -11.24 -8.55 -26.03
CA LEU B 134 -10.96 -9.83 -26.69
C LEU B 134 -11.72 -11.00 -26.08
N ARG B 135 -12.20 -10.90 -24.84
CA ARG B 135 -12.89 -12.04 -24.23
C ARG B 135 -14.38 -12.09 -24.55
N ASN B 136 -15.02 -10.96 -24.80
CA ASN B 136 -16.46 -11.02 -25.07
C ASN B 136 -16.86 -10.26 -26.32
N THR B 137 -16.99 -8.94 -26.27
CA THR B 137 -17.40 -8.15 -27.42
C THR B 137 -16.20 -7.37 -27.96
N THR B 138 -15.65 -7.82 -29.08
CA THR B 138 -14.48 -7.18 -29.68
C THR B 138 -14.88 -5.94 -30.48
N ARG B 139 -14.06 -4.90 -30.37
CA ARG B 139 -14.20 -3.68 -31.17
C ARG B 139 -12.86 -3.39 -31.83
N ARG B 140 -12.91 -3.05 -33.12
CA ARG B 140 -11.72 -2.80 -33.93
C ARG B 140 -11.62 -1.32 -34.31
N PHE B 141 -10.39 -0.81 -34.28
CA PHE B 141 -10.07 0.56 -34.68
C PHE B 141 -8.78 0.53 -35.47
N SER B 142 -8.26 1.71 -35.80
CA SER B 142 -6.99 1.81 -36.53
C SER B 142 -6.33 3.15 -36.22
N PHE B 143 -5.03 3.21 -36.49
CA PHE B 143 -4.24 4.43 -36.38
C PHE B 143 -3.09 4.33 -37.37
N ILE B 144 -2.46 5.46 -37.67
CA ILE B 144 -1.30 5.52 -38.56
C ILE B 144 -0.13 6.14 -37.80
N THR B 145 0.94 5.38 -37.63
CA THR B 145 2.10 5.88 -36.91
C THR B 145 2.71 7.06 -37.67
N PRO B 146 3.30 8.02 -36.96
CA PRO B 146 3.92 9.16 -37.64
C PRO B 146 5.14 8.71 -38.42
N PRO B 147 5.62 9.51 -39.38
CA PRO B 147 6.93 9.23 -39.97
C PRO B 147 8.01 9.34 -38.91
N GLN B 148 9.17 8.74 -39.23
CA GLN B 148 10.34 8.88 -38.37
C GLN B 148 10.72 10.35 -38.24
N THR B 149 11.22 10.73 -37.06
CA THR B 149 11.54 12.13 -36.81
C THR B 149 12.60 12.60 -37.79
N GLY B 150 12.40 13.78 -38.35
CA GLY B 150 13.33 14.34 -39.32
C GLY B 150 13.10 15.82 -39.49
N LEU B 151 14.01 16.44 -40.23
CA LEU B 151 14.04 17.89 -40.33
C LEU B 151 12.82 18.44 -41.07
N ASP B 152 12.46 17.82 -42.20
CA ASP B 152 11.44 18.41 -43.07
C ASP B 152 10.13 17.64 -43.07
N VAL B 153 9.92 16.76 -42.09
CA VAL B 153 8.76 15.88 -42.09
C VAL B 153 7.50 16.71 -41.90
N PRO B 154 6.64 16.82 -42.91
CA PRO B 154 5.36 17.50 -42.70
C PRO B 154 4.51 16.76 -41.69
N TYR B 155 3.64 17.51 -41.02
CA TYR B 155 2.72 16.94 -40.05
C TYR B 155 1.73 18.02 -39.63
N THR B 156 0.47 17.63 -39.50
CA THR B 156 -0.63 18.54 -39.21
C THR B 156 -1.13 18.25 -37.81
N PHE B 157 -1.00 19.23 -36.91
CA PHE B 157 -1.45 19.10 -35.53
C PHE B 157 -2.74 19.89 -35.35
N GLY B 158 -3.73 19.26 -34.73
CA GLY B 158 -4.91 20.00 -34.30
C GLY B 158 -4.65 20.67 -32.96
N LEU B 159 -5.27 21.83 -32.77
CA LEU B 159 -5.20 22.55 -31.50
C LEU B 159 -6.62 22.64 -30.94
N ILE B 160 -6.84 22.02 -29.78
CA ILE B 160 -8.14 21.99 -29.14
C ILE B 160 -7.94 22.22 -27.65
N GLY B 161 -8.74 23.10 -27.06
CA GLY B 161 -8.64 23.38 -25.64
C GLY B 161 -10.01 23.60 -25.04
N ASP B 162 -10.15 23.15 -23.79
CA ASP B 162 -11.36 23.42 -23.01
C ASP B 162 -12.62 22.88 -23.71
N LEU B 163 -12.58 21.61 -24.10
CA LEU B 163 -13.62 21.07 -24.99
C LEU B 163 -14.97 20.97 -24.30
N GLY B 164 -15.04 20.27 -23.16
CA GLY B 164 -16.33 20.03 -22.51
C GLY B 164 -17.25 19.14 -23.35
N GLN B 165 -18.53 19.17 -23.03
CA GLN B 165 -19.52 18.33 -23.70
C GLN B 165 -20.80 19.10 -23.96
N SER B 166 -20.68 20.34 -24.42
CA SER B 166 -21.86 21.11 -24.80
C SER B 166 -22.08 20.93 -26.30
N PHE B 167 -23.17 21.50 -26.83
CA PHE B 167 -23.40 21.42 -28.26
C PHE B 167 -22.31 22.14 -29.02
N ASP B 168 -21.78 23.23 -28.46
CA ASP B 168 -20.61 23.89 -29.03
C ASP B 168 -19.41 22.94 -29.09
N SER B 169 -19.19 22.16 -28.04
CA SER B 169 -18.11 21.17 -28.07
C SER B 169 -18.27 20.24 -29.27
N ASN B 170 -19.49 19.74 -29.49
CA ASN B 170 -19.72 18.79 -30.58
C ASN B 170 -19.49 19.46 -31.92
N THR B 171 -19.86 20.73 -32.05
CA THR B 171 -19.61 21.44 -33.30
C THR B 171 -18.12 21.58 -33.58
N THR B 172 -17.34 21.94 -32.55
CA THR B 172 -15.90 22.09 -32.76
C THR B 172 -15.28 20.78 -33.20
N LEU B 173 -15.57 19.70 -32.47
CA LEU B 173 -15.09 18.38 -32.86
C LEU B 173 -15.48 18.04 -34.29
N SER B 174 -16.74 18.34 -34.66
N SER B 174 -16.74 18.34 -34.66
CA SER B 174 -17.18 18.12 -36.04
CA SER B 174 -17.17 18.13 -36.04
C SER B 174 -16.33 18.92 -37.03
C SER B 174 -16.31 18.92 -37.02
N HIS B 175 -16.06 20.19 -36.72
CA HIS B 175 -15.24 21.00 -37.62
C HIS B 175 -13.84 20.46 -37.72
N TYR B 176 -13.27 19.98 -36.62
CA TYR B 176 -11.92 19.43 -36.67
C TYR B 176 -11.89 18.19 -37.56
N GLU B 177 -12.86 17.31 -37.40
CA GLU B 177 -12.78 16.06 -38.12
C GLU B 177 -13.12 16.22 -39.59
N LEU B 178 -13.81 17.28 -39.98
CA LEU B 178 -14.12 17.52 -41.39
C LEU B 178 -13.13 18.46 -42.05
N SER B 179 -12.10 18.91 -41.35
CA SER B 179 -11.20 19.92 -41.88
C SER B 179 -10.48 19.40 -43.11
N PRO B 180 -10.43 20.16 -44.19
CA PRO B 180 -9.67 19.71 -45.37
C PRO B 180 -8.18 19.64 -45.11
N LYS B 181 -7.68 20.26 -44.04
CA LYS B 181 -6.27 20.16 -43.71
C LYS B 181 -5.89 18.80 -43.15
N LYS B 182 -6.85 18.03 -42.65
CA LYS B 182 -6.64 16.67 -42.16
C LYS B 182 -5.66 16.63 -40.98
N GLY B 183 -6.13 16.94 -39.78
CA GLY B 183 -5.29 16.82 -38.61
C GLY B 183 -4.93 15.37 -38.34
N GLN B 184 -3.67 15.15 -37.94
CA GLN B 184 -3.15 13.82 -37.70
C GLN B 184 -2.91 13.50 -36.24
N THR B 185 -2.95 14.51 -35.37
CA THR B 185 -2.73 14.37 -33.93
C THR B 185 -3.26 15.64 -33.29
N VAL B 186 -4.01 15.50 -32.18
CA VAL B 186 -4.56 16.65 -31.47
C VAL B 186 -3.64 17.01 -30.31
N LEU B 187 -3.26 18.30 -30.21
CA LEU B 187 -2.58 18.84 -29.03
C LEU B 187 -3.66 19.47 -28.17
N PHE B 188 -3.92 18.88 -27.00
CA PHE B 188 -5.05 19.26 -26.17
C PHE B 188 -4.53 19.99 -24.93
N VAL B 189 -4.93 21.26 -24.77
CA VAL B 189 -4.29 22.14 -23.78
C VAL B 189 -5.07 22.19 -22.47
N GLY B 190 -5.91 21.20 -22.18
CA GLY B 190 -6.46 21.06 -20.84
C GLY B 190 -7.92 21.49 -20.74
N ASP B 191 -8.54 21.04 -19.64
CA ASP B 191 -9.97 21.12 -19.31
C ASP B 191 -10.73 20.17 -20.23
N LEU B 192 -10.87 18.92 -19.80
CA LEU B 192 -11.41 17.87 -20.66
C LEU B 192 -12.93 17.83 -20.58
N SER B 193 -13.45 17.27 -19.48
CA SER B 193 -14.84 16.89 -19.40
C SER B 193 -15.71 17.92 -18.70
N TYR B 194 -15.14 18.73 -17.81
CA TYR B 194 -15.92 19.63 -16.95
C TYR B 194 -16.90 18.85 -16.08
N ALA B 195 -16.57 17.57 -15.82
CA ALA B 195 -17.34 16.80 -14.87
C ALA B 195 -17.40 17.48 -13.51
N ASP B 196 -16.35 18.23 -13.14
CA ASP B 196 -16.31 18.82 -11.81
C ASP B 196 -17.33 19.96 -11.61
N ARG B 197 -18.03 20.36 -12.66
CA ARG B 197 -19.12 21.32 -12.49
C ARG B 197 -20.40 20.67 -12.00
N TYR B 198 -20.50 19.35 -12.06
CA TYR B 198 -21.67 18.62 -11.60
C TYR B 198 -21.60 18.36 -10.10
N PRO B 199 -22.74 18.05 -9.47
CA PRO B 199 -22.75 17.77 -8.03
C PRO B 199 -21.87 16.59 -7.67
N ASN B 200 -21.01 16.78 -6.66
CA ASN B 200 -19.99 15.82 -6.29
C ASN B 200 -19.10 15.44 -7.48
N HIS B 201 -18.98 16.35 -8.44
CA HIS B 201 -18.18 16.14 -9.65
C HIS B 201 -18.69 14.97 -10.49
N ASP B 202 -19.98 14.63 -10.36
CA ASP B 202 -20.58 13.44 -10.96
C ASP B 202 -19.73 12.81 -12.07
N ASN B 203 -18.85 11.87 -11.70
CA ASN B 203 -17.89 11.30 -12.64
C ASN B 203 -18.55 10.54 -13.79
N VAL B 204 -19.87 10.30 -13.74
CA VAL B 204 -20.56 9.84 -14.95
C VAL B 204 -20.25 10.77 -16.13
N ARG B 205 -20.05 12.06 -15.87
CA ARG B 205 -19.75 12.99 -16.96
C ARG B 205 -18.34 12.85 -17.50
N TRP B 206 -17.45 12.11 -16.82
CA TRP B 206 -16.21 11.68 -17.45
C TRP B 206 -16.46 10.55 -18.43
N ASP B 207 -17.34 9.60 -18.05
CA ASP B 207 -17.68 8.48 -18.92
C ASP B 207 -18.34 8.96 -20.20
N THR B 208 -19.30 9.87 -20.08
CA THR B 208 -19.96 10.39 -21.27
C THR B 208 -18.96 11.09 -22.19
N TRP B 209 -18.05 11.89 -21.61
CA TRP B 209 -17.04 12.59 -22.43
C TRP B 209 -16.14 11.60 -23.15
N GLY B 210 -15.79 10.50 -22.50
CA GLY B 210 -14.97 9.50 -23.16
C GLY B 210 -15.67 8.86 -24.35
N ARG B 211 -16.98 8.62 -24.21
CA ARG B 211 -17.74 8.04 -25.32
C ARG B 211 -17.89 9.04 -26.46
N PHE B 212 -18.13 10.31 -26.12
CA PHE B 212 -18.22 11.39 -27.11
C PHE B 212 -16.91 11.57 -27.88
N THR B 213 -15.79 11.72 -27.17
CA THR B 213 -14.53 12.00 -27.88
C THR B 213 -13.99 10.79 -28.65
N GLU B 214 -14.51 9.58 -28.41
CA GLU B 214 -13.90 8.39 -28.97
C GLU B 214 -13.85 8.45 -30.50
N ARG B 215 -14.89 9.02 -31.12
CA ARG B 215 -14.94 9.05 -32.58
C ARG B 215 -13.73 9.76 -33.19
N SER B 216 -12.96 10.51 -32.42
CA SER B 216 -11.69 11.05 -32.89
C SER B 216 -10.47 10.37 -32.26
N VAL B 217 -10.42 10.29 -30.93
CA VAL B 217 -9.20 9.88 -30.25
C VAL B 217 -8.97 8.38 -30.23
N ALA B 218 -9.96 7.57 -30.65
CA ALA B 218 -9.64 6.16 -30.87
C ALA B 218 -8.80 5.96 -32.12
N TYR B 219 -8.77 6.94 -33.04
CA TYR B 219 -8.10 6.77 -34.33
C TYR B 219 -6.85 7.62 -34.52
N GLN B 220 -6.61 8.63 -33.68
CA GLN B 220 -5.37 9.40 -33.71
C GLN B 220 -5.07 9.88 -32.30
N PRO B 221 -3.81 9.99 -31.92
CA PRO B 221 -3.49 10.37 -30.54
C PRO B 221 -3.93 11.77 -30.24
N TRP B 222 -4.43 11.97 -29.02
CA TRP B 222 -4.53 13.28 -28.41
C TRP B 222 -3.43 13.39 -27.37
N ILE B 223 -2.72 14.52 -27.37
CA ILE B 223 -1.63 14.80 -26.43
C ILE B 223 -2.20 15.64 -25.29
N TRP B 224 -2.19 15.09 -24.08
CA TRP B 224 -2.98 15.61 -22.98
C TRP B 224 -2.20 16.59 -22.11
N THR B 225 -2.79 17.76 -21.85
CA THR B 225 -2.32 18.72 -20.86
C THR B 225 -3.35 18.81 -19.74
N ALA B 226 -2.90 18.90 -18.49
CA ALA B 226 -3.79 18.96 -17.34
C ALA B 226 -4.21 20.41 -17.08
N GLY B 227 -5.52 20.67 -17.13
CA GLY B 227 -6.06 21.98 -16.83
C GLY B 227 -6.66 22.05 -15.43
N ASN B 228 -7.24 23.20 -15.11
CA ASN B 228 -7.69 23.38 -13.74
C ASN B 228 -8.96 22.61 -13.43
N HIS B 229 -9.78 22.30 -14.44
CA HIS B 229 -10.91 21.42 -14.20
C HIS B 229 -10.49 19.97 -14.00
N GLU B 230 -9.22 19.63 -14.26
CA GLU B 230 -8.71 18.31 -13.88
C GLU B 230 -8.24 18.21 -12.43
N ILE B 231 -8.04 19.34 -11.73
CA ILE B 231 -7.50 19.28 -10.36
C ILE B 231 -8.43 18.47 -9.46
N GLU B 232 -9.71 18.80 -9.46
CA GLU B 232 -10.74 18.08 -8.70
C GLU B 232 -10.32 17.91 -7.24
N PHE B 233 -9.88 19.02 -6.65
CA PHE B 233 -9.57 19.09 -5.22
C PHE B 233 -10.85 19.46 -4.48
N ALA B 234 -11.42 18.50 -3.77
CA ALA B 234 -12.72 18.68 -3.12
C ALA B 234 -12.64 18.16 -1.68
N PRO B 235 -11.91 18.87 -0.80
CA PRO B 235 -11.80 18.42 0.60
C PRO B 235 -13.15 18.27 1.30
N GLU B 236 -14.17 19.03 0.90
CA GLU B 236 -15.47 18.94 1.55
C GLU B 236 -16.15 17.57 1.35
N ILE B 237 -15.75 16.79 0.34
CA ILE B 237 -16.23 15.42 0.22
C ILE B 237 -15.06 14.46 0.30
N ASN B 238 -14.02 14.88 1.00
CA ASN B 238 -12.82 14.09 1.25
C ASN B 238 -12.20 13.52 -0.03
N GLU B 239 -12.09 14.36 -1.06
CA GLU B 239 -11.30 14.04 -2.24
C GLU B 239 -10.19 15.08 -2.35
N THR B 240 -9.01 14.74 -1.82
CA THR B 240 -7.89 15.66 -1.68
C THR B 240 -6.68 15.30 -2.54
N GLU B 241 -6.80 14.29 -3.42
CA GLU B 241 -5.69 13.92 -4.29
C GLU B 241 -5.85 14.65 -5.63
N PRO B 242 -5.04 15.66 -5.93
CA PRO B 242 -5.24 16.42 -7.18
C PRO B 242 -5.10 15.54 -8.41
N PHE B 243 -5.97 15.79 -9.39
CA PHE B 243 -5.98 15.14 -10.71
C PHE B 243 -6.36 13.66 -10.66
N LYS B 244 -6.96 13.17 -9.57
CA LYS B 244 -7.16 11.72 -9.46
C LYS B 244 -7.99 11.14 -10.62
N PRO B 245 -9.23 11.58 -10.87
CA PRO B 245 -9.99 10.96 -11.98
C PRO B 245 -9.27 11.10 -13.32
N PHE B 246 -8.80 12.29 -13.65
CA PHE B 246 -8.04 12.47 -14.89
C PHE B 246 -6.88 11.50 -14.99
N SER B 247 -6.07 11.37 -13.93
CA SER B 247 -4.84 10.59 -14.05
C SER B 247 -5.11 9.09 -14.12
N TYR B 248 -6.25 8.60 -13.57
CA TYR B 248 -6.64 7.21 -13.76
C TYR B 248 -7.06 6.95 -15.20
N ARG B 249 -7.75 7.91 -15.82
CA ARG B 249 -8.36 7.70 -17.13
C ARG B 249 -7.41 7.99 -18.29
N TYR B 250 -6.49 8.94 -18.13
CA TYR B 250 -5.65 9.37 -19.24
C TYR B 250 -4.19 9.22 -18.83
N HIS B 251 -3.52 8.21 -19.39
CA HIS B 251 -2.12 7.97 -19.13
C HIS B 251 -1.28 8.66 -20.20
N VAL B 252 -0.05 9.03 -19.83
CA VAL B 252 0.88 9.68 -20.75
C VAL B 252 2.24 9.01 -20.59
N PRO B 253 3.11 9.10 -21.64
CA PRO B 253 4.43 8.44 -21.59
C PRO B 253 5.49 9.25 -20.86
N TYR B 254 5.24 9.59 -19.59
CA TYR B 254 6.09 10.59 -18.95
C TYR B 254 7.49 10.06 -18.64
N GLU B 255 7.63 8.77 -18.30
CA GLU B 255 8.97 8.23 -18.01
C GLU B 255 9.88 8.23 -19.23
N ALA B 256 9.31 8.18 -20.45
CA ALA B 256 10.13 8.21 -21.65
C ALA B 256 11.00 9.47 -21.73
N SER B 257 10.61 10.56 -21.09
CA SER B 257 11.44 11.75 -21.07
C SER B 257 12.03 12.01 -19.69
N GLN B 258 12.16 10.97 -18.87
CA GLN B 258 12.76 11.03 -17.53
C GLN B 258 12.00 11.98 -16.59
N SER B 259 10.72 12.24 -16.88
CA SER B 259 9.89 12.91 -15.91
C SER B 259 9.49 11.95 -14.81
N THR B 260 9.30 12.48 -13.59
CA THR B 260 8.79 11.70 -12.48
C THR B 260 7.29 11.88 -12.29
N SER B 261 6.60 12.59 -13.19
CA SER B 261 5.17 12.82 -12.98
C SER B 261 4.43 12.84 -14.30
N PRO B 262 3.21 12.31 -14.34
CA PRO B 262 2.43 12.40 -15.59
C PRO B 262 2.08 13.81 -16.00
N PHE B 263 2.16 14.80 -15.11
CA PHE B 263 1.61 16.12 -15.43
C PHE B 263 2.58 17.02 -16.21
N TRP B 264 3.84 16.63 -16.34
CA TRP B 264 4.76 17.30 -17.24
C TRP B 264 5.63 16.24 -17.90
N TYR B 265 5.88 16.40 -19.20
CA TYR B 265 6.60 15.40 -19.99
C TYR B 265 6.82 15.98 -21.38
N SER B 266 7.50 15.19 -22.21
CA SER B 266 7.96 15.62 -23.53
C SER B 266 7.85 14.46 -24.50
N ILE B 267 7.44 14.75 -25.73
CA ILE B 267 7.43 13.77 -26.81
C ILE B 267 7.98 14.43 -28.06
N LYS B 268 8.51 13.60 -28.95
CA LYS B 268 8.85 14.02 -30.31
C LYS B 268 7.92 13.29 -31.28
N ARG B 269 7.45 14.02 -32.29
CA ARG B 269 6.55 13.45 -33.30
C ARG B 269 6.81 14.18 -34.59
N ALA B 270 7.22 13.44 -35.63
CA ALA B 270 7.54 14.00 -36.94
C ALA B 270 8.66 15.02 -36.77
N SER B 271 8.48 16.28 -37.11
CA SER B 271 9.55 17.26 -36.99
C SER B 271 9.43 18.13 -35.74
N ALA B 272 8.55 17.77 -34.80
CA ALA B 272 8.24 18.61 -33.66
C ALA B 272 8.76 17.99 -32.36
N HIS B 273 9.28 18.84 -31.49
CA HIS B 273 9.57 18.49 -30.11
C HIS B 273 8.54 19.22 -29.26
N ILE B 274 7.70 18.46 -28.56
CA ILE B 274 6.56 18.99 -27.80
C ILE B 274 6.82 18.84 -26.31
N ILE B 275 6.70 19.94 -25.57
CA ILE B 275 6.90 19.95 -24.12
C ILE B 275 5.57 20.31 -23.45
N VAL B 276 5.15 19.48 -22.50
CA VAL B 276 3.88 19.65 -21.81
C VAL B 276 4.16 20.00 -20.35
N LEU B 277 3.55 21.08 -19.88
CA LEU B 277 3.78 21.61 -18.54
C LEU B 277 2.49 21.61 -17.72
N SER B 278 2.64 21.66 -16.40
CA SER B 278 1.50 21.61 -15.47
C SER B 278 1.38 22.94 -14.74
N SER B 279 0.41 23.77 -15.19
CA SER B 279 0.17 25.06 -14.55
C SER B 279 -0.17 24.90 -13.06
N TYR B 280 -0.77 23.77 -12.66
CA TYR B 280 -1.27 23.59 -11.30
C TYR B 280 -0.44 22.58 -10.49
N SER B 281 0.82 22.35 -10.90
CA SER B 281 1.84 21.67 -10.12
C SER B 281 2.89 22.68 -9.67
N ALA B 282 3.74 22.29 -8.71
CA ALA B 282 4.82 23.18 -8.27
C ALA B 282 5.82 23.44 -9.41
N TYR B 283 6.33 24.66 -9.45
CA TYR B 283 7.40 24.98 -10.41
C TYR B 283 8.36 26.00 -9.80
N GLY B 284 8.44 26.07 -8.48
CA GLY B 284 9.50 26.84 -7.86
C GLY B 284 10.86 26.24 -8.14
N ARG B 285 11.89 27.06 -7.94
CA ARG B 285 13.25 26.63 -8.18
C ARG B 285 13.59 25.44 -7.29
N GLY B 286 14.12 24.37 -7.90
CA GLY B 286 14.42 23.15 -7.19
C GLY B 286 13.30 22.13 -7.12
N THR B 287 12.09 22.48 -7.57
CA THR B 287 11.02 21.49 -7.56
C THR B 287 11.19 20.51 -8.72
N PRO B 288 10.52 19.36 -8.66
CA PRO B 288 10.67 18.40 -9.77
C PRO B 288 10.38 19.00 -11.13
N GLN B 289 9.27 19.73 -11.30
CA GLN B 289 8.91 20.18 -12.65
C GLN B 289 9.91 21.23 -13.15
N TYR B 290 10.35 22.12 -12.27
CA TYR B 290 11.34 23.12 -12.65
C TYR B 290 12.65 22.46 -13.04
N THR B 291 13.12 21.52 -12.21
CA THR B 291 14.34 20.77 -12.50
C THR B 291 14.22 20.04 -13.84
N TRP B 292 13.07 19.38 -14.06
CA TRP B 292 12.90 18.60 -15.28
C TRP B 292 12.90 19.51 -16.50
N LEU B 293 12.14 20.62 -16.45
CA LEU B 293 12.07 21.48 -17.62
C LEU B 293 13.46 22.01 -17.98
N LYS B 294 14.24 22.40 -16.97
CA LYS B 294 15.57 22.93 -17.21
C LYS B 294 16.44 21.91 -17.95
N LYS B 295 16.45 20.66 -17.47
CA LYS B 295 17.23 19.63 -18.16
C LYS B 295 16.65 19.32 -19.53
N GLU B 296 15.31 19.29 -19.64
CA GLU B 296 14.68 18.94 -20.92
C GLU B 296 15.05 19.95 -22.01
N LEU B 297 14.98 21.25 -21.70
CA LEU B 297 15.34 22.26 -22.69
C LEU B 297 16.78 22.08 -23.16
N ARG B 298 17.68 21.62 -22.28
CA ARG B 298 19.07 21.37 -22.69
C ARG B 298 19.17 20.22 -23.67
N LYS B 299 18.24 19.26 -23.62
CA LYS B 299 18.28 18.11 -24.52
C LYS B 299 17.73 18.43 -25.91
N VAL B 300 17.02 19.55 -26.08
CA VAL B 300 16.43 19.85 -27.39
C VAL B 300 17.54 20.03 -28.43
N LYS B 301 17.39 19.36 -29.58
CA LYS B 301 18.31 19.52 -30.70
C LYS B 301 17.53 20.02 -31.91
N ARG B 302 17.63 21.31 -32.21
CA ARG B 302 16.89 21.89 -33.33
C ARG B 302 17.40 21.39 -34.67
N SER B 303 18.61 20.82 -34.72
CA SER B 303 19.12 20.23 -35.94
C SER B 303 18.51 18.87 -36.23
N GLU B 304 17.69 18.33 -35.33
CA GLU B 304 16.97 17.08 -35.54
C GLU B 304 15.47 17.25 -35.51
N THR B 305 14.93 17.99 -34.54
CA THR B 305 13.51 18.34 -34.50
C THR B 305 13.40 19.87 -34.51
N PRO B 306 13.11 20.48 -35.65
CA PRO B 306 13.23 21.95 -35.73
C PRO B 306 12.15 22.69 -34.94
N TRP B 307 10.94 22.15 -34.84
CA TRP B 307 9.82 22.87 -34.27
C TRP B 307 9.73 22.57 -32.78
N LEU B 308 9.84 23.62 -31.96
CA LEU B 308 9.78 23.49 -30.52
C LEU B 308 8.48 24.10 -30.04
N ILE B 309 7.64 23.28 -29.42
CA ILE B 309 6.27 23.65 -29.06
C ILE B 309 6.04 23.36 -27.58
N VAL B 310 5.47 24.33 -26.87
CA VAL B 310 5.16 24.19 -25.45
C VAL B 310 3.65 24.20 -25.29
N LEU B 311 3.13 23.25 -24.52
CA LEU B 311 1.73 23.24 -24.13
C LEU B 311 1.61 23.48 -22.64
N MET B 312 0.64 24.29 -22.26
CA MET B 312 0.34 24.55 -20.86
C MET B 312 -1.12 25.00 -20.80
N HIS B 313 -1.75 24.84 -19.64
CA HIS B 313 -3.15 25.24 -19.58
C HIS B 313 -3.34 26.76 -19.50
N SER B 314 -2.64 27.41 -18.55
CA SER B 314 -2.90 28.82 -18.25
C SER B 314 -2.00 29.72 -19.09
N PRO B 315 -2.55 30.68 -19.86
CA PRO B 315 -1.71 31.47 -20.79
C PRO B 315 -0.84 32.50 -20.09
N LEU B 316 0.43 32.57 -20.50
CA LEU B 316 1.33 33.58 -19.98
C LEU B 316 0.95 34.96 -20.49
N TYR B 317 0.43 35.03 -21.71
CA TYR B 317 0.01 36.29 -22.33
C TYR B 317 -1.46 36.17 -22.63
N ASN B 318 -2.25 37.08 -22.07
CA ASN B 318 -3.70 36.97 -22.10
C ASN B 318 -4.26 38.34 -21.80
N SER B 319 -4.92 38.95 -22.79
CA SER B 319 -5.51 40.28 -22.66
C SER B 319 -7.03 40.24 -22.44
N TYR B 320 -7.59 39.07 -22.16
CA TYR B 320 -8.99 38.99 -21.75
C TYR B 320 -9.13 39.23 -20.26
N ASN B 321 -10.29 39.71 -19.86
CA ASN B 321 -10.52 39.97 -18.44
C ASN B 321 -10.59 38.67 -17.64
N HIS B 322 -11.31 37.67 -18.12
CA HIS B 322 -11.38 36.39 -17.42
C HIS B 322 -9.99 35.76 -17.29
N HIS B 323 -9.61 35.42 -16.06
CA HIS B 323 -8.29 34.87 -15.77
C HIS B 323 -7.14 35.82 -16.14
N PHE B 324 -7.41 37.13 -16.21
CA PHE B 324 -6.36 38.11 -16.47
C PHE B 324 -5.22 37.94 -15.48
N MET B 325 -4.01 37.77 -16.01
CA MET B 325 -2.76 37.74 -15.24
C MET B 325 -2.64 36.52 -14.33
N GLU B 326 -3.45 35.47 -14.52
CA GLU B 326 -3.21 34.25 -13.74
C GLU B 326 -1.89 33.60 -14.13
N GLY B 327 -1.45 33.77 -15.39
CA GLY B 327 -0.21 33.23 -15.90
C GLY B 327 1.06 33.90 -15.40
N GLU B 328 0.95 34.97 -14.62
CA GLU B 328 2.14 35.74 -14.23
C GLU B 328 3.13 34.91 -13.43
N ALA B 329 2.66 34.10 -12.48
CA ALA B 329 3.58 33.33 -11.63
C ALA B 329 4.46 32.42 -12.47
N MET B 330 3.87 31.64 -13.38
CA MET B 330 4.69 30.76 -14.22
C MET B 330 5.52 31.57 -15.19
N ARG B 331 5.01 32.71 -15.66
CA ARG B 331 5.79 33.57 -16.54
C ARG B 331 7.10 34.00 -15.88
N THR B 332 7.06 34.39 -14.59
CA THR B 332 8.30 34.82 -13.94
C THR B 332 9.32 33.70 -13.92
N LYS B 333 8.89 32.44 -13.91
CA LYS B 333 9.84 31.33 -13.85
C LYS B 333 10.37 30.93 -15.22
N PHE B 334 9.51 30.83 -16.22
CA PHE B 334 9.87 30.13 -17.45
C PHE B 334 9.98 31.02 -18.68
N GLU B 335 9.40 32.23 -18.68
CA GLU B 335 9.41 33.03 -19.89
C GLU B 335 10.82 33.24 -20.40
N ALA B 336 11.75 33.59 -19.52
CA ALA B 336 13.12 33.82 -19.97
C ALA B 336 13.71 32.55 -20.58
N TRP B 337 13.32 31.37 -20.09
CA TRP B 337 13.82 30.14 -20.71
C TRP B 337 13.27 29.95 -22.11
N PHE B 338 11.99 30.32 -22.33
CA PHE B 338 11.40 30.15 -23.66
C PHE B 338 12.09 31.06 -24.68
N VAL B 339 12.48 32.26 -24.25
CA VAL B 339 13.23 33.16 -25.11
C VAL B 339 14.65 32.65 -25.34
N LYS B 340 15.32 32.24 -24.25
CA LYS B 340 16.67 31.69 -24.38
C LYS B 340 16.72 30.53 -25.37
N TYR B 341 15.72 29.65 -25.34
CA TYR B 341 15.76 28.48 -26.22
C TYR B 341 14.98 28.69 -27.51
N LYS B 342 14.47 29.90 -27.75
CA LYS B 342 13.79 30.24 -29.00
C LYS B 342 12.68 29.24 -29.30
N VAL B 343 11.80 29.05 -28.32
CA VAL B 343 10.57 28.30 -28.55
C VAL B 343 9.80 28.94 -29.69
N ASP B 344 9.29 28.12 -30.60
CA ASP B 344 8.54 28.61 -31.75
C ASP B 344 7.17 29.11 -31.35
N VAL B 345 6.45 28.33 -30.55
CA VAL B 345 5.07 28.69 -30.21
C VAL B 345 4.73 28.11 -28.85
N VAL B 346 3.88 28.82 -28.11
CA VAL B 346 3.32 28.34 -26.85
C VAL B 346 1.81 28.37 -26.98
N PHE B 347 1.18 27.22 -26.78
CA PHE B 347 -0.27 27.09 -26.82
C PHE B 347 -0.82 26.95 -25.41
N ALA B 348 -1.92 27.65 -25.14
CA ALA B 348 -2.62 27.52 -23.87
C ALA B 348 -4.12 27.57 -24.12
N GLY B 349 -4.87 27.21 -23.08
CA GLY B 349 -6.33 27.28 -23.10
C GLY B 349 -6.84 28.16 -21.97
N HIS B 350 -7.75 27.62 -21.15
CA HIS B 350 -8.19 28.24 -19.90
C HIS B 350 -9.07 29.47 -20.17
N VAL B 351 -8.61 30.39 -21.00
CA VAL B 351 -9.49 31.47 -21.45
C VAL B 351 -10.36 30.96 -22.60
N HIS B 352 -11.68 31.11 -22.44
CA HIS B 352 -12.64 30.57 -23.40
C HIS B 352 -12.78 31.53 -24.57
N ALA B 353 -11.71 31.60 -25.36
CA ALA B 353 -11.63 32.52 -26.48
C ALA B 353 -10.34 32.29 -27.23
N TYR B 354 -10.10 33.07 -28.27
CA TYR B 354 -8.93 32.91 -29.12
C TYR B 354 -8.06 34.15 -29.04
N GLU B 355 -6.73 33.96 -28.99
CA GLU B 355 -5.82 35.08 -29.04
C GLU B 355 -4.48 34.62 -29.60
N ARG B 356 -3.87 35.47 -30.43
CA ARG B 356 -2.52 35.25 -30.95
C ARG B 356 -1.68 36.48 -30.63
N SER B 357 -0.59 36.28 -29.90
CA SER B 357 0.26 37.40 -29.54
C SER B 357 1.30 37.68 -30.64
N GLU B 358 1.89 38.89 -30.57
CA GLU B 358 3.17 39.17 -31.22
C GLU B 358 4.29 38.40 -30.51
N ARG B 359 5.42 38.24 -31.21
CA ARG B 359 6.63 37.74 -30.53
C ARG B 359 7.11 38.84 -29.60
N VAL B 360 6.90 38.67 -28.29
CA VAL B 360 7.29 39.66 -27.30
C VAL B 360 7.92 38.97 -26.10
N SER B 361 8.60 39.77 -25.28
CA SER B 361 9.15 39.29 -24.03
C SER B 361 9.03 40.39 -22.98
N ASN B 362 9.02 39.96 -21.72
CA ASN B 362 8.91 40.87 -20.58
C ASN B 362 9.85 40.34 -19.48
N ILE B 363 11.16 40.34 -19.78
CA ILE B 363 12.13 39.61 -18.96
C ILE B 363 13.23 40.51 -18.41
N ALA B 364 13.09 41.83 -18.49
CA ALA B 364 14.12 42.75 -18.00
C ALA B 364 13.81 43.39 -16.65
N TYR B 365 12.69 43.01 -16.02
CA TYR B 365 12.25 43.66 -14.80
C TYR B 365 13.15 43.32 -13.62
N LYS B 366 13.50 44.34 -12.82
CA LYS B 366 14.33 44.16 -11.65
C LYS B 366 13.75 44.90 -10.44
N ILE B 367 12.41 44.90 -10.32
CA ILE B 367 11.69 45.46 -9.16
C ILE B 367 11.69 46.99 -9.23
N THR B 368 12.86 47.60 -9.27
CA THR B 368 12.95 49.05 -9.18
C THR B 368 13.36 49.74 -10.48
N ASN B 369 13.64 49.00 -11.55
CA ASN B 369 14.19 49.63 -12.75
C ASN B 369 13.12 50.09 -13.73
N GLY B 370 11.84 49.90 -13.41
CA GLY B 370 10.76 50.33 -14.28
C GLY B 370 10.66 49.64 -15.63
N LEU B 371 11.32 48.50 -15.83
CA LEU B 371 11.27 47.82 -17.13
C LEU B 371 10.22 46.71 -17.08
N CYS B 372 8.94 47.10 -17.20
CA CYS B 372 7.84 46.16 -16.99
C CYS B 372 6.87 46.10 -18.17
N THR B 373 7.28 46.56 -19.32
CA THR B 373 6.41 46.55 -20.49
C THR B 373 6.88 45.49 -21.48
N PRO B 374 5.98 44.61 -21.96
CA PRO B 374 6.36 43.71 -23.06
C PRO B 374 6.92 44.48 -24.24
N VAL B 375 8.06 44.04 -24.75
CA VAL B 375 8.66 44.64 -25.93
C VAL B 375 8.76 43.57 -27.01
N LYS B 376 8.88 44.02 -28.26
CA LYS B 376 9.07 43.08 -29.36
C LYS B 376 10.37 42.32 -29.19
N ASP B 377 10.34 41.01 -29.49
CA ASP B 377 11.50 40.14 -29.27
C ASP B 377 11.43 38.97 -30.24
N GLN B 378 12.24 39.04 -31.30
CA GLN B 378 12.25 38.04 -32.35
C GLN B 378 12.73 36.68 -31.87
N SER B 379 13.30 36.60 -30.68
CA SER B 379 13.72 35.33 -30.13
C SER B 379 12.63 34.68 -29.29
N ALA B 380 11.49 35.30 -29.16
CA ALA B 380 10.43 34.81 -28.29
C ALA B 380 9.45 33.97 -29.07
N PRO B 381 8.70 33.09 -28.40
CA PRO B 381 7.63 32.37 -29.10
C PRO B 381 6.44 33.29 -29.35
N VAL B 382 5.59 32.86 -30.29
CA VAL B 382 4.23 33.38 -30.34
C VAL B 382 3.43 32.66 -29.26
N TYR B 383 2.58 33.40 -28.54
CA TYR B 383 1.69 32.83 -27.54
C TYR B 383 0.27 32.83 -28.11
N ILE B 384 -0.34 31.66 -28.20
CA ILE B 384 -1.69 31.51 -28.75
C ILE B 384 -2.59 30.93 -27.66
N THR B 385 -3.67 31.64 -27.35
CA THR B 385 -4.74 31.11 -26.51
C THR B 385 -5.77 30.45 -27.42
N ILE B 386 -6.08 29.20 -27.15
CA ILE B 386 -6.98 28.43 -28.00
C ILE B 386 -7.96 27.63 -27.13
N GLY B 387 -8.40 28.24 -26.02
CA GLY B 387 -9.29 27.55 -25.10
C GLY B 387 -10.76 27.67 -25.47
N ASP B 388 -11.08 27.69 -26.77
CA ASP B 388 -12.40 28.09 -27.21
C ASP B 388 -13.18 26.96 -27.89
N ALA B 389 -12.87 25.71 -27.57
CA ALA B 389 -13.54 24.58 -28.23
C ALA B 389 -14.99 24.37 -27.78
N GLY B 390 -15.44 25.04 -26.72
CA GLY B 390 -16.86 24.97 -26.37
C GLY B 390 -17.23 24.91 -24.90
N ASN B 391 -16.37 24.31 -24.07
CA ASN B 391 -16.63 24.07 -22.65
C ASN B 391 -18.10 23.72 -22.39
N TYR B 392 -18.73 24.35 -21.39
CA TYR B 392 -20.15 24.17 -21.13
C TYR B 392 -21.00 25.25 -21.83
N GLY B 393 -20.49 25.86 -22.90
CA GLY B 393 -21.27 26.75 -23.72
C GLY B 393 -21.10 28.24 -23.46
N VAL B 394 -20.08 28.66 -22.75
CA VAL B 394 -19.88 30.07 -22.44
C VAL B 394 -18.59 30.57 -23.10
N ILE B 395 -18.69 31.70 -23.78
CA ILE B 395 -17.53 32.33 -24.40
C ILE B 395 -17.10 33.49 -23.53
N ASP B 396 -15.82 33.81 -23.57
CA ASP B 396 -15.24 34.91 -22.78
C ASP B 396 -15.12 36.11 -23.69
N SER B 397 -16.05 37.07 -23.56
CA SER B 397 -16.11 38.21 -24.47
C SER B 397 -15.58 39.52 -23.88
N ASN B 398 -15.41 39.61 -22.56
CA ASN B 398 -14.91 40.83 -21.94
C ASN B 398 -13.41 40.91 -22.20
N MET B 399 -13.01 41.75 -23.13
CA MET B 399 -11.61 42.00 -23.44
C MET B 399 -11.18 43.33 -22.86
N ILE B 400 -9.96 43.37 -22.33
CA ILE B 400 -9.39 44.63 -21.88
C ILE B 400 -9.05 45.49 -23.08
N GLN B 401 -9.52 46.77 -23.07
CA GLN B 401 -9.43 47.75 -24.14
C GLN B 401 -8.49 48.90 -23.78
N PRO B 402 -7.74 49.44 -24.76
CA PRO B 402 -7.72 48.92 -26.13
C PRO B 402 -6.84 47.67 -26.22
N GLN B 403 -6.93 46.95 -27.34
CA GLN B 403 -6.06 45.82 -27.57
C GLN B 403 -4.60 46.23 -27.39
N PRO B 404 -3.87 45.62 -26.46
CA PRO B 404 -2.49 46.03 -26.22
C PRO B 404 -1.58 45.65 -27.37
N GLU B 405 -0.46 46.38 -27.46
CA GLU B 405 0.49 46.15 -28.54
C GLU B 405 0.95 44.70 -28.62
N TYR B 406 1.06 44.00 -27.49
CA TYR B 406 1.53 42.61 -27.53
C TYR B 406 0.52 41.65 -28.13
N SER B 407 -0.74 42.04 -28.29
CA SER B 407 -1.77 41.15 -28.81
C SER B 407 -1.94 41.37 -30.32
N ALA B 408 -1.63 40.36 -31.13
CA ALA B 408 -1.75 40.53 -32.57
C ALA B 408 -3.20 40.36 -33.04
N PHE B 409 -3.92 39.35 -32.54
CA PHE B 409 -5.29 39.08 -32.99
C PHE B 409 -6.03 38.38 -31.85
N ARG B 410 -7.27 38.81 -31.61
CA ARG B 410 -8.09 38.13 -30.61
C ARG B 410 -9.56 38.23 -31.01
N GLU B 411 -10.32 37.20 -30.66
CA GLU B 411 -11.75 37.15 -30.96
C GLU B 411 -12.40 36.12 -30.04
N ALA B 412 -13.60 36.45 -29.55
CA ALA B 412 -14.35 35.58 -28.65
C ALA B 412 -15.38 34.81 -29.46
N SER B 413 -14.91 33.75 -30.13
CA SER B 413 -15.74 32.82 -30.88
C SER B 413 -15.27 31.39 -30.61
N PHE B 414 -16.20 30.45 -30.68
CA PHE B 414 -15.85 29.04 -30.55
C PHE B 414 -15.13 28.55 -31.79
N GLY B 415 -14.20 27.62 -31.60
CA GLY B 415 -13.51 27.04 -32.73
C GLY B 415 -12.27 26.29 -32.28
N HIS B 416 -11.37 26.06 -33.24
CA HIS B 416 -10.18 25.26 -33.01
C HIS B 416 -9.07 25.73 -33.94
N GLY B 417 -7.87 25.19 -33.73
CA GLY B 417 -6.73 25.58 -34.53
C GLY B 417 -6.02 24.44 -35.24
N MET B 418 -5.19 24.78 -36.22
N MET B 418 -5.17 24.78 -36.21
CA MET B 418 -4.34 23.81 -36.91
CA MET B 418 -4.35 23.79 -36.91
C MET B 418 -2.94 24.40 -37.02
C MET B 418 -2.95 24.37 -37.07
N PHE B 419 -1.95 23.64 -36.54
CA PHE B 419 -0.54 24.00 -36.69
C PHE B 419 0.00 23.01 -37.72
N ASP B 420 0.14 23.48 -38.95
CA ASP B 420 0.42 22.62 -40.10
C ASP B 420 1.88 22.79 -40.54
N ILE B 421 2.74 21.88 -40.12
CA ILE B 421 4.17 21.96 -40.40
C ILE B 421 4.45 21.50 -41.82
N LYS B 422 5.16 22.33 -42.59
CA LYS B 422 5.49 22.02 -43.98
C LYS B 422 6.91 21.53 -44.15
N ASN B 423 7.85 22.08 -43.39
CA ASN B 423 9.25 21.69 -43.44
C ASN B 423 9.96 22.41 -42.31
N ARG B 424 11.30 22.35 -42.31
CA ARG B 424 12.06 22.90 -41.21
C ARG B 424 11.94 24.42 -41.10
N THR B 425 11.52 25.11 -42.16
CA THR B 425 11.46 26.57 -42.11
C THR B 425 10.07 27.13 -41.92
N HIS B 426 9.03 26.42 -42.39
CA HIS B 426 7.68 26.98 -42.49
C HIS B 426 6.66 26.08 -41.82
N ALA B 427 5.79 26.69 -41.02
CA ALA B 427 4.60 26.04 -40.52
C ALA B 427 3.46 27.03 -40.65
N HIS B 428 2.28 26.53 -41.00
CA HIS B 428 1.12 27.37 -41.21
C HIS B 428 0.15 27.16 -40.06
N PHE B 429 -0.16 28.22 -39.35
CA PHE B 429 -1.18 28.17 -38.30
C PHE B 429 -2.46 28.79 -38.80
N SER B 430 -3.58 28.14 -38.50
CA SER B 430 -4.88 28.63 -38.90
C SER B 430 -5.87 28.38 -37.77
N TRP B 431 -6.87 29.26 -37.69
CA TRP B 431 -7.93 29.21 -36.70
C TRP B 431 -9.25 29.14 -37.45
N ASN B 432 -10.09 28.16 -37.12
CA ASN B 432 -11.37 27.97 -37.77
C ASN B 432 -12.49 28.16 -36.76
N ARG B 433 -13.44 29.04 -37.06
CA ARG B 433 -14.59 29.31 -36.20
C ARG B 433 -15.74 28.36 -36.48
N ASN B 434 -16.47 28.02 -35.41
CA ASN B 434 -17.60 27.12 -35.55
C ASN B 434 -18.69 27.71 -36.44
N GLN B 435 -18.85 29.04 -36.46
CA GLN B 435 -19.90 29.67 -37.25
C GLN B 435 -19.55 29.87 -38.73
N ASP B 436 -18.34 29.51 -39.15
CA ASP B 436 -17.94 29.55 -40.55
C ASP B 436 -17.99 28.14 -41.14
N GLY B 437 -17.80 28.05 -42.46
CA GLY B 437 -17.61 26.76 -43.09
C GLY B 437 -16.30 26.13 -42.66
N VAL B 438 -16.26 24.79 -42.74
CA VAL B 438 -15.14 24.03 -42.19
C VAL B 438 -13.83 24.37 -42.88
N ALA B 439 -13.86 24.95 -44.08
CA ALA B 439 -12.66 25.30 -44.81
C ALA B 439 -12.26 26.76 -44.67
N VAL B 440 -13.01 27.56 -43.91
CA VAL B 440 -12.75 28.99 -43.78
C VAL B 440 -11.79 29.24 -42.62
N GLU B 441 -10.64 29.87 -42.92
CA GLU B 441 -9.67 30.28 -41.90
C GLU B 441 -9.94 31.73 -41.52
N ALA B 442 -10.47 31.97 -40.33
CA ALA B 442 -10.69 33.33 -39.85
C ALA B 442 -9.41 34.00 -39.35
N ASP B 443 -8.41 33.24 -38.98
CA ASP B 443 -7.10 33.81 -38.71
C ASP B 443 -6.09 32.81 -39.23
N SER B 444 -4.93 33.33 -39.63
CA SER B 444 -3.98 32.51 -40.37
C SER B 444 -2.64 33.24 -40.38
N VAL B 445 -1.57 32.53 -40.04
CA VAL B 445 -0.24 33.13 -40.09
C VAL B 445 0.78 32.06 -40.40
N TRP B 446 1.78 32.43 -41.19
CA TRP B 446 2.92 31.57 -41.44
C TRP B 446 3.98 31.77 -40.35
N PHE B 447 4.39 30.67 -39.73
CA PHE B 447 5.50 30.70 -38.77
C PHE B 447 6.81 30.48 -39.53
N PHE B 448 7.80 31.34 -39.26
CA PHE B 448 9.18 31.09 -39.67
C PHE B 448 9.94 30.50 -38.49
N ASN B 449 10.50 29.31 -38.67
CA ASN B 449 11.18 28.59 -37.61
C ASN B 449 12.27 29.43 -36.95
N ARG B 450 12.24 29.50 -35.61
CA ARG B 450 13.17 30.38 -34.89
C ARG B 450 14.63 29.96 -35.08
N HIS B 451 14.87 28.68 -35.37
CA HIS B 451 16.24 28.23 -35.58
C HIS B 451 16.64 28.23 -37.07
N TRP B 452 15.79 27.68 -37.95
CA TRP B 452 16.15 27.49 -39.35
C TRP B 452 15.75 28.64 -40.27
N TYR B 453 14.87 29.53 -39.82
CA TYR B 453 14.49 30.66 -40.64
C TYR B 453 14.26 31.89 -39.75
N PRO B 454 15.29 32.36 -39.02
CA PRO B 454 15.09 33.40 -37.99
C PRO B 454 14.87 34.79 -38.58
N VAL B 455 13.71 34.98 -39.19
CA VAL B 455 13.34 36.22 -39.86
C VAL B 455 11.98 36.65 -39.33
N ASP B 456 11.75 37.97 -39.32
CA ASP B 456 10.50 38.53 -38.82
C ASP B 456 9.32 37.95 -39.58
N ASP B 457 8.44 37.24 -38.86
CA ASP B 457 7.24 36.66 -39.45
C ASP B 457 5.96 37.30 -38.92
N SER B 458 6.06 38.52 -38.38
CA SER B 458 4.90 39.18 -37.81
C SER B 458 3.88 39.54 -38.89
N THR B 459 2.62 39.64 -38.46
CA THR B 459 1.54 40.04 -39.35
C THR B 459 1.34 41.56 -39.31
N ASN C 35 -33.29 -22.33 -6.07
CA ASN C 35 -34.37 -23.20 -5.63
C ASN C 35 -35.19 -22.52 -4.50
N ARG C 36 -34.71 -22.58 -3.26
CA ARG C 36 -35.50 -22.17 -2.09
C ARG C 36 -35.02 -20.87 -1.42
N ASP C 37 -34.09 -20.14 -2.02
CA ASP C 37 -33.67 -18.87 -1.43
C ASP C 37 -34.81 -17.85 -1.51
N MET C 38 -34.94 -17.03 -0.47
CA MET C 38 -35.98 -16.01 -0.47
C MET C 38 -35.71 -15.00 -1.58
N PRO C 39 -36.74 -14.60 -2.34
CA PRO C 39 -36.52 -13.65 -3.44
C PRO C 39 -36.15 -12.26 -2.94
N LEU C 40 -35.50 -11.50 -3.82
CA LEU C 40 -35.00 -10.17 -3.49
C LEU C 40 -36.09 -9.24 -2.96
N ASP C 41 -37.34 -9.39 -3.41
CA ASP C 41 -38.38 -8.47 -2.96
C ASP C 41 -39.05 -8.90 -1.65
N SER C 42 -38.56 -9.98 -1.01
CA SER C 42 -39.14 -10.44 0.26
C SER C 42 -39.08 -9.34 1.31
N ASP C 43 -40.01 -9.42 2.28
CA ASP C 43 -40.10 -8.39 3.30
C ASP C 43 -38.86 -8.34 4.19
N VAL C 44 -38.19 -9.47 4.42
CA VAL C 44 -36.98 -9.50 5.26
C VAL C 44 -35.83 -8.72 4.61
N PHE C 45 -35.87 -8.50 3.30
CA PHE C 45 -34.82 -7.78 2.57
C PHE C 45 -35.14 -6.31 2.31
N ARG C 46 -36.19 -5.78 2.92
CA ARG C 46 -36.55 -4.38 2.66
C ARG C 46 -35.44 -3.42 3.09
N VAL C 47 -35.32 -2.32 2.35
CA VAL C 47 -34.28 -1.33 2.58
C VAL C 47 -34.82 -0.29 3.56
N PRO C 48 -34.16 -0.05 4.69
CA PRO C 48 -34.54 1.07 5.59
C PRO C 48 -34.64 2.39 4.84
N PRO C 49 -35.78 3.08 4.95
CA PRO C 49 -36.03 4.24 4.08
C PRO C 49 -35.34 5.50 4.57
N GLY C 50 -35.23 6.46 3.67
CA GLY C 50 -34.59 7.72 3.96
C GLY C 50 -33.19 7.79 3.39
N TYR C 51 -32.75 9.00 3.07
CA TYR C 51 -31.47 9.16 2.40
C TYR C 51 -30.33 8.66 3.28
N ASN C 52 -29.50 7.75 2.72
CA ASN C 52 -28.32 7.17 3.36
C ASN C 52 -28.62 6.55 4.72
N ALA C 53 -29.79 5.95 4.86
CA ALA C 53 -30.13 5.31 6.13
C ALA C 53 -29.22 4.12 6.39
N PRO C 54 -28.63 4.01 7.57
CA PRO C 54 -27.88 2.80 7.91
C PRO C 54 -28.69 1.54 7.64
N GLN C 55 -28.04 0.54 7.08
CA GLN C 55 -28.68 -0.75 6.88
C GLN C 55 -27.66 -1.82 7.23
N GLN C 56 -28.12 -3.06 7.35
CA GLN C 56 -27.26 -4.19 7.76
C GLN C 56 -26.56 -3.87 9.08
N VAL C 57 -27.33 -3.41 10.06
CA VAL C 57 -26.76 -3.06 11.36
C VAL C 57 -26.52 -4.34 12.15
N HIS C 58 -25.33 -4.47 12.75
CA HIS C 58 -25.01 -5.67 13.52
C HIS C 58 -23.95 -5.33 14.55
N ILE C 59 -24.04 -6.00 15.71
CA ILE C 59 -23.15 -5.76 16.84
C ILE C 59 -22.51 -7.08 17.27
N THR C 60 -21.36 -6.96 17.94
CA THR C 60 -20.72 -8.11 18.59
C THR C 60 -19.85 -7.57 19.72
N GLN C 61 -19.40 -8.48 20.58
CA GLN C 61 -18.59 -8.07 21.71
C GLN C 61 -17.28 -7.46 21.23
N GLY C 62 -16.89 -6.34 21.84
CA GLY C 62 -15.79 -5.55 21.33
C GLY C 62 -14.51 -5.56 22.16
N ASP C 63 -14.52 -6.34 23.24
CA ASP C 63 -13.36 -6.48 24.13
C ASP C 63 -13.37 -7.90 24.68
N LEU C 64 -12.49 -8.13 25.66
CA LEU C 64 -12.31 -9.48 26.19
C LEU C 64 -13.39 -9.86 27.18
N VAL C 65 -13.88 -8.91 27.99
CA VAL C 65 -14.70 -9.24 29.14
C VAL C 65 -16.13 -8.67 29.05
N GLY C 66 -16.47 -7.95 27.99
CA GLY C 66 -17.84 -7.55 27.75
C GLY C 66 -18.20 -6.10 28.02
N ARG C 67 -17.23 -5.23 28.30
CA ARG C 67 -17.49 -3.80 28.48
C ARG C 67 -17.43 -3.02 27.17
N ALA C 68 -17.29 -3.69 26.04
CA ALA C 68 -17.20 -3.01 24.76
C ALA C 68 -18.07 -3.73 23.74
N MET C 69 -18.48 -2.99 22.71
CA MET C 69 -19.32 -3.51 21.63
C MET C 69 -18.87 -2.91 20.30
N ILE C 70 -18.62 -3.78 19.33
CA ILE C 70 -18.39 -3.33 17.96
C ILE C 70 -19.75 -3.14 17.29
N ILE C 71 -19.96 -1.95 16.74
CA ILE C 71 -21.21 -1.58 16.05
C ILE C 71 -20.90 -1.44 14.57
N SER C 72 -21.68 -2.10 13.72
CA SER C 72 -21.35 -2.16 12.31
C SER C 72 -22.58 -1.95 11.45
N TRP C 73 -22.41 -1.25 10.34
CA TRP C 73 -23.52 -0.96 9.44
C TRP C 73 -22.99 -0.51 8.09
N VAL C 74 -23.90 -0.38 7.13
CA VAL C 74 -23.59 -0.04 5.75
C VAL C 74 -24.48 1.12 5.32
N THR C 75 -23.89 2.10 4.65
CA THR C 75 -24.62 3.18 4.01
C THR C 75 -24.43 3.05 2.50
N MET C 76 -25.50 3.25 1.73
CA MET C 76 -25.42 2.99 0.31
C MET C 76 -25.37 4.24 -0.56
N ASP C 77 -25.79 5.40 -0.05
CA ASP C 77 -25.87 6.57 -0.91
C ASP C 77 -24.60 7.41 -0.90
N GLU C 78 -23.92 7.48 0.23
CA GLU C 78 -22.63 8.17 0.32
C GLU C 78 -21.93 7.70 1.59
N PRO C 79 -20.63 8.00 1.74
CA PRO C 79 -19.89 7.51 2.92
C PRO C 79 -20.58 7.74 4.25
N GLY C 80 -21.06 8.95 4.49
CA GLY C 80 -21.66 9.21 5.78
C GLY C 80 -20.62 9.21 6.88
N SER C 81 -21.11 9.33 8.12
CA SER C 81 -20.26 9.40 9.29
C SER C 81 -20.20 8.05 10.01
N SER C 82 -19.05 7.78 10.64
CA SER C 82 -18.86 6.54 11.40
C SER C 82 -19.11 6.72 12.89
N ALA C 83 -19.77 7.81 13.27
CA ALA C 83 -19.98 8.09 14.68
C ALA C 83 -21.18 7.30 15.20
N VAL C 84 -21.08 6.85 16.45
CA VAL C 84 -22.18 6.21 17.14
C VAL C 84 -22.49 7.03 18.39
N ARG C 85 -23.73 7.47 18.52
CA ARG C 85 -24.21 8.10 19.74
C ARG C 85 -24.80 7.02 20.64
N TYR C 86 -24.46 7.03 21.93
CA TYR C 86 -24.97 5.99 22.79
C TYR C 86 -25.16 6.54 24.20
N TRP C 87 -26.06 5.90 24.94
CA TRP C 87 -26.35 6.31 26.29
C TRP C 87 -27.08 5.18 26.99
N SER C 88 -26.91 5.10 28.30
CA SER C 88 -27.65 4.09 29.05
C SER C 88 -29.06 4.59 29.37
N GLU C 89 -29.96 3.63 29.60
CA GLU C 89 -31.31 3.98 30.04
C GLU C 89 -31.29 4.67 31.39
N LYS C 90 -30.31 4.36 32.25
CA LYS C 90 -30.28 4.93 33.60
C LYS C 90 -29.64 6.32 33.60
N ASN C 91 -28.32 6.38 33.43
CA ASN C 91 -27.58 7.63 33.43
C ASN C 91 -28.18 8.63 32.44
N GLY C 92 -28.37 8.20 31.20
CA GLY C 92 -28.94 9.06 30.18
C GLY C 92 -27.96 10.03 29.54
N ARG C 93 -26.67 9.98 29.89
CA ARG C 93 -25.69 10.90 29.33
C ARG C 93 -25.21 10.38 27.98
N LYS C 94 -25.44 11.17 26.94
CA LYS C 94 -25.18 10.76 25.56
C LYS C 94 -23.73 11.04 25.20
N ARG C 95 -23.05 10.01 24.69
CA ARG C 95 -21.65 10.11 24.28
C ARG C 95 -21.50 9.67 22.82
N ILE C 96 -20.40 10.11 22.21
CA ILE C 96 -20.07 9.82 20.82
C ILE C 96 -18.81 8.95 20.78
N ALA C 97 -18.89 7.84 20.04
CA ALA C 97 -17.71 7.03 19.72
C ALA C 97 -17.43 7.13 18.22
N LYS C 98 -16.15 7.31 17.88
CA LYS C 98 -15.72 7.45 16.49
C LYS C 98 -15.21 6.14 15.95
N GLY C 99 -15.52 5.84 14.69
CA GLY C 99 -15.08 4.60 14.06
C GLY C 99 -14.48 4.78 12.69
N LYS C 100 -14.49 3.75 11.86
CA LYS C 100 -13.81 3.81 10.56
C LYS C 100 -14.70 3.26 9.47
N MET C 101 -14.50 3.77 8.26
CA MET C 101 -15.25 3.37 7.08
C MET C 101 -14.32 2.64 6.11
N SER C 102 -14.83 1.58 5.46
CA SER C 102 -14.04 0.85 4.48
C SER C 102 -14.95 0.43 3.34
N THR C 103 -14.34 0.10 2.20
CA THR C 103 -15.05 -0.40 1.04
C THR C 103 -14.26 -1.57 0.47
N TYR C 104 -14.91 -2.36 -0.39
CA TYR C 104 -14.19 -3.41 -1.13
C TYR C 104 -14.88 -3.64 -2.47
N ARG C 105 -14.14 -4.29 -3.36
CA ARG C 105 -14.68 -4.78 -4.62
C ARG C 105 -14.52 -6.28 -4.66
N PHE C 106 -15.41 -6.94 -5.38
CA PHE C 106 -15.29 -8.37 -5.66
C PHE C 106 -15.75 -8.54 -7.10
N PHE C 107 -14.83 -8.88 -8.01
CA PHE C 107 -15.19 -8.99 -9.43
C PHE C 107 -15.87 -7.70 -9.91
N ASN C 108 -17.09 -7.79 -10.43
CA ASN C 108 -17.78 -6.58 -10.91
C ASN C 108 -18.65 -5.93 -9.84
N TYR C 109 -18.59 -6.42 -8.60
CA TYR C 109 -19.33 -5.85 -7.48
C TYR C 109 -18.49 -4.79 -6.77
N SER C 110 -19.15 -3.70 -6.38
CA SER C 110 -18.57 -2.65 -5.55
C SER C 110 -19.43 -2.50 -4.30
N SER C 111 -18.83 -2.68 -3.13
CA SER C 111 -19.57 -2.58 -1.89
C SER C 111 -20.04 -1.15 -1.66
N GLY C 112 -21.02 -1.02 -0.77
CA GLY C 112 -21.33 0.26 -0.19
C GLY C 112 -20.28 0.58 0.87
N PHE C 113 -20.61 1.54 1.73
CA PHE C 113 -19.65 2.10 2.68
C PHE C 113 -19.86 1.42 4.03
N ILE C 114 -18.85 0.68 4.47
CA ILE C 114 -18.93 -0.19 5.64
C ILE C 114 -18.36 0.54 6.84
N HIS C 115 -19.10 0.56 7.95
CA HIS C 115 -18.70 1.27 9.15
C HIS C 115 -18.50 0.29 10.29
N HIS C 116 -17.41 0.43 11.02
CA HIS C 116 -17.18 -0.31 12.25
C HIS C 116 -16.74 0.67 13.32
N THR C 117 -17.39 0.62 14.47
CA THR C 117 -17.13 1.56 15.55
C THR C 117 -17.24 0.82 16.87
N THR C 118 -16.25 1.00 17.73
CA THR C 118 -16.26 0.32 19.02
C THR C 118 -16.67 1.31 20.12
N ILE C 119 -17.70 0.96 20.85
CA ILE C 119 -18.11 1.65 22.07
CA ILE C 119 -18.04 1.69 22.07
C ILE C 119 -17.39 0.96 23.23
N ARG C 120 -16.80 1.73 24.13
CA ARG C 120 -15.95 1.18 25.17
C ARG C 120 -16.38 1.65 26.55
N LYS C 121 -15.79 1.01 27.55
CA LYS C 121 -15.92 1.40 28.96
C LYS C 121 -17.39 1.46 29.36
N LEU C 122 -18.18 0.52 28.86
CA LEU C 122 -19.59 0.44 29.24
C LEU C 122 -19.75 -0.19 30.62
N LYS C 123 -20.87 0.10 31.26
CA LYS C 123 -21.21 -0.50 32.54
C LYS C 123 -21.80 -1.89 32.30
N TYR C 124 -21.55 -2.80 33.24
CA TYR C 124 -22.10 -4.14 33.14
C TYR C 124 -23.62 -4.15 33.38
N ASN C 125 -24.26 -5.19 32.84
CA ASN C 125 -25.67 -5.48 33.11
C ASN C 125 -26.57 -4.25 32.89
N THR C 126 -26.29 -3.48 31.84
CA THR C 126 -26.98 -2.20 31.62
C THR C 126 -27.54 -2.13 30.20
N LYS C 127 -28.79 -1.71 30.06
CA LYS C 127 -29.35 -1.45 28.75
C LYS C 127 -28.83 -0.13 28.21
N TYR C 128 -28.30 -0.15 26.98
CA TYR C 128 -27.85 1.04 26.27
C TYR C 128 -28.64 1.19 24.97
N TYR C 129 -28.95 2.43 24.63
CA TYR C 129 -29.39 2.77 23.28
C TYR C 129 -28.18 3.21 22.48
N TYR C 130 -28.23 2.98 21.18
CA TYR C 130 -27.23 3.56 20.30
C TYR C 130 -27.90 4.00 19.01
N GLU C 131 -27.30 5.00 18.36
CA GLU C 131 -27.82 5.54 17.13
C GLU C 131 -26.71 5.61 16.09
N VAL C 132 -27.04 5.26 14.86
CA VAL C 132 -26.11 5.38 13.74
C VAL C 132 -26.81 6.16 12.64
N GLY C 133 -26.03 6.67 11.70
CA GLY C 133 -26.56 7.51 10.65
C GLY C 133 -26.70 8.96 11.05
N LEU C 134 -25.71 9.48 11.78
CA LEU C 134 -25.90 10.72 12.52
C LEU C 134 -26.00 11.94 11.62
N ARG C 135 -25.57 11.82 10.35
CA ARG C 135 -25.58 12.95 9.43
C ARG C 135 -26.89 13.10 8.69
N ASN C 136 -27.55 12.02 8.28
CA ASN C 136 -28.73 12.20 7.44
C ASN C 136 -29.95 11.48 7.97
N THR C 137 -29.94 10.16 8.02
CA THR C 137 -31.09 9.43 8.56
C THR C 137 -30.61 8.60 9.75
N THR C 138 -31.01 9.01 10.95
CA THR C 138 -30.63 8.31 12.16
C THR C 138 -31.56 7.12 12.42
N ARG C 139 -30.97 6.02 12.85
CA ARG C 139 -31.73 4.84 13.27
C ARG C 139 -31.26 4.46 14.66
N ARG C 140 -32.20 4.09 15.54
CA ARG C 140 -31.91 3.82 16.93
C ARG C 140 -32.11 2.35 17.24
N PHE C 141 -31.24 1.81 18.08
CA PHE C 141 -31.33 0.42 18.53
C PHE C 141 -30.91 0.38 20.00
N SER C 142 -30.84 -0.83 20.56
CA SER C 142 -30.40 -0.99 21.92
C SER C 142 -29.76 -2.37 22.10
N PHE C 143 -28.97 -2.50 23.17
CA PHE C 143 -28.44 -3.78 23.61
C PHE C 143 -28.29 -3.75 25.13
N ILE C 144 -28.06 -4.92 25.73
CA ILE C 144 -27.90 -5.05 27.18
C ILE C 144 -26.56 -5.69 27.46
N THR C 145 -25.63 -4.94 28.07
CA THR C 145 -24.33 -5.49 28.39
C THR C 145 -24.50 -6.72 29.27
N PRO C 146 -23.59 -7.70 29.15
CA PRO C 146 -23.66 -8.87 30.03
C PRO C 146 -23.30 -8.48 31.45
N PRO C 147 -23.62 -9.32 32.45
CA PRO C 147 -23.04 -9.13 33.77
C PRO C 147 -21.53 -9.29 33.69
N GLN C 148 -20.87 -8.78 34.72
CA GLN C 148 -19.44 -9.01 34.89
C GLN C 148 -19.13 -10.50 34.96
N THR C 149 -17.98 -10.89 34.40
CA THR C 149 -17.59 -12.30 34.42
C THR C 149 -17.45 -12.78 35.85
N GLY C 150 -17.79 -14.04 36.08
CA GLY C 150 -17.79 -14.58 37.43
C GLY C 150 -18.18 -16.04 37.43
N LEU C 151 -17.89 -16.69 38.56
CA LEU C 151 -18.07 -18.13 38.68
C LEU C 151 -19.54 -18.53 38.54
N ASP C 152 -20.43 -17.80 39.21
CA ASP C 152 -21.84 -18.15 39.27
C ASP C 152 -22.62 -16.98 38.67
N VAL C 153 -22.69 -16.96 37.33
CA VAL C 153 -23.34 -15.92 36.54
C VAL C 153 -24.18 -16.59 35.44
N PRO C 154 -25.49 -16.66 35.57
CA PRO C 154 -26.30 -17.29 34.51
C PRO C 154 -26.27 -16.52 33.19
N TYR C 155 -26.43 -17.25 32.10
CA TYR C 155 -26.48 -16.66 30.77
C TYR C 155 -26.98 -17.69 29.78
N THR C 156 -27.76 -17.22 28.80
CA THR C 156 -28.40 -18.09 27.82
C THR C 156 -27.83 -17.76 26.43
N PHE C 157 -27.21 -18.76 25.80
CA PHE C 157 -26.61 -18.62 24.49
C PHE C 157 -27.45 -19.33 23.44
N GLY C 158 -27.75 -18.63 22.36
CA GLY C 158 -28.32 -19.27 21.20
C GLY C 158 -27.23 -19.89 20.33
N LEU C 159 -27.56 -21.00 19.68
CA LEU C 159 -26.65 -21.68 18.78
C LEU C 159 -27.28 -21.75 17.41
N ILE C 160 -26.59 -21.16 16.44
CA ILE C 160 -27.05 -21.11 15.07
C ILE C 160 -25.87 -21.40 14.18
N GLY C 161 -26.05 -22.29 13.21
CA GLY C 161 -25.01 -22.53 12.23
C GLY C 161 -25.61 -22.65 10.84
N ASP C 162 -24.83 -22.20 9.85
CA ASP C 162 -25.18 -22.40 8.44
C ASP C 162 -26.55 -21.81 8.14
N LEU C 163 -26.73 -20.53 8.50
CA LEU C 163 -28.06 -19.93 8.45
C LEU C 163 -28.55 -19.75 7.01
N GLY C 164 -27.79 -19.02 6.18
CA GLY C 164 -28.27 -18.78 4.82
C GLY C 164 -29.48 -17.84 4.81
N GLN C 165 -30.18 -17.83 3.68
CA GLN C 165 -31.33 -16.93 3.51
C GLN C 165 -32.41 -17.64 2.71
N SER C 166 -32.68 -18.89 3.07
CA SER C 166 -33.84 -19.60 2.54
C SER C 166 -35.05 -19.34 3.45
N PHE C 167 -36.23 -19.79 3.01
CA PHE C 167 -37.40 -19.73 3.89
C PHE C 167 -37.14 -20.51 5.16
N ASP C 168 -36.43 -21.64 5.05
CA ASP C 168 -36.01 -22.36 6.25
C ASP C 168 -35.19 -21.47 7.18
N SER C 169 -34.23 -20.72 6.63
CA SER C 169 -33.46 -19.77 7.44
C SER C 169 -34.40 -18.83 8.20
N ASN C 170 -35.42 -18.30 7.53
CA ASN C 170 -36.30 -17.34 8.18
C ASN C 170 -37.08 -18.00 9.32
N THR C 171 -37.55 -19.22 9.12
CA THR C 171 -38.26 -19.92 10.19
C THR C 171 -37.35 -20.15 11.39
N THR C 172 -36.10 -20.57 11.15
CA THR C 172 -35.18 -20.79 12.26
C THR C 172 -34.99 -19.52 13.08
N LEU C 173 -34.77 -18.39 12.40
CA LEU C 173 -34.57 -17.14 13.12
C LEU C 173 -35.83 -16.75 13.90
N SER C 174 -37.02 -16.95 13.30
CA SER C 174 -38.26 -16.71 14.06
C SER C 174 -38.31 -17.56 15.31
N HIS C 175 -37.96 -18.84 15.20
CA HIS C 175 -38.02 -19.71 16.37
C HIS C 175 -37.07 -19.23 17.46
N TYR C 176 -35.85 -18.83 17.08
CA TYR C 176 -34.91 -18.30 18.08
C TYR C 176 -35.47 -17.04 18.74
N GLU C 177 -36.00 -16.11 17.94
CA GLU C 177 -36.54 -14.87 18.50
C GLU C 177 -37.69 -15.15 19.45
N LEU C 178 -38.48 -16.18 19.18
CA LEU C 178 -39.66 -16.50 19.97
C LEU C 178 -39.40 -17.50 21.09
N SER C 179 -38.17 -17.93 21.29
CA SER C 179 -37.88 -18.92 22.32
C SER C 179 -38.31 -18.38 23.69
N PRO C 180 -39.06 -19.16 24.47
CA PRO C 180 -39.35 -18.73 25.86
C PRO C 180 -38.11 -18.65 26.73
N LYS C 181 -37.01 -19.30 26.35
CA LYS C 181 -35.77 -19.20 27.13
C LYS C 181 -35.04 -17.88 26.94
N LYS C 182 -35.38 -17.11 25.90
CA LYS C 182 -34.81 -15.78 25.68
C LYS C 182 -33.29 -15.79 25.54
N GLY C 183 -32.79 -16.12 24.35
CA GLY C 183 -31.36 -16.06 24.13
C GLY C 183 -30.83 -14.64 24.26
N GLN C 184 -29.64 -14.51 24.84
CA GLN C 184 -29.04 -13.19 25.01
C GLN C 184 -27.85 -12.94 24.12
N THR C 185 -27.27 -13.99 23.52
CA THR C 185 -26.15 -13.87 22.59
C THR C 185 -26.22 -15.09 21.69
N VAL C 186 -25.94 -14.91 20.42
CA VAL C 186 -25.85 -16.03 19.49
C VAL C 186 -24.39 -16.41 19.28
N LEU C 187 -24.08 -17.68 19.51
CA LEU C 187 -22.81 -18.27 19.06
C LEU C 187 -23.06 -18.82 17.67
N PHE C 188 -22.40 -18.25 16.67
CA PHE C 188 -22.66 -18.57 15.27
C PHE C 188 -21.48 -19.35 14.70
N VAL C 189 -21.72 -20.61 14.31
CA VAL C 189 -20.62 -21.52 13.99
C VAL C 189 -20.27 -21.50 12.51
N GLY C 190 -20.69 -20.47 11.78
CA GLY C 190 -20.14 -20.24 10.45
C GLY C 190 -21.08 -20.67 9.34
N ASP C 191 -20.71 -20.21 8.13
CA ASP C 191 -21.52 -20.20 6.90
C ASP C 191 -22.69 -19.25 7.05
N LEU C 192 -22.44 -17.98 6.71
CA LEU C 192 -23.39 -16.91 6.96
C LEU C 192 -24.40 -16.80 5.83
N SER C 193 -24.00 -16.20 4.71
CA SER C 193 -24.95 -15.75 3.69
C SER C 193 -25.12 -16.71 2.54
N TYR C 194 -24.13 -17.56 2.27
CA TYR C 194 -24.14 -18.45 1.09
C TYR C 194 -24.21 -17.65 -0.20
N ALA C 195 -23.69 -16.42 -0.17
CA ALA C 195 -23.59 -15.65 -1.41
C ALA C 195 -22.69 -16.31 -2.43
N ASP C 196 -21.75 -17.15 -1.99
CA ASP C 196 -20.82 -17.71 -2.96
C ASP C 196 -21.46 -18.77 -3.85
N ARG C 197 -22.69 -19.21 -3.56
CA ARG C 197 -23.39 -20.09 -4.49
C ARG C 197 -23.90 -19.37 -5.73
N TYR C 198 -24.05 -18.05 -5.68
CA TYR C 198 -24.56 -17.28 -6.80
C TYR C 198 -23.48 -17.04 -7.85
N PRO C 199 -23.86 -16.69 -9.08
CA PRO C 199 -22.85 -16.38 -10.11
C PRO C 199 -21.94 -15.24 -9.67
N ASN C 200 -20.63 -15.46 -9.83
CA ASN C 200 -19.61 -14.52 -9.37
C ASN C 200 -19.79 -14.16 -7.89
N HIS C 201 -20.34 -15.11 -7.12
CA HIS C 201 -20.55 -14.94 -5.68
C HIS C 201 -21.43 -13.73 -5.36
N ASP C 202 -22.30 -13.34 -6.30
CA ASP C 202 -23.11 -12.12 -6.24
C ASP C 202 -23.23 -11.53 -4.84
N ASN C 203 -22.32 -10.59 -4.51
CA ASN C 203 -22.20 -10.06 -3.15
C ASN C 203 -23.41 -9.23 -2.72
N VAL C 204 -24.32 -8.92 -3.64
CA VAL C 204 -25.65 -8.44 -3.23
C VAL C 204 -26.26 -9.37 -2.18
N ARG C 205 -26.06 -10.68 -2.34
CA ARG C 205 -26.61 -11.60 -1.35
C ARG C 205 -25.91 -11.52 0.00
N TRP C 206 -24.79 -10.81 0.12
CA TRP C 206 -24.29 -10.45 1.44
C TRP C 206 -25.09 -9.30 2.03
N ASP C 207 -25.46 -8.33 1.18
CA ASP C 207 -26.26 -7.19 1.63
C ASP C 207 -27.64 -7.64 2.10
N THR C 208 -28.30 -8.49 1.31
CA THR C 208 -29.61 -8.99 1.72
C THR C 208 -29.52 -9.76 3.03
N TRP C 209 -28.50 -10.60 3.18
CA TRP C 209 -28.35 -11.34 4.43
C TRP C 209 -28.12 -10.39 5.60
N GLY C 210 -27.36 -9.31 5.38
CA GLY C 210 -27.21 -8.31 6.42
C GLY C 210 -28.53 -7.68 6.83
N ARG C 211 -29.39 -7.36 5.85
CA ARG C 211 -30.68 -6.75 6.18
C ARG C 211 -31.61 -7.76 6.83
N PHE C 212 -31.53 -9.03 6.42
CA PHE C 212 -32.37 -10.09 6.99
C PHE C 212 -32.05 -10.32 8.47
N THR C 213 -30.78 -10.40 8.84
CA THR C 213 -30.40 -10.77 10.20
C THR C 213 -30.44 -9.58 11.16
N GLU C 214 -30.54 -8.35 10.64
CA GLU C 214 -30.50 -7.16 11.49
C GLU C 214 -31.51 -7.23 12.62
N ARG C 215 -32.72 -7.73 12.34
CA ARG C 215 -33.75 -7.78 13.38
C ARG C 215 -33.33 -8.58 14.60
N SER C 216 -32.30 -9.42 14.50
CA SER C 216 -31.71 -10.02 15.69
C SER C 216 -30.38 -9.39 16.08
N VAL C 217 -29.42 -9.34 15.15
CA VAL C 217 -28.05 -9.03 15.52
C VAL C 217 -27.81 -7.54 15.78
N ALA C 218 -28.77 -6.67 15.47
CA ALA C 218 -28.65 -5.27 15.86
C ALA C 218 -28.93 -5.06 17.35
N TYR C 219 -29.55 -6.03 18.02
CA TYR C 219 -29.93 -5.86 19.42
C TYR C 219 -29.20 -6.81 20.37
N GLN C 220 -28.52 -7.84 19.88
CA GLN C 220 -27.72 -8.70 20.73
C GLN C 220 -26.53 -9.15 19.92
N PRO C 221 -25.38 -9.34 20.55
CA PRO C 221 -24.20 -9.77 19.78
C PRO C 221 -24.38 -11.17 19.21
N TRP C 222 -23.83 -11.37 18.02
CA TRP C 222 -23.58 -12.70 17.47
C TRP C 222 -22.07 -12.85 17.40
N ILE C 223 -21.58 -14.00 17.85
CA ILE C 223 -20.15 -14.28 17.90
C ILE C 223 -19.80 -15.09 16.66
N TRP C 224 -18.95 -14.51 15.79
CA TRP C 224 -18.74 -15.01 14.44
C TRP C 224 -17.63 -16.04 14.36
N THR C 225 -17.92 -17.18 13.74
CA THR C 225 -16.95 -18.19 13.34
C THR C 225 -16.91 -18.24 11.81
N ALA C 226 -15.72 -18.39 11.22
CA ALA C 226 -15.59 -18.45 9.77
C ALA C 226 -15.77 -19.88 9.26
N GLY C 227 -16.70 -20.06 8.33
CA GLY C 227 -16.98 -21.34 7.70
C GLY C 227 -16.49 -21.36 6.25
N ASN C 228 -16.71 -22.50 5.59
CA ASN C 228 -16.09 -22.62 4.26
C ASN C 228 -16.76 -21.73 3.22
N HIS C 229 -18.05 -21.42 3.40
CA HIS C 229 -18.67 -20.49 2.46
C HIS C 229 -18.18 -19.06 2.61
N GLU C 230 -17.41 -18.76 3.65
CA GLU C 230 -16.77 -17.45 3.75
C GLU C 230 -15.40 -17.38 3.10
N ILE C 231 -14.82 -18.52 2.70
CA ILE C 231 -13.48 -18.49 2.09
C ILE C 231 -13.50 -17.66 0.82
N GLU C 232 -14.43 -17.96 -0.09
CA GLU C 232 -14.59 -17.23 -1.35
C GLU C 232 -13.28 -17.13 -2.12
N PHE C 233 -12.55 -18.25 -2.18
CA PHE C 233 -11.39 -18.37 -3.05
C PHE C 233 -11.89 -18.65 -4.46
N ALA C 234 -11.74 -17.69 -5.35
CA ALA C 234 -12.28 -17.82 -6.71
C ALA C 234 -11.23 -17.32 -7.70
N PRO C 235 -10.16 -18.08 -7.91
CA PRO C 235 -9.08 -17.61 -8.80
C PRO C 235 -9.51 -17.42 -10.23
N GLU C 236 -10.55 -18.15 -10.65
CA GLU C 236 -11.07 -18.06 -12.01
C GLU C 236 -11.70 -16.69 -12.31
N ILE C 237 -12.05 -15.88 -11.30
CA ILE C 237 -12.48 -14.51 -11.52
C ILE C 237 -11.56 -13.58 -10.74
N ASN C 238 -10.32 -14.04 -10.50
CA ASN C 238 -9.24 -13.21 -9.97
C ASN C 238 -9.53 -12.70 -8.57
N GLU C 239 -10.22 -13.50 -7.76
CA GLU C 239 -10.46 -13.16 -6.35
C GLU C 239 -9.80 -14.24 -5.49
N THR C 240 -8.60 -13.94 -4.99
CA THR C 240 -7.78 -14.96 -4.34
C THR C 240 -7.43 -14.63 -2.89
N GLU C 241 -8.01 -13.56 -2.31
CA GLU C 241 -7.79 -13.24 -0.91
C GLU C 241 -8.83 -13.99 -0.07
N PRO C 242 -8.44 -15.04 0.66
CA PRO C 242 -9.44 -15.80 1.43
C PRO C 242 -10.16 -14.92 2.44
N PHE C 243 -11.46 -15.16 2.59
CA PHE C 243 -12.35 -14.56 3.60
C PHE C 243 -12.64 -13.08 3.35
N LYS C 244 -12.28 -12.54 2.21
CA LYS C 244 -12.32 -11.09 1.98
C LYS C 244 -13.67 -10.45 2.29
N PRO C 245 -14.77 -10.83 1.63
CA PRO C 245 -16.03 -10.10 1.90
C PRO C 245 -16.48 -10.25 3.34
N PHE C 246 -16.41 -11.45 3.89
CA PHE C 246 -16.74 -11.67 5.29
C PHE C 246 -15.91 -10.77 6.21
N SER C 247 -14.58 -10.72 5.96
CA SER C 247 -13.70 -9.98 6.86
C SER C 247 -13.90 -8.48 6.77
N TYR C 248 -14.34 -7.97 5.62
CA TYR C 248 -14.70 -6.55 5.54
C TYR C 248 -15.99 -6.27 6.30
N ARG C 249 -16.92 -7.21 6.27
CA ARG C 249 -18.27 -6.95 6.75
C ARG C 249 -18.46 -7.30 8.24
N TYR C 250 -17.69 -8.24 8.76
CA TYR C 250 -17.86 -8.71 10.13
C TYR C 250 -16.51 -8.60 10.84
N HIS C 251 -16.40 -7.65 11.76
CA HIS C 251 -15.20 -7.53 12.56
C HIS C 251 -15.34 -8.28 13.89
N VAL C 252 -14.20 -8.65 14.46
CA VAL C 252 -14.17 -9.33 15.76
C VAL C 252 -13.03 -8.76 16.59
N PRO C 253 -13.13 -8.86 17.93
CA PRO C 253 -12.10 -8.25 18.80
C PRO C 253 -10.88 -9.15 19.00
N TYR C 254 -10.19 -9.49 17.89
CA TYR C 254 -9.18 -10.55 17.99
C TYR C 254 -7.92 -10.09 18.71
N GLU C 255 -7.55 -8.80 18.62
CA GLU C 255 -6.40 -8.31 19.36
C GLU C 255 -6.60 -8.40 20.87
N ALA C 256 -7.86 -8.35 21.35
CA ALA C 256 -8.11 -8.42 22.79
C ALA C 256 -7.61 -9.72 23.41
N SER C 257 -7.54 -10.82 22.65
CA SER C 257 -6.95 -12.06 23.14
C SER C 257 -5.54 -12.29 22.59
N GLN C 258 -4.89 -11.24 22.10
CA GLN C 258 -3.50 -11.32 21.59
C GLN C 258 -3.40 -12.25 20.39
N SER C 259 -4.48 -12.44 19.66
CA SER C 259 -4.44 -13.12 18.37
C SER C 259 -4.00 -12.14 17.28
N THR C 260 -3.34 -12.67 16.25
CA THR C 260 -2.86 -11.86 15.13
C THR C 260 -3.77 -11.93 13.91
N SER C 261 -4.92 -12.59 14.00
CA SER C 261 -5.79 -12.79 12.85
C SER C 261 -7.24 -12.78 13.34
N PRO C 262 -8.16 -12.19 12.60
CA PRO C 262 -9.57 -12.23 13.02
C PRO C 262 -10.16 -13.66 13.04
N PHE C 263 -9.50 -14.64 12.43
CA PHE C 263 -10.15 -15.92 12.23
C PHE C 263 -10.04 -16.86 13.44
N TRP C 264 -9.19 -16.56 14.42
CA TRP C 264 -9.24 -17.28 15.69
C TRP C 264 -9.09 -16.25 16.79
N TYR C 265 -9.86 -16.40 17.87
CA TYR C 265 -9.87 -15.41 18.94
C TYR C 265 -10.68 -15.98 20.08
N SER C 266 -10.64 -15.29 21.22
CA SER C 266 -11.45 -15.68 22.37
C SER C 266 -12.02 -14.46 23.07
N ILE C 267 -13.15 -14.67 23.73
CA ILE C 267 -13.80 -13.66 24.55
C ILE C 267 -14.32 -14.37 25.78
N LYS C 268 -14.58 -13.58 26.82
CA LYS C 268 -15.28 -14.06 28.00
C LYS C 268 -16.59 -13.31 28.11
N ARG C 269 -17.65 -14.01 28.51
CA ARG C 269 -18.96 -13.38 28.65
C ARG C 269 -19.70 -14.11 29.76
N ALA C 270 -20.06 -13.38 30.82
CA ALA C 270 -20.74 -13.96 31.97
C ALA C 270 -19.84 -15.05 32.53
N SER C 271 -20.29 -16.30 32.65
CA SER C 271 -19.47 -17.37 33.20
C SER C 271 -18.83 -18.25 32.11
N ALA C 272 -18.73 -17.76 30.88
CA ALA C 272 -18.18 -18.58 29.80
C ALA C 272 -16.91 -17.98 29.24
N HIS C 273 -15.94 -18.84 28.96
CA HIS C 273 -14.77 -18.53 28.15
C HIS C 273 -14.97 -19.21 26.80
N ILE C 274 -15.07 -18.41 25.73
CA ILE C 274 -15.44 -18.91 24.39
C ILE C 274 -14.22 -18.79 23.48
N ILE C 275 -13.83 -19.91 22.90
CA ILE C 275 -12.67 -19.97 22.01
C ILE C 275 -13.19 -20.23 20.60
N VAL C 276 -12.88 -19.33 19.67
CA VAL C 276 -13.28 -19.45 18.25
C VAL C 276 -12.05 -19.85 17.43
N LEU C 277 -12.17 -20.93 16.66
CA LEU C 277 -11.10 -21.45 15.82
C LEU C 277 -11.48 -21.42 14.36
N SER C 278 -10.46 -21.54 13.51
CA SER C 278 -10.62 -21.40 12.07
C SER C 278 -10.29 -22.73 11.41
N SER C 279 -11.31 -23.43 10.93
CA SER C 279 -11.08 -24.73 10.30
C SER C 279 -10.31 -24.59 9.00
N TYR C 280 -10.37 -23.42 8.35
CA TYR C 280 -9.79 -23.20 7.03
C TYR C 280 -8.60 -22.25 7.07
N SER C 281 -8.00 -22.08 8.24
CA SER C 281 -6.67 -21.50 8.37
C SER C 281 -5.69 -22.62 8.72
N ALA C 282 -4.40 -22.27 8.70
CA ALA C 282 -3.37 -23.21 9.08
C ALA C 282 -3.46 -23.55 10.57
N TYR C 283 -3.16 -24.80 10.92
CA TYR C 283 -3.04 -25.16 12.32
C TYR C 283 -1.93 -26.18 12.53
N GLY C 284 -0.98 -26.28 11.60
CA GLY C 284 0.18 -27.09 11.85
C GLY C 284 0.95 -26.63 13.07
N ARG C 285 1.80 -27.52 13.58
CA ARG C 285 2.70 -27.17 14.66
C ARG C 285 3.54 -25.97 14.28
N GLY C 286 3.60 -24.99 15.18
CA GLY C 286 4.36 -23.78 14.93
C GLY C 286 3.64 -22.67 14.17
N THR C 287 2.44 -22.94 13.63
CA THR C 287 1.72 -21.87 12.92
C THR C 287 1.09 -20.88 13.91
N PRO C 288 0.70 -19.69 13.43
CA PRO C 288 0.03 -18.73 14.32
C PRO C 288 -1.16 -19.29 15.09
N GLN C 289 -2.11 -19.96 14.42
CA GLN C 289 -3.31 -20.40 15.13
C GLN C 289 -2.99 -21.47 16.18
N TYR C 290 -2.10 -22.41 15.84
CA TYR C 290 -1.71 -23.45 16.79
C TYR C 290 -1.00 -22.82 17.99
N THR C 291 -0.01 -21.97 17.73
CA THR C 291 0.72 -21.28 18.79
C THR C 291 -0.24 -20.48 19.66
N TRP C 292 -1.17 -19.74 19.03
CA TRP C 292 -2.10 -18.94 19.81
C TRP C 292 -3.00 -19.81 20.69
N LEU C 293 -3.51 -20.91 20.15
CA LEU C 293 -4.44 -21.73 20.92
C LEU C 293 -3.74 -22.37 22.11
N LYS C 294 -2.53 -22.88 21.92
CA LYS C 294 -1.78 -23.46 23.04
C LYS C 294 -1.57 -22.45 24.17
N LYS C 295 -1.24 -21.21 23.83
CA LYS C 295 -1.11 -20.16 24.85
C LYS C 295 -2.47 -19.80 25.45
N GLU C 296 -3.50 -19.74 24.61
CA GLU C 296 -4.81 -19.32 25.09
C GLU C 296 -5.36 -20.27 26.13
N LEU C 297 -5.22 -21.58 25.89
CA LEU C 297 -5.75 -22.56 26.85
C LEU C 297 -5.11 -22.41 28.23
N ARG C 298 -3.85 -21.96 28.29
CA ARG C 298 -3.18 -21.75 29.57
C ARG C 298 -3.72 -20.54 30.35
N LYS C 299 -4.38 -19.59 29.68
CA LYS C 299 -4.97 -18.45 30.35
C LYS C 299 -6.35 -18.74 30.96
N VAL C 300 -6.96 -19.88 30.63
CA VAL C 300 -8.31 -20.16 31.12
C VAL C 300 -8.27 -20.31 32.64
N LYS C 301 -9.20 -19.65 33.32
CA LYS C 301 -9.36 -19.78 34.77
C LYS C 301 -10.79 -20.24 35.02
N ARG C 302 -10.97 -21.51 35.36
CA ARG C 302 -12.31 -22.05 35.57
C ARG C 302 -12.98 -21.52 36.84
N SER C 303 -12.23 -20.91 37.75
CA SER C 303 -12.84 -20.25 38.89
C SER C 303 -13.43 -18.89 38.53
N GLU C 304 -13.06 -18.33 37.39
CA GLU C 304 -13.68 -17.12 36.89
C GLU C 304 -14.73 -17.40 35.82
N THR C 305 -14.42 -18.27 34.86
CA THR C 305 -15.35 -18.67 33.82
C THR C 305 -15.37 -20.19 33.80
N PRO C 306 -16.30 -20.81 34.52
CA PRO C 306 -16.28 -22.28 34.61
C PRO C 306 -16.68 -22.97 33.31
N TRP C 307 -17.41 -22.29 32.42
CA TRP C 307 -17.91 -22.92 31.19
C TRP C 307 -16.92 -22.66 30.06
N LEU C 308 -16.22 -23.69 29.63
CA LEU C 308 -15.23 -23.57 28.55
C LEU C 308 -15.83 -24.16 27.28
N ILE C 309 -15.94 -23.30 26.27
CA ILE C 309 -16.72 -23.55 25.06
C ILE C 309 -15.84 -23.27 23.85
N VAL C 310 -15.80 -24.20 22.90
CA VAL C 310 -15.05 -24.01 21.67
C VAL C 310 -16.01 -23.93 20.50
N LEU C 311 -15.79 -22.96 19.60
CA LEU C 311 -16.52 -22.89 18.33
C LEU C 311 -15.57 -23.12 17.17
N MET C 312 -16.02 -23.93 16.21
CA MET C 312 -15.29 -24.17 14.96
C MET C 312 -16.32 -24.53 13.91
N HIS C 313 -15.96 -24.38 12.64
CA HIS C 313 -16.99 -24.66 11.65
C HIS C 313 -17.15 -26.15 11.38
N SER C 314 -16.03 -26.85 11.15
CA SER C 314 -16.07 -28.24 10.72
C SER C 314 -15.98 -29.17 11.93
N PRO C 315 -16.92 -30.10 12.10
CA PRO C 315 -16.95 -30.92 13.32
C PRO C 315 -15.85 -31.98 13.37
N LEU C 316 -15.25 -32.14 14.55
CA LEU C 316 -14.29 -33.23 14.75
C LEU C 316 -14.98 -34.58 14.89
N TYR C 317 -16.20 -34.61 15.43
CA TYR C 317 -17.02 -35.82 15.51
C TYR C 317 -18.27 -35.59 14.67
N ASN C 318 -18.54 -36.53 13.75
CA ASN C 318 -19.61 -36.37 12.77
C ASN C 318 -19.88 -37.72 12.09
N SER C 319 -21.07 -38.29 12.32
CA SER C 319 -21.46 -39.57 11.75
C SER C 319 -22.43 -39.43 10.57
N TYR C 320 -22.47 -38.27 9.91
CA TYR C 320 -23.20 -38.13 8.67
C TYR C 320 -22.24 -38.39 7.52
N ASN C 321 -22.78 -38.93 6.43
CA ASN C 321 -21.96 -39.15 5.23
C ASN C 321 -21.39 -37.84 4.69
N HIS C 322 -22.21 -36.79 4.60
CA HIS C 322 -21.73 -35.52 4.06
C HIS C 322 -20.64 -34.92 4.97
N HIS C 323 -19.47 -34.67 4.40
CA HIS C 323 -18.29 -34.14 5.10
C HIS C 323 -17.74 -35.13 6.13
N PHE C 324 -18.05 -36.41 5.99
CA PHE C 324 -17.52 -37.42 6.92
C PHE C 324 -16.00 -37.35 6.96
N MET C 325 -15.45 -37.29 8.17
CA MET C 325 -14.02 -37.30 8.47
C MET C 325 -13.25 -36.09 7.95
N GLU C 326 -13.93 -35.05 7.46
CA GLU C 326 -13.23 -33.83 7.10
C GLU C 326 -12.52 -33.24 8.31
N GLY C 327 -13.08 -33.43 9.51
CA GLY C 327 -12.49 -32.89 10.74
C GLY C 327 -11.27 -33.63 11.24
N GLU C 328 -10.84 -34.70 10.58
CA GLU C 328 -9.76 -35.51 11.14
C GLU C 328 -8.48 -34.70 11.32
N ALA C 329 -8.14 -33.84 10.36
CA ALA C 329 -6.85 -33.14 10.43
C ALA C 329 -6.79 -32.24 11.66
N MET C 330 -7.82 -31.44 11.92
CA MET C 330 -7.77 -30.60 13.11
C MET C 330 -7.83 -31.47 14.37
N ARG C 331 -8.55 -32.58 14.29
CA ARG C 331 -8.67 -33.47 15.43
C ARG C 331 -7.31 -33.99 15.89
N THR C 332 -6.41 -34.30 14.95
CA THR C 332 -5.09 -34.78 15.33
C THR C 332 -4.30 -33.72 16.09
N LYS C 333 -4.54 -32.45 15.77
CA LYS C 333 -3.78 -31.40 16.44
C LYS C 333 -4.39 -30.98 17.77
N PHE C 334 -5.74 -30.90 17.85
CA PHE C 334 -6.34 -30.18 18.97
C PHE C 334 -7.11 -31.05 19.96
N GLU C 335 -7.52 -32.27 19.59
CA GLU C 335 -8.43 -33.01 20.45
C GLU C 335 -7.81 -33.30 21.82
N ALA C 336 -6.52 -33.67 21.85
CA ALA C 336 -5.89 -33.98 23.13
C ALA C 336 -5.82 -32.74 24.02
N TRP C 337 -5.67 -31.56 23.43
CA TRP C 337 -5.70 -30.33 24.22
C TRP C 337 -7.07 -30.11 24.84
N PHE C 338 -8.15 -30.38 24.09
CA PHE C 338 -9.49 -30.20 24.63
C PHE C 338 -9.74 -31.10 25.84
N VAL C 339 -9.21 -32.33 25.79
CA VAL C 339 -9.40 -33.27 26.89
C VAL C 339 -8.52 -32.86 28.06
N LYS C 340 -7.29 -32.45 27.78
CA LYS C 340 -6.38 -32.02 28.84
C LYS C 340 -6.93 -30.81 29.58
N TYR C 341 -7.59 -29.90 28.88
CA TYR C 341 -8.14 -28.72 29.54
C TYR C 341 -9.62 -28.87 29.91
N LYS C 342 -10.21 -30.04 29.69
CA LYS C 342 -11.58 -30.35 30.10
C LYS C 342 -12.59 -29.35 29.53
N VAL C 343 -12.50 -29.12 28.22
CA VAL C 343 -13.51 -28.33 27.53
C VAL C 343 -14.87 -28.93 27.81
N ASP C 344 -15.86 -28.07 28.07
CA ASP C 344 -17.20 -28.57 28.36
C ASP C 344 -17.92 -29.01 27.10
N VAL C 345 -17.88 -28.20 26.04
CA VAL C 345 -18.59 -28.50 24.81
C VAL C 345 -17.86 -27.87 23.63
N VAL C 346 -17.93 -28.55 22.49
CA VAL C 346 -17.43 -28.02 21.22
C VAL C 346 -18.60 -27.95 20.25
N PHE C 347 -18.86 -26.77 19.71
CA PHE C 347 -19.96 -26.55 18.77
C PHE C 347 -19.40 -26.36 17.37
N ALA C 348 -20.01 -27.05 16.41
CA ALA C 348 -19.61 -26.96 15.01
C ALA C 348 -20.87 -26.93 14.14
N GLY C 349 -20.68 -26.56 12.88
CA GLY C 349 -21.78 -26.55 11.93
C GLY C 349 -21.42 -27.38 10.72
N HIS C 350 -21.53 -26.79 9.51
CA HIS C 350 -20.99 -27.40 8.28
C HIS C 350 -21.84 -28.57 7.79
N VAL C 351 -22.09 -29.58 8.63
CA VAL C 351 -23.07 -30.61 8.30
C VAL C 351 -24.46 -30.05 8.53
N HIS C 352 -25.33 -30.14 7.51
CA HIS C 352 -26.65 -29.52 7.55
C HIS C 352 -27.65 -30.44 8.25
N ALA C 353 -27.46 -30.54 9.57
CA ALA C 353 -28.22 -31.45 10.42
C ALA C 353 -27.73 -31.29 11.86
N TYR C 354 -28.26 -32.10 12.77
CA TYR C 354 -28.02 -31.95 14.19
C TYR C 354 -27.44 -33.25 14.74
N GLU C 355 -26.45 -33.12 15.62
CA GLU C 355 -25.87 -34.30 16.26
C GLU C 355 -25.26 -33.91 17.60
N ARG C 356 -25.37 -34.82 18.56
CA ARG C 356 -24.76 -34.66 19.87
C ARG C 356 -23.96 -35.93 20.18
N SER C 357 -22.68 -35.77 20.46
CA SER C 357 -21.84 -36.90 20.80
C SER C 357 -21.96 -37.25 22.27
N GLU C 358 -21.53 -38.47 22.60
CA GLU C 358 -21.16 -38.78 23.97
C GLU C 358 -19.83 -38.09 24.30
N ARG C 359 -19.47 -38.09 25.59
CA ARG C 359 -18.14 -37.66 26.01
C ARG C 359 -17.14 -38.76 25.69
N VAL C 360 -16.41 -38.59 24.59
CA VAL C 360 -15.43 -39.58 24.15
C VAL C 360 -14.15 -38.87 23.75
N SER C 361 -13.09 -39.67 23.65
CA SER C 361 -11.80 -39.21 23.18
C SER C 361 -11.22 -40.31 22.31
N ASN C 362 -10.37 -39.91 21.35
CA ASN C 362 -9.76 -40.82 20.39
C ASN C 362 -8.32 -40.35 20.17
N ILE C 363 -7.56 -40.32 21.27
CA ILE C 363 -6.27 -39.64 21.32
C ILE C 363 -5.13 -40.60 21.64
N ALA C 364 -5.37 -41.91 21.62
CA ALA C 364 -4.36 -42.87 22.05
C ALA C 364 -3.60 -43.53 20.91
N TYR C 365 -3.87 -43.12 19.66
CA TYR C 365 -3.30 -43.76 18.49
C TYR C 365 -1.81 -43.44 18.34
N LYS C 366 -1.02 -44.46 18.04
CA LYS C 366 0.43 -44.30 17.85
C LYS C 366 0.92 -45.10 16.64
N ILE C 367 0.12 -45.12 15.57
CA ILE C 367 0.43 -45.74 14.27
C ILE C 367 0.40 -47.26 14.35
N THR C 368 1.19 -47.86 15.25
CA THR C 368 1.30 -49.31 15.29
C THR C 368 0.61 -49.96 16.49
N ASN C 369 0.12 -49.19 17.45
CA ASN C 369 -0.52 -49.77 18.62
C ASN C 369 -1.99 -50.10 18.38
N GLY C 370 -2.54 -49.81 17.21
CA GLY C 370 -3.90 -50.20 16.93
C GLY C 370 -4.98 -49.48 17.72
N LEU C 371 -4.65 -48.44 18.50
CA LEU C 371 -5.65 -47.78 19.35
C LEU C 371 -6.26 -46.60 18.62
N CYS C 372 -7.26 -46.89 17.77
CA CYS C 372 -7.90 -45.90 16.92
C CYS C 372 -9.41 -45.82 17.14
N THR C 373 -9.91 -46.35 18.24
CA THR C 373 -11.36 -46.32 18.47
C THR C 373 -11.69 -45.36 19.60
N PRO C 374 -12.70 -44.50 19.41
CA PRO C 374 -13.10 -43.60 20.51
C PRO C 374 -13.56 -44.39 21.71
N VAL C 375 -13.20 -43.89 22.90
CA VAL C 375 -13.63 -44.49 24.17
C VAL C 375 -14.30 -43.42 25.01
N LYS C 376 -15.22 -43.85 25.88
CA LYS C 376 -15.80 -42.95 26.87
C LYS C 376 -14.69 -42.27 27.66
N ASP C 377 -14.84 -40.98 27.88
CA ASP C 377 -13.80 -40.19 28.53
C ASP C 377 -14.48 -39.01 29.22
N GLN C 378 -14.52 -39.03 30.54
CA GLN C 378 -15.32 -38.03 31.25
C GLN C 378 -14.61 -36.68 31.34
N SER C 379 -13.32 -36.62 31.03
CA SER C 379 -12.65 -35.33 30.86
C SER C 379 -12.88 -34.71 29.49
N ALA C 380 -13.56 -35.41 28.55
CA ALA C 380 -13.70 -34.89 27.20
C ALA C 380 -14.94 -34.01 27.07
N PRO C 381 -14.96 -33.12 26.09
CA PRO C 381 -16.18 -32.36 25.79
C PRO C 381 -17.23 -33.22 25.10
N VAL C 382 -18.43 -32.70 25.10
CA VAL C 382 -19.47 -33.15 24.18
C VAL C 382 -19.32 -32.38 22.89
N TYR C 383 -19.43 -33.07 21.75
CA TYR C 383 -19.33 -32.44 20.44
C TYR C 383 -20.72 -32.30 19.85
N ILE C 384 -21.12 -31.07 19.52
CA ILE C 384 -22.46 -30.83 19.00
C ILE C 384 -22.37 -30.23 17.61
N THR C 385 -22.99 -30.89 16.63
CA THR C 385 -23.14 -30.34 15.29
C THR C 385 -24.48 -29.62 15.23
N ILE C 386 -24.45 -28.36 14.86
CA ILE C 386 -25.70 -27.60 14.82
C ILE C 386 -25.75 -26.77 13.55
N GLY C 387 -25.28 -27.36 12.45
CA GLY C 387 -25.26 -26.65 11.17
C GLY C 387 -26.55 -26.72 10.38
N ASP C 388 -27.70 -26.72 11.08
CA ASP C 388 -28.98 -27.05 10.46
C ASP C 388 -29.96 -25.88 10.46
N ALA C 389 -29.50 -24.63 10.46
CA ALA C 389 -30.44 -23.51 10.54
C ALA C 389 -31.14 -23.18 9.23
N GLY C 390 -30.76 -23.79 8.11
CA GLY C 390 -31.55 -23.60 6.90
C GLY C 390 -30.79 -23.57 5.60
N ASN C 391 -29.58 -22.98 5.63
CA ASN C 391 -28.72 -22.78 4.47
C ASN C 391 -29.54 -22.35 3.25
N TYR C 392 -29.36 -23.01 2.10
CA TYR C 392 -30.17 -22.74 0.92
C TYR C 392 -31.33 -23.72 0.77
N GLY C 393 -31.73 -24.38 1.86
CA GLY C 393 -32.94 -25.17 1.88
C GLY C 393 -32.77 -26.67 1.83
N VAL C 394 -31.56 -27.19 2.03
CA VAL C 394 -31.24 -28.60 1.88
C VAL C 394 -30.73 -29.17 3.20
N ILE C 395 -31.24 -30.34 3.58
CA ILE C 395 -30.85 -31.06 4.79
C ILE C 395 -29.91 -32.20 4.40
N ASP C 396 -28.99 -32.54 5.30
CA ASP C 396 -28.11 -33.71 5.14
C ASP C 396 -28.75 -34.86 5.89
N SER C 397 -29.37 -35.80 5.17
CA SER C 397 -30.05 -36.90 5.83
C SER C 397 -29.31 -38.24 5.74
N ASN C 398 -28.35 -38.41 4.83
CA ASN C 398 -27.62 -39.67 4.75
C ASN C 398 -26.66 -39.82 5.94
N MET C 399 -26.82 -40.89 6.71
CA MET C 399 -26.01 -41.11 7.89
C MET C 399 -25.22 -42.39 7.78
N ILE C 400 -24.03 -42.40 8.40
CA ILE C 400 -23.27 -43.64 8.57
C ILE C 400 -24.09 -44.58 9.43
N GLN C 401 -24.16 -45.84 9.01
CA GLN C 401 -24.90 -46.85 9.72
C GLN C 401 -23.98 -48.00 10.13
N PRO C 402 -24.21 -48.62 11.30
CA PRO C 402 -25.20 -48.17 12.28
C PRO C 402 -24.76 -46.87 12.99
N GLN C 403 -25.62 -46.28 13.80
CA GLN C 403 -25.21 -45.12 14.59
C GLN C 403 -24.06 -45.53 15.50
N PRO C 404 -22.91 -44.87 15.42
CA PRO C 404 -21.76 -45.29 16.22
C PRO C 404 -21.96 -45.00 17.71
N GLU C 405 -21.21 -45.72 18.54
CA GLU C 405 -21.33 -45.58 19.98
C GLU C 405 -21.05 -44.16 20.43
N TYR C 406 -20.16 -43.46 19.72
CA TYR C 406 -19.82 -42.09 20.12
C TYR C 406 -20.93 -41.09 19.85
N SER C 407 -21.93 -41.45 19.06
CA SER C 407 -23.04 -40.56 18.74
C SER C 407 -24.20 -40.82 19.71
N ALA C 408 -24.58 -39.81 20.49
CA ALA C 408 -25.70 -39.98 21.41
C ALA C 408 -27.05 -39.73 20.74
N PHE C 409 -27.16 -38.68 19.94
CA PHE C 409 -28.41 -38.31 19.28
C PHE C 409 -28.06 -37.66 17.96
N ARG C 410 -28.80 -38.00 16.89
CA ARG C 410 -28.64 -37.33 15.60
C ARG C 410 -29.97 -37.31 14.89
N GLU C 411 -30.24 -36.23 14.15
CA GLU C 411 -31.47 -36.11 13.38
C GLU C 411 -31.30 -35.06 12.30
N ALA C 412 -31.77 -35.37 11.09
CA ALA C 412 -31.74 -34.44 9.96
C ALA C 412 -33.02 -33.62 9.94
N SER C 413 -33.08 -32.59 10.79
CA SER C 413 -34.13 -31.57 10.72
C SER C 413 -33.50 -30.19 10.87
N PHE C 414 -34.20 -29.20 10.34
CA PHE C 414 -33.82 -27.81 10.55
C PHE C 414 -34.13 -27.39 11.98
N GLY C 415 -33.33 -26.46 12.49
CA GLY C 415 -33.58 -25.91 13.81
C GLY C 415 -32.35 -25.18 14.33
N HIS C 416 -32.33 -24.98 15.64
CA HIS C 416 -31.32 -24.20 16.32
C HIS C 416 -31.23 -24.70 17.76
N GLY C 417 -30.16 -24.29 18.46
CA GLY C 417 -29.92 -24.73 19.82
C GLY C 417 -29.91 -23.58 20.81
N MET C 418 -29.92 -23.95 22.09
CA MET C 418 -29.82 -23.01 23.20
C MET C 418 -28.94 -23.64 24.27
N PHE C 419 -27.89 -22.94 24.70
CA PHE C 419 -27.00 -23.39 25.77
C PHE C 419 -27.24 -22.44 26.94
N ASP C 420 -27.97 -22.93 27.95
CA ASP C 420 -28.53 -22.12 29.03
C ASP C 420 -27.78 -22.40 30.34
N ILE C 421 -26.84 -21.53 30.68
CA ILE C 421 -26.01 -21.70 31.87
C ILE C 421 -26.81 -21.26 33.10
N LYS C 422 -27.11 -22.22 33.99
CA LYS C 422 -27.75 -21.90 35.26
C LYS C 422 -26.75 -21.43 36.31
N ASN C 423 -25.57 -22.03 36.37
CA ASN C 423 -24.62 -21.76 37.43
C ASN C 423 -23.35 -22.55 37.11
N ARG C 424 -22.42 -22.60 38.07
CA ARG C 424 -21.12 -23.18 37.78
C ARG C 424 -21.16 -24.69 37.57
N THR C 425 -22.21 -25.39 38.01
CA THR C 425 -22.29 -26.84 37.86
C THR C 425 -23.18 -27.29 36.71
N HIS C 426 -24.19 -26.50 36.32
CA HIS C 426 -25.27 -26.96 35.45
C HIS C 426 -25.50 -26.02 34.27
N ALA C 427 -25.60 -26.58 33.07
CA ALA C 427 -26.05 -25.83 31.92
C ALA C 427 -27.02 -26.72 31.14
N HIS C 428 -28.11 -26.14 30.67
CA HIS C 428 -29.15 -26.91 29.99
C HIS C 428 -29.07 -26.65 28.49
N PHE C 429 -28.78 -27.69 27.72
CA PHE C 429 -28.76 -27.56 26.27
C PHE C 429 -30.03 -28.17 25.69
N SER C 430 -30.64 -27.45 24.75
CA SER C 430 -31.85 -27.95 24.11
C SER C 430 -31.78 -27.64 22.62
N TRP C 431 -32.49 -28.45 21.85
CA TRP C 431 -32.55 -28.33 20.39
C TRP C 431 -34.01 -28.19 19.99
N ASN C 432 -34.33 -27.14 19.25
CA ASN C 432 -35.69 -26.87 18.81
C ASN C 432 -35.78 -27.08 17.31
N ARG C 433 -36.76 -27.88 16.89
CA ARG C 433 -36.95 -28.15 15.47
C ARG C 433 -37.88 -27.11 14.89
N ASN C 434 -37.65 -26.78 13.61
CA ASN C 434 -38.49 -25.80 12.93
C ASN C 434 -39.93 -26.28 12.81
N GLN C 435 -40.13 -27.59 12.64
CA GLN C 435 -41.47 -28.18 12.49
C GLN C 435 -42.20 -28.36 13.81
N ASP C 436 -41.57 -28.03 14.94
CA ASP C 436 -42.23 -28.11 16.23
C ASP C 436 -42.67 -26.72 16.69
N GLY C 437 -43.46 -26.70 17.76
CA GLY C 437 -43.71 -25.45 18.44
C GLY C 437 -42.43 -24.85 19.00
N VAL C 438 -42.44 -23.51 19.15
CA VAL C 438 -41.24 -22.79 19.58
C VAL C 438 -40.78 -23.17 20.98
N ALA C 439 -41.66 -23.76 21.79
CA ALA C 439 -41.29 -24.19 23.14
C ALA C 439 -41.01 -25.68 23.24
N VAL C 440 -41.15 -26.43 22.16
CA VAL C 440 -40.87 -27.87 22.17
C VAL C 440 -39.38 -28.10 21.94
N GLU C 441 -38.78 -28.97 22.76
CA GLU C 441 -37.40 -29.40 22.59
C GLU C 441 -37.39 -30.86 22.18
N ALA C 442 -37.03 -31.14 20.92
CA ALA C 442 -36.95 -32.53 20.47
C ALA C 442 -35.75 -33.26 21.08
N ASP C 443 -34.70 -32.53 21.45
CA ASP C 443 -33.58 -33.10 22.21
C ASP C 443 -33.17 -32.08 23.27
N SER C 444 -32.69 -32.58 24.40
CA SER C 444 -32.23 -31.70 25.46
C SER C 444 -31.41 -32.53 26.42
N VAL C 445 -30.48 -31.87 27.11
CA VAL C 445 -29.56 -32.59 27.99
C VAL C 445 -28.97 -31.60 28.97
N TRP C 446 -28.71 -32.08 30.18
CA TRP C 446 -28.02 -31.31 31.21
C TRP C 446 -26.52 -31.50 31.06
N PHE C 447 -25.81 -30.39 30.87
CA PHE C 447 -24.37 -30.38 30.95
C PHE C 447 -23.96 -30.21 32.40
N PHE C 448 -23.19 -31.17 32.90
CA PHE C 448 -22.53 -31.07 34.19
C PHE C 448 -21.10 -30.61 33.96
N ASN C 449 -20.71 -29.55 34.67
CA ASN C 449 -19.47 -28.85 34.38
C ASN C 449 -18.24 -29.72 34.64
N ARG C 450 -17.32 -29.73 33.68
CA ARG C 450 -16.19 -30.65 33.76
C ARG C 450 -15.25 -30.30 34.90
N HIS C 451 -15.22 -29.04 35.32
CA HIS C 451 -14.35 -28.63 36.41
C HIS C 451 -15.03 -28.77 37.76
N TRP C 452 -16.27 -28.30 37.88
CA TRP C 452 -16.96 -28.23 39.16
C TRP C 452 -17.88 -29.41 39.43
N TYR C 453 -18.25 -30.19 38.42
CA TYR C 453 -19.23 -31.26 38.65
C TYR C 453 -19.10 -32.36 37.60
N PRO C 454 -17.93 -33.03 37.50
CA PRO C 454 -17.64 -33.94 36.34
C PRO C 454 -18.31 -35.30 36.46
N VAL C 455 -19.64 -35.30 36.39
CA VAL C 455 -20.46 -36.49 36.55
C VAL C 455 -20.95 -36.93 35.18
N ASP C 456 -21.12 -38.25 35.02
CA ASP C 456 -21.67 -38.79 33.78
C ASP C 456 -23.01 -38.14 33.43
N ASP C 457 -23.06 -37.38 32.33
CA ASP C 457 -24.31 -36.75 31.89
C ASP C 457 -24.86 -37.39 30.62
N SER C 458 -24.58 -38.69 30.42
CA SER C 458 -25.14 -39.46 29.32
C SER C 458 -26.68 -39.51 29.38
N ASN D 35 35.43 23.32 4.17
CA ASN D 35 34.44 22.67 5.03
C ASN D 35 34.45 23.24 6.46
N ARG D 36 33.31 23.76 6.90
CA ARG D 36 33.18 24.34 8.24
C ARG D 36 32.09 23.66 9.05
N ASP D 37 31.52 22.57 8.53
CA ASP D 37 30.60 21.74 9.29
C ASP D 37 31.34 21.08 10.44
N MET D 38 30.65 20.96 11.58
CA MET D 38 31.27 20.37 12.74
C MET D 38 31.51 18.87 12.50
N PRO D 39 32.68 18.36 12.87
CA PRO D 39 32.97 16.94 12.63
C PRO D 39 32.14 16.05 13.53
N LEU D 40 32.01 14.79 13.09
CA LEU D 40 31.09 13.82 13.69
C LEU D 40 31.36 13.57 15.17
N ASP D 41 32.59 13.76 15.63
CA ASP D 41 32.91 13.54 17.04
C ASP D 41 32.80 14.80 17.89
N SER D 42 32.19 15.86 17.36
CA SER D 42 31.95 17.06 18.16
C SER D 42 31.05 16.73 19.36
N ASP D 43 31.22 17.52 20.42
CA ASP D 43 30.44 17.27 21.63
C ASP D 43 28.94 17.44 21.38
N VAL D 44 28.54 18.35 20.50
CA VAL D 44 27.11 18.55 20.20
C VAL D 44 26.48 17.30 19.59
N PHE D 45 27.27 16.39 19.05
CA PHE D 45 26.74 15.20 18.42
C PHE D 45 26.83 13.96 19.27
N ARG D 46 27.18 14.08 20.56
CA ARG D 46 27.30 12.90 21.41
C ARG D 46 25.99 12.13 21.50
N VAL D 47 26.11 10.81 21.49
CA VAL D 47 24.94 9.93 21.59
C VAL D 47 24.57 9.77 23.07
N PRO D 48 23.32 10.03 23.45
CA PRO D 48 22.87 9.74 24.81
C PRO D 48 23.11 8.28 25.16
N PRO D 49 23.73 8.00 26.31
CA PRO D 49 24.15 6.63 26.63
C PRO D 49 23.00 5.78 27.16
N GLY D 50 23.23 4.49 27.13
CA GLY D 50 22.27 3.51 27.63
C GLY D 50 21.64 2.75 26.47
N TYR D 51 21.20 1.53 26.77
CA TYR D 51 20.64 0.71 25.71
C TYR D 51 19.36 1.33 25.15
N ASN D 52 19.33 1.54 23.83
CA ASN D 52 18.17 2.11 23.12
C ASN D 52 17.71 3.43 23.72
N ALA D 53 18.66 4.27 24.12
CA ALA D 53 18.32 5.57 24.70
C ALA D 53 17.74 6.47 23.61
N PRO D 54 16.58 7.10 23.84
CA PRO D 54 16.08 8.10 22.89
C PRO D 54 17.10 9.19 22.60
N GLN D 55 17.22 9.54 21.32
CA GLN D 55 18.04 10.65 20.90
C GLN D 55 17.24 11.52 19.93
N GLN D 56 17.78 12.68 19.60
CA GLN D 56 17.13 13.60 18.68
C GLN D 56 15.71 13.93 19.15
N VAL D 57 15.58 14.24 20.42
CA VAL D 57 14.26 14.53 20.97
C VAL D 57 13.85 15.94 20.53
N HIS D 58 12.63 16.08 20.02
CA HIS D 58 12.15 17.40 19.63
C HIS D 58 10.63 17.48 19.77
N ILE D 59 10.15 18.69 20.09
CA ILE D 59 8.74 18.92 20.36
C ILE D 59 8.26 20.06 19.48
N THR D 60 6.97 20.01 19.16
CA THR D 60 6.34 21.16 18.52
C THR D 60 4.88 21.16 18.92
N GLN D 61 4.20 22.27 18.61
CA GLN D 61 2.80 22.42 19.00
C GLN D 61 1.96 21.38 18.28
N GLY D 62 1.05 20.75 19.02
CA GLY D 62 0.32 19.58 18.53
C GLY D 62 -1.14 19.82 18.16
N ASP D 63 -1.63 21.04 18.36
CA ASP D 63 -3.02 21.37 18.10
C ASP D 63 -3.08 22.80 17.60
N LEU D 64 -4.30 23.31 17.42
CA LEU D 64 -4.46 24.64 16.85
C LEU D 64 -4.21 25.75 17.86
N VAL D 65 -4.49 25.54 19.15
CA VAL D 65 -4.51 26.63 20.13
C VAL D 65 -3.48 26.45 21.25
N GLY D 66 -2.75 25.35 21.30
CA GLY D 66 -1.64 25.22 22.22
C GLY D 66 -1.82 24.29 23.41
N ARG D 67 -2.88 23.49 23.44
CA ARG D 67 -3.09 22.54 24.52
C ARG D 67 -2.49 21.17 24.23
N ALA D 68 -1.77 21.03 23.11
CA ALA D 68 -1.21 19.74 22.73
C ALA D 68 0.22 19.95 22.23
N MET D 69 1.00 18.87 22.31
CA MET D 69 2.41 18.88 21.96
C MET D 69 2.72 17.59 21.22
N ILE D 70 3.34 17.69 20.05
CA ILE D 70 3.88 16.53 19.36
C ILE D 70 5.27 16.28 19.92
N ILE D 71 5.49 15.09 20.46
CA ILE D 71 6.77 14.66 21.01
C ILE D 71 7.41 13.69 20.03
N SER D 72 8.64 13.97 19.62
CA SER D 72 9.31 13.16 18.60
C SER D 72 10.72 12.79 19.05
N TRP D 73 11.19 11.62 18.63
CA TRP D 73 12.51 11.13 19.02
C TRP D 73 12.83 9.88 18.21
N VAL D 74 14.11 9.50 18.22
CA VAL D 74 14.60 8.33 17.49
C VAL D 74 15.25 7.36 18.47
N THR D 75 14.96 6.07 18.30
CA THR D 75 15.74 5.00 18.92
C THR D 75 16.53 4.26 17.85
N MET D 76 17.77 3.91 18.17
CA MET D 76 18.68 3.29 17.23
C MET D 76 18.90 1.80 17.45
N ASP D 77 18.72 1.28 18.67
CA ASP D 77 19.05 -0.13 18.87
C ASP D 77 17.90 -1.08 18.60
N GLU D 78 16.65 -0.66 18.83
CA GLU D 78 15.48 -1.45 18.46
C GLU D 78 14.24 -0.56 18.48
N PRO D 79 13.09 -0.99 17.92
CA PRO D 79 11.93 -0.10 17.83
C PRO D 79 11.55 0.58 19.13
N GLY D 80 11.51 -0.16 20.23
CA GLY D 80 11.13 0.46 21.49
C GLY D 80 9.66 0.85 21.50
N SER D 81 9.29 1.53 22.57
CA SER D 81 7.90 1.95 22.77
C SER D 81 7.72 3.39 22.34
N SER D 82 6.55 3.69 21.76
CA SER D 82 6.17 5.06 21.42
C SER D 82 5.39 5.76 22.53
N ALA D 83 5.43 5.26 23.75
CA ALA D 83 4.66 5.84 24.84
C ALA D 83 5.43 7.02 25.44
N VAL D 84 4.70 8.06 25.82
CA VAL D 84 5.27 9.23 26.49
C VAL D 84 4.59 9.34 27.85
N ARG D 85 5.38 9.38 28.92
CA ARG D 85 4.88 9.62 30.25
C ARG D 85 5.03 11.10 30.57
N TYR D 86 3.99 11.72 31.12
CA TYR D 86 4.02 13.16 31.34
C TYR D 86 3.14 13.55 32.53
N TRP D 87 3.49 14.66 33.17
CA TRP D 87 2.73 15.14 34.33
C TRP D 87 3.12 16.58 34.60
N SER D 88 2.15 17.35 35.11
CA SER D 88 2.44 18.73 35.49
C SER D 88 3.26 18.75 36.78
N GLU D 89 4.15 19.75 36.90
CA GLU D 89 5.05 19.77 38.04
C GLU D 89 4.33 20.00 39.36
N LYS D 90 3.21 20.73 39.34
CA LYS D 90 2.50 21.00 40.58
C LYS D 90 1.63 19.80 40.98
N ASN D 91 0.52 19.57 40.26
CA ASN D 91 -0.41 18.49 40.55
C ASN D 91 0.32 17.14 40.63
N GLY D 92 0.87 16.67 39.50
CA GLY D 92 1.75 15.53 39.49
C GLY D 92 1.17 14.19 39.09
N ARG D 93 -0.06 14.14 38.56
CA ARG D 93 -0.64 12.87 38.13
C ARG D 93 0.01 12.42 36.83
N LYS D 94 0.66 11.26 36.85
CA LYS D 94 1.46 10.79 35.73
C LYS D 94 0.58 10.04 34.73
N ARG D 95 0.50 10.54 33.50
CA ARG D 95 -0.28 9.94 32.44
C ARG D 95 0.60 9.45 31.29
N ILE D 96 0.04 8.57 30.48
CA ILE D 96 0.71 7.98 29.33
C ILE D 96 -0.05 8.38 28.07
N ALA D 97 0.70 8.77 27.04
CA ALA D 97 0.16 8.93 25.71
C ALA D 97 0.84 7.94 24.78
N LYS D 98 0.06 7.36 23.86
CA LYS D 98 0.55 6.40 22.88
C LYS D 98 0.72 7.06 21.52
N GLY D 99 1.87 6.80 20.88
CA GLY D 99 2.13 7.34 19.56
C GLY D 99 2.44 6.29 18.50
N LYS D 100 3.27 6.65 17.53
CA LYS D 100 3.50 5.78 16.39
C LYS D 100 4.97 5.77 16.04
N MET D 101 5.44 4.61 15.58
CA MET D 101 6.80 4.45 15.11
C MET D 101 6.82 4.35 13.59
N SER D 102 7.83 4.93 12.96
CA SER D 102 8.00 4.85 11.52
C SER D 102 9.49 4.74 11.20
N THR D 103 9.78 4.29 9.98
CA THR D 103 11.14 4.21 9.45
C THR D 103 11.13 4.60 7.99
N TYR D 104 12.31 4.94 7.46
CA TYR D 104 12.43 5.24 6.05
C TYR D 104 13.81 4.83 5.56
N ARG D 105 13.92 4.71 4.24
CA ARG D 105 15.18 4.48 3.56
C ARG D 105 15.45 5.62 2.59
N PHE D 106 16.72 5.92 2.38
CA PHE D 106 17.13 6.91 1.38
C PHE D 106 18.43 6.40 0.78
N PHE D 107 18.39 6.00 -0.49
CA PHE D 107 19.55 5.38 -1.16
C PHE D 107 20.01 4.19 -0.33
N ASN D 108 21.22 4.24 0.20
CA ASN D 108 21.72 3.12 0.99
C ASN D 108 21.63 3.39 2.49
N TYR D 109 20.96 4.46 2.91
CA TYR D 109 20.73 4.76 4.31
C TYR D 109 19.43 4.11 4.76
N SER D 110 19.45 3.53 5.97
CA SER D 110 18.24 3.03 6.63
C SER D 110 18.10 3.75 7.95
N SER D 111 16.94 4.34 8.19
CA SER D 111 16.78 5.14 9.39
C SER D 111 16.68 4.27 10.64
N GLY D 112 16.94 4.89 11.78
CA GLY D 112 16.51 4.37 13.04
C GLY D 112 14.99 4.41 13.13
N PHE D 113 14.51 4.11 14.33
CA PHE D 113 13.08 3.99 14.58
C PHE D 113 12.57 5.33 15.09
N ILE D 114 11.76 5.97 14.28
CA ILE D 114 11.30 7.33 14.52
C ILE D 114 9.96 7.27 15.23
N HIS D 115 9.83 8.01 16.33
CA HIS D 115 8.61 8.04 17.13
C HIS D 115 7.97 9.42 17.10
N HIS D 116 6.63 9.45 16.93
CA HIS D 116 5.83 10.67 17.05
C HIS D 116 4.62 10.38 17.91
N THR D 117 4.47 11.16 18.98
CA THR D 117 3.40 10.99 19.97
C THR D 117 2.87 12.36 20.37
N THR D 118 1.56 12.53 20.27
CA THR D 118 0.91 13.78 20.66
C THR D 118 0.33 13.66 22.07
N ILE D 119 0.78 14.53 22.97
CA ILE D 119 0.14 14.74 24.27
C ILE D 119 -0.95 15.78 24.10
N ARG D 120 -2.15 15.49 24.57
CA ARG D 120 -3.30 16.35 24.32
C ARG D 120 -3.90 16.86 25.62
N LYS D 121 -4.84 17.82 25.49
CA LYS D 121 -5.67 18.29 26.60
C LYS D 121 -4.83 18.80 27.77
N LEU D 122 -3.70 19.44 27.46
CA LEU D 122 -2.85 20.02 28.48
C LEU D 122 -3.46 21.30 29.05
N LYS D 123 -3.04 21.65 30.27
CA LYS D 123 -3.48 22.90 30.89
C LYS D 123 -2.61 24.05 30.43
N TYR D 124 -3.22 25.22 30.22
CA TYR D 124 -2.46 26.36 29.74
C TYR D 124 -1.49 26.85 30.81
N ASN D 125 -0.43 27.52 30.36
CA ASN D 125 0.52 28.22 31.22
C ASN D 125 1.03 27.33 32.36
N THR D 126 1.51 26.14 32.00
CA THR D 126 1.81 25.11 32.98
C THR D 126 3.07 24.36 32.58
N LYS D 127 3.98 24.17 33.53
CA LYS D 127 5.19 23.41 33.24
C LYS D 127 4.89 21.91 33.36
N TYR D 128 5.25 21.16 32.33
CA TYR D 128 5.07 19.72 32.30
C TYR D 128 6.43 19.05 32.17
N TYR D 129 6.54 17.89 32.79
CA TYR D 129 7.63 16.96 32.54
C TYR D 129 7.14 15.88 31.61
N TYR D 130 8.03 15.38 30.77
CA TYR D 130 7.69 14.23 29.94
C TYR D 130 8.90 13.32 29.85
N GLU D 131 8.62 12.04 29.66
CA GLU D 131 9.63 10.99 29.66
C GLU D 131 9.42 10.11 28.44
N VAL D 132 10.51 9.84 27.73
CA VAL D 132 10.49 8.96 26.57
C VAL D 132 11.51 7.84 26.79
N GLY D 133 11.26 6.70 26.16
CA GLY D 133 12.16 5.57 26.27
C GLY D 133 11.77 4.69 27.44
N LEU D 134 10.46 4.47 27.60
CA LEU D 134 9.93 3.83 28.80
C LEU D 134 10.28 2.36 28.92
N ARG D 135 10.71 1.71 27.83
CA ARG D 135 10.98 0.29 27.94
C ARG D 135 12.39 -0.01 28.44
N ASN D 136 13.41 0.72 27.97
CA ASN D 136 14.78 0.42 28.36
C ASN D 136 15.44 1.61 29.06
N THR D 137 15.83 2.65 28.36
CA THR D 137 16.54 3.78 28.95
C THR D 137 15.68 5.05 28.88
N THR D 138 15.12 5.45 30.02
CA THR D 138 14.23 6.61 30.08
C THR D 138 15.02 7.91 30.11
N ARG D 139 14.50 8.91 29.41
CA ARG D 139 15.09 10.24 29.39
C ARG D 139 13.97 11.24 29.65
N ARG D 140 14.27 12.24 30.48
CA ARG D 140 13.25 13.15 30.97
C ARG D 140 13.58 14.57 30.55
N PHE D 141 12.54 15.28 30.11
CA PHE D 141 12.61 16.65 29.64
C PHE D 141 11.43 17.40 30.23
N SER D 142 11.26 18.67 29.84
CA SER D 142 10.14 19.48 30.28
C SER D 142 9.82 20.56 29.25
N PHE D 143 8.60 21.07 29.32
CA PHE D 143 8.18 22.24 28.55
C PHE D 143 7.15 23.00 29.36
N ILE D 144 6.82 24.20 28.89
CA ILE D 144 5.81 25.05 29.50
C ILE D 144 4.77 25.40 28.45
N THR D 145 3.54 24.95 28.64
CA THR D 145 2.47 25.32 27.74
C THR D 145 2.29 26.83 27.73
N PRO D 146 1.91 27.41 26.60
CA PRO D 146 1.68 28.86 26.52
C PRO D 146 0.41 29.25 27.25
N PRO D 147 0.23 30.53 27.55
CA PRO D 147 -1.08 30.96 28.05
C PRO D 147 -2.12 30.78 26.96
N GLN D 148 -3.38 30.69 27.39
CA GLN D 148 -4.49 30.59 26.46
C GLN D 148 -4.47 31.74 25.46
N THR D 149 -4.93 31.49 24.24
CA THR D 149 -4.94 32.56 23.25
C THR D 149 -5.78 33.72 23.75
N GLY D 150 -5.38 34.92 23.34
CA GLY D 150 -6.05 36.11 23.84
C GLY D 150 -5.43 37.38 23.26
N LEU D 151 -6.18 38.47 23.40
CA LEU D 151 -5.85 39.71 22.71
C LEU D 151 -4.54 40.32 23.21
N ASP D 152 -4.26 40.21 24.51
CA ASP D 152 -3.14 40.95 25.09
C ASP D 152 -2.09 40.05 25.74
N VAL D 153 -2.04 38.78 25.35
CA VAL D 153 -1.08 37.82 25.90
C VAL D 153 0.33 38.05 25.36
N PRO D 154 1.28 38.42 26.21
CA PRO D 154 2.67 38.58 25.75
C PRO D 154 3.32 37.24 25.44
N TYR D 155 4.29 37.26 24.51
CA TYR D 155 5.02 36.04 24.15
C TYR D 155 6.24 36.42 23.34
N THR D 156 7.30 35.64 23.50
CA THR D 156 8.60 35.91 22.89
C THR D 156 8.97 34.79 21.94
N PHE D 157 9.13 35.13 20.66
CA PHE D 157 9.42 34.15 19.62
C PHE D 157 10.86 34.35 19.15
N GLY D 158 11.63 33.27 19.09
CA GLY D 158 12.89 33.31 18.40
C GLY D 158 12.69 33.13 16.90
N LEU D 159 13.55 33.78 16.13
CA LEU D 159 13.56 33.61 14.68
C LEU D 159 14.91 33.06 14.27
N ILE D 160 14.89 31.89 13.63
CA ILE D 160 16.08 31.18 13.22
C ILE D 160 15.84 30.65 11.82
N GLY D 161 16.80 30.85 10.93
CA GLY D 161 16.66 30.34 9.59
C GLY D 161 17.95 29.75 9.07
N ASP D 162 17.86 28.68 8.29
CA ASP D 162 19.02 28.11 7.61
C ASP D 162 20.13 27.79 8.61
N LEU D 163 19.80 26.99 9.62
CA LEU D 163 20.68 26.80 10.75
C LEU D 163 21.90 25.96 10.39
N GLY D 164 21.66 24.74 9.89
CA GLY D 164 22.80 23.92 9.53
C GLY D 164 23.52 23.41 10.76
N GLN D 165 24.72 22.89 10.52
CA GLN D 165 25.50 22.33 11.61
C GLN D 165 26.96 22.71 11.46
N SER D 166 27.22 23.95 11.02
CA SER D 166 28.56 24.51 11.05
C SER D 166 28.86 25.10 12.43
N PHE D 167 30.11 25.54 12.63
CA PHE D 167 30.47 26.17 13.89
C PHE D 167 29.71 27.47 14.10
N ASP D 168 29.38 28.19 13.03
CA ASP D 168 28.51 29.36 13.15
C ASP D 168 27.14 28.97 13.66
N SER D 169 26.59 27.84 13.17
CA SER D 169 25.30 27.34 13.63
C SER D 169 25.31 27.14 15.14
N ASN D 170 26.36 26.51 15.66
CA ASN D 170 26.46 26.32 17.09
C ASN D 170 26.48 27.65 17.84
N THR D 171 27.15 28.65 17.28
CA THR D 171 27.21 29.96 17.93
C THR D 171 25.84 30.63 17.96
N THR D 172 25.13 30.63 16.84
CA THR D 172 23.78 31.20 16.80
C THR D 172 22.89 30.56 17.85
N LEU D 173 22.91 29.23 17.92
CA LEU D 173 22.04 28.55 18.88
C LEU D 173 22.45 28.91 20.31
N SER D 174 23.76 29.08 20.55
CA SER D 174 24.22 29.50 21.88
C SER D 174 23.73 30.90 22.19
N HIS D 175 23.91 31.83 21.25
CA HIS D 175 23.40 33.19 21.44
C HIS D 175 21.89 33.19 21.75
N TYR D 176 21.11 32.34 21.05
CA TYR D 176 19.68 32.32 21.30
C TYR D 176 19.37 31.81 22.70
N GLU D 177 20.00 30.70 23.10
CA GLU D 177 19.76 30.14 24.42
C GLU D 177 20.09 31.13 25.53
N LEU D 178 21.11 31.97 25.33
CA LEU D 178 21.59 32.91 26.35
C LEU D 178 20.96 34.29 26.22
N SER D 179 19.96 34.47 25.37
CA SER D 179 19.38 35.79 25.21
C SER D 179 18.71 36.22 26.51
N PRO D 180 18.98 37.43 27.01
CA PRO D 180 18.25 37.88 28.21
C PRO D 180 16.76 38.04 27.96
N LYS D 181 16.34 38.22 26.71
CA LYS D 181 14.92 38.31 26.38
C LYS D 181 14.18 36.97 26.53
N LYS D 182 14.89 35.84 26.58
CA LYS D 182 14.32 34.52 26.86
C LYS D 182 13.27 34.08 25.86
N GLY D 183 13.67 33.46 24.75
CA GLY D 183 12.72 32.98 23.77
C GLY D 183 11.96 31.76 24.26
N GLN D 184 10.67 31.69 23.92
CA GLN D 184 9.78 30.64 24.41
C GLN D 184 9.31 29.69 23.31
N THR D 185 9.56 30.01 22.05
CA THR D 185 9.18 29.19 20.91
C THR D 185 9.98 29.73 19.73
N VAL D 186 10.48 28.84 18.89
CA VAL D 186 11.29 29.23 17.74
C VAL D 186 10.43 29.12 16.49
N LEU D 187 10.40 30.19 15.71
CA LEU D 187 9.80 30.14 14.38
C LEU D 187 10.94 29.86 13.39
N PHE D 188 10.93 28.67 12.79
CA PHE D 188 12.05 28.19 11.98
C PHE D 188 11.67 28.29 10.50
N VAL D 189 12.37 29.15 9.76
CA VAL D 189 11.95 29.48 8.40
C VAL D 189 12.61 28.57 7.37
N GLY D 190 13.17 27.45 7.80
CA GLY D 190 13.53 26.40 6.87
C GLY D 190 15.03 26.32 6.62
N ASP D 191 15.39 25.27 5.85
CA ASP D 191 16.75 24.78 5.66
C ASP D 191 17.32 24.33 7.00
N LEU D 192 17.10 23.06 7.33
CA LEU D 192 17.42 22.54 8.65
C LEU D 192 18.85 22.00 8.73
N SER D 193 19.08 20.78 8.23
CA SER D 193 20.33 20.06 8.48
C SER D 193 21.38 20.29 7.41
N TYR D 194 20.97 20.64 6.19
CA TYR D 194 21.87 20.70 5.03
C TYR D 194 22.55 19.35 4.78
N ALA D 195 21.90 18.26 5.19
CA ALA D 195 22.40 16.92 4.90
C ALA D 195 22.51 16.65 3.40
N ASP D 196 21.72 17.37 2.59
CA ASP D 196 21.68 17.13 1.15
C ASP D 196 22.91 17.66 0.43
N ARG D 197 23.77 18.42 1.12
CA ARG D 197 25.05 18.79 0.54
C ARG D 197 26.07 17.65 0.56
N TYR D 198 25.81 16.59 1.32
CA TYR D 198 26.72 15.46 1.49
C TYR D 198 26.53 14.43 0.38
N PRO D 199 27.53 13.56 0.17
CA PRO D 199 27.41 12.49 -0.83
C PRO D 199 26.20 11.59 -0.59
N ASN D 200 25.35 11.49 -1.61
CA ASN D 200 24.06 10.79 -1.51
C ASN D 200 23.20 11.35 -0.40
N HIS D 201 23.39 12.63 -0.07
CA HIS D 201 22.63 13.34 0.97
C HIS D 201 22.85 12.73 2.35
N ASP D 202 24.02 12.13 2.58
CA ASP D 202 24.32 11.33 3.77
C ASP D 202 23.39 11.62 4.95
N ASN D 203 22.29 10.86 5.04
CA ASN D 203 21.25 11.13 6.03
C ASN D 203 21.71 10.96 7.46
N VAL D 204 22.93 10.47 7.68
CA VAL D 204 23.51 10.53 9.01
C VAL D 204 23.58 11.98 9.49
N ARG D 205 23.71 12.93 8.55
CA ARG D 205 23.76 14.33 8.93
C ARG D 205 22.38 14.88 9.33
N TRP D 206 21.30 14.13 9.10
CA TRP D 206 20.04 14.43 9.77
C TRP D 206 20.08 13.98 11.23
N ASP D 207 20.64 12.80 11.50
CA ASP D 207 20.73 12.31 12.87
C ASP D 207 21.60 13.23 13.72
N THR D 208 22.77 13.64 13.20
CA THR D 208 23.63 14.54 13.98
C THR D 208 22.93 15.87 14.26
N TRP D 209 22.21 16.42 13.27
CA TRP D 209 21.51 17.68 13.49
C TRP D 209 20.42 17.52 14.55
N GLY D 210 19.71 16.39 14.52
CA GLY D 210 18.70 16.14 15.55
C GLY D 210 19.29 16.06 16.94
N ARG D 211 20.50 15.49 17.07
CA ARG D 211 21.12 15.42 18.39
C ARG D 211 21.66 16.79 18.82
N PHE D 212 22.12 17.58 17.85
CA PHE D 212 22.67 18.90 18.11
C PHE D 212 21.58 19.88 18.58
N THR D 213 20.46 19.92 17.87
CA THR D 213 19.43 20.90 18.24
C THR D 213 18.62 20.48 19.44
N GLU D 214 18.74 19.22 19.90
CA GLU D 214 17.92 18.73 21.01
C GLU D 214 18.03 19.63 22.24
N ARG D 215 19.21 20.22 22.48
CA ARG D 215 19.38 20.97 23.72
C ARG D 215 18.44 22.15 23.79
N SER D 216 17.85 22.55 22.67
CA SER D 216 16.80 23.54 22.69
C SER D 216 15.43 22.97 22.36
N VAL D 217 15.29 22.19 21.28
CA VAL D 217 13.97 21.84 20.79
C VAL D 217 13.32 20.72 21.60
N ALA D 218 14.06 20.04 22.48
CA ALA D 218 13.41 19.14 23.42
C ALA D 218 12.65 19.89 24.53
N TYR D 219 12.92 21.18 24.71
CA TYR D 219 12.37 21.93 25.84
C TYR D 219 11.40 23.02 25.43
N GLN D 220 11.37 23.40 24.16
CA GLN D 220 10.43 24.40 23.68
C GLN D 220 10.11 24.08 22.23
N PRO D 221 8.90 24.35 21.77
CA PRO D 221 8.55 24.00 20.39
C PRO D 221 9.35 24.82 19.39
N TRP D 222 9.72 24.18 18.29
CA TRP D 222 10.11 24.85 17.06
C TRP D 222 8.99 24.66 16.04
N ILE D 223 8.65 25.73 15.34
CA ILE D 223 7.58 25.72 14.35
C ILE D 223 8.24 25.60 12.98
N TRP D 224 8.05 24.45 12.33
CA TRP D 224 8.84 24.08 11.15
C TRP D 224 8.25 24.61 9.86
N THR D 225 9.12 25.24 9.06
CA THR D 225 8.89 25.58 7.66
C THR D 225 9.81 24.74 6.77
N ALA D 226 9.33 24.38 5.59
CA ALA D 226 10.12 23.57 4.65
C ALA D 226 10.85 24.47 3.66
N GLY D 227 12.19 24.38 3.67
CA GLY D 227 13.01 25.11 2.72
C GLY D 227 13.51 24.22 1.58
N ASN D 228 14.35 24.81 0.73
CA ASN D 228 14.74 24.08 -0.48
C ASN D 228 15.68 22.92 -0.16
N HIS D 229 16.45 23.01 0.92
CA HIS D 229 17.29 21.87 1.28
C HIS D 229 16.53 20.71 1.88
N GLU D 230 15.23 20.84 2.14
CA GLU D 230 14.42 19.70 2.53
C GLU D 230 13.76 18.99 1.35
N ILE D 231 13.75 19.58 0.15
CA ILE D 231 13.13 18.93 -1.01
C ILE D 231 13.76 17.56 -1.25
N GLU D 232 15.09 17.51 -1.34
CA GLU D 232 15.85 16.26 -1.51
C GLU D 232 15.32 15.42 -2.67
N PHE D 233 15.04 16.08 -3.77
CA PHE D 233 14.62 15.41 -4.98
C PHE D 233 15.86 15.02 -5.76
N ALA D 234 16.15 13.72 -5.82
CA ALA D 234 17.42 13.23 -6.38
C ALA D 234 17.12 12.05 -7.31
N PRO D 235 16.57 12.32 -8.49
CA PRO D 235 16.27 11.21 -9.42
C PRO D 235 17.49 10.42 -9.83
N GLU D 236 18.68 11.00 -9.73
CA GLU D 236 19.88 10.28 -10.15
C GLU D 236 20.21 9.13 -9.21
N ILE D 237 19.67 9.13 -7.99
CA ILE D 237 19.83 7.99 -7.09
C ILE D 237 18.45 7.47 -6.73
N ASN D 238 17.48 7.70 -7.61
CA ASN D 238 16.14 7.10 -7.52
C ASN D 238 15.41 7.51 -6.23
N GLU D 239 15.61 8.75 -5.79
CA GLU D 239 14.86 9.32 -4.67
C GLU D 239 14.07 10.52 -5.20
N THR D 240 12.79 10.32 -5.47
CA THR D 240 11.99 11.28 -6.21
C THR D 240 10.78 11.78 -5.42
N GLU D 241 10.69 11.49 -4.13
CA GLU D 241 9.56 11.96 -3.33
C GLU D 241 9.99 13.22 -2.61
N PRO D 242 9.46 14.39 -2.95
CA PRO D 242 9.92 15.62 -2.30
C PRO D 242 9.68 15.60 -0.78
N PHE D 243 10.70 16.05 -0.05
CA PHE D 243 10.64 16.28 1.40
C PHE D 243 10.64 14.98 2.20
N LYS D 244 11.00 13.86 1.60
CA LYS D 244 10.84 12.59 2.29
C LYS D 244 11.53 12.55 3.65
N PRO D 245 12.86 12.75 3.76
CA PRO D 245 13.49 12.62 5.10
C PRO D 245 12.94 13.60 6.11
N PHE D 246 12.80 14.85 5.71
CA PHE D 246 12.21 15.87 6.56
C PHE D 246 10.82 15.46 7.07
N SER D 247 9.96 14.98 6.18
CA SER D 247 8.58 14.76 6.61
C SER D 247 8.44 13.56 7.53
N TYR D 248 9.30 12.54 7.37
CA TYR D 248 9.32 11.46 8.34
C TYR D 248 9.83 11.95 9.70
N ARG D 249 10.80 12.85 9.69
CA ARG D 249 11.47 13.22 10.93
C ARG D 249 10.72 14.29 11.73
N TYR D 250 10.06 15.23 11.04
CA TYR D 250 9.48 16.42 11.67
C TYR D 250 8.00 16.48 11.29
N HIS D 251 7.13 16.12 12.23
CA HIS D 251 5.68 16.20 12.04
C HIS D 251 5.17 17.57 12.47
N VAL D 252 4.03 17.96 11.90
CA VAL D 252 3.35 19.22 12.25
C VAL D 252 1.86 18.96 12.32
N PRO D 253 1.12 19.77 13.11
CA PRO D 253 -0.32 19.50 13.28
C PRO D 253 -1.18 20.10 12.17
N TYR D 254 -0.92 19.66 10.92
CA TYR D 254 -1.51 20.36 9.78
C TYR D 254 -3.01 20.14 9.68
N GLU D 255 -3.51 18.97 10.12
CA GLU D 255 -4.95 18.71 10.09
C GLU D 255 -5.73 19.64 11.01
N ALA D 256 -5.12 20.12 12.09
CA ALA D 256 -5.81 21.03 13.01
C ALA D 256 -6.26 22.33 12.34
N SER D 257 -5.65 22.74 11.22
CA SER D 257 -6.15 23.89 10.48
C SER D 257 -6.82 23.49 9.17
N GLN D 258 -7.20 22.22 9.03
CA GLN D 258 -7.90 21.71 7.84
C GLN D 258 -7.02 21.79 6.60
N SER D 259 -5.72 21.77 6.78
CA SER D 259 -4.80 21.58 5.67
C SER D 259 -4.73 20.10 5.33
N THR D 260 -4.54 19.81 4.03
CA THR D 260 -4.34 18.45 3.57
C THR D 260 -2.87 18.11 3.36
N SER D 261 -1.95 18.96 3.82
CA SER D 261 -0.53 18.69 3.59
C SER D 261 0.28 19.19 4.76
N PRO D 262 1.33 18.48 5.15
CA PRO D 262 2.18 18.99 6.23
C PRO D 262 2.94 20.24 5.85
N PHE D 263 3.04 20.58 4.57
CA PHE D 263 3.93 21.67 4.18
C PHE D 263 3.27 23.05 4.28
N TRP D 264 1.96 23.13 4.49
CA TRP D 264 1.33 24.41 4.83
C TRP D 264 0.30 24.17 5.93
N TYR D 265 0.27 25.06 6.90
CA TYR D 265 -0.60 24.88 8.05
C TYR D 265 -0.57 26.17 8.85
N SER D 266 -1.45 26.27 9.84
CA SER D 266 -1.38 27.40 10.74
C SER D 266 -1.64 26.94 12.15
N ILE D 267 -1.09 27.70 13.11
CA ILE D 267 -1.31 27.49 14.53
C ILE D 267 -1.56 28.85 15.17
N LYS D 268 -2.17 28.81 16.34
CA LYS D 268 -2.29 29.99 17.18
C LYS D 268 -1.56 29.73 18.48
N ARG D 269 -0.81 30.73 18.93
CA ARG D 269 -0.10 30.64 20.20
C ARG D 269 -0.12 32.02 20.85
N ALA D 270 -0.67 32.11 22.06
CA ALA D 270 -0.75 33.35 22.82
C ALA D 270 -1.55 34.33 21.95
N SER D 271 -1.00 35.49 21.61
CA SER D 271 -1.71 36.48 20.81
C SER D 271 -1.32 36.47 19.34
N ALA D 272 -0.68 35.40 18.87
CA ALA D 272 -0.24 35.34 17.49
C ALA D 272 -1.01 34.28 16.72
N HIS D 273 -1.33 34.60 15.46
CA HIS D 273 -1.82 33.64 14.48
C HIS D 273 -0.70 33.45 13.45
N ILE D 274 -0.17 32.23 13.34
CA ILE D 274 1.03 31.95 12.57
C ILE D 274 0.63 31.10 11.38
N ILE D 275 0.97 31.55 10.19
CA ILE D 275 0.63 30.87 8.94
C ILE D 275 1.94 30.41 8.29
N VAL D 276 2.07 29.11 8.07
CA VAL D 276 3.29 28.52 7.53
C VAL D 276 3.00 28.11 6.09
N LEU D 277 3.79 28.64 5.16
CA LEU D 277 3.60 28.40 3.74
C LEU D 277 4.77 27.61 3.17
N SER D 278 4.56 27.04 1.98
CA SER D 278 5.50 26.14 1.33
C SER D 278 5.96 26.74 0.00
N SER D 279 7.18 27.30 -0.02
CA SER D 279 7.70 27.93 -1.23
C SER D 279 7.83 26.93 -2.38
N TYR D 280 8.05 25.65 -2.09
CA TYR D 280 8.34 24.67 -3.14
C TYR D 280 7.23 23.62 -3.30
N SER D 281 6.01 23.95 -2.86
CA SER D 281 4.80 23.26 -3.27
C SER D 281 4.03 24.13 -4.26
N ALA D 282 2.97 23.57 -4.83
CA ALA D 282 2.18 24.32 -5.80
C ALA D 282 1.40 25.41 -5.10
N TYR D 283 1.19 26.52 -5.81
CA TYR D 283 0.35 27.58 -5.26
C TYR D 283 -0.37 28.31 -6.37
N GLY D 284 -0.49 27.70 -7.55
CA GLY D 284 -1.34 28.27 -8.58
C GLY D 284 -2.79 28.31 -8.13
N ARG D 285 -3.56 29.16 -8.82
CA ARG D 285 -4.97 29.30 -8.49
C ARG D 285 -5.68 27.96 -8.60
N GLY D 286 -6.48 27.60 -7.59
CA GLY D 286 -7.15 26.31 -7.54
C GLY D 286 -6.35 25.16 -6.95
N THR D 287 -5.06 25.34 -6.70
CA THR D 287 -4.30 24.27 -6.06
C THR D 287 -4.64 24.16 -4.58
N PRO D 288 -4.34 23.02 -3.94
CA PRO D 288 -4.64 22.90 -2.50
C PRO D 288 -4.04 23.99 -1.63
N GLN D 289 -2.77 24.36 -1.81
CA GLN D 289 -2.19 25.37 -0.92
C GLN D 289 -2.85 26.72 -1.12
N TYR D 290 -3.02 27.13 -2.37
CA TYR D 290 -3.70 28.40 -2.66
C TYR D 290 -5.10 28.40 -2.06
N THR D 291 -5.85 27.32 -2.30
CA THR D 291 -7.22 27.23 -1.79
C THR D 291 -7.24 27.29 -0.27
N TRP D 292 -6.33 26.55 0.38
CA TRP D 292 -6.25 26.57 1.83
C TRP D 292 -5.94 27.97 2.37
N LEU D 293 -4.95 28.62 1.80
CA LEU D 293 -4.53 29.91 2.33
C LEU D 293 -5.68 30.93 2.24
N LYS D 294 -6.43 30.90 1.13
CA LYS D 294 -7.49 31.87 0.96
C LYS D 294 -8.54 31.72 2.07
N LYS D 295 -8.92 30.48 2.37
CA LYS D 295 -9.86 30.21 3.46
C LYS D 295 -9.24 30.49 4.82
N GLU D 296 -7.97 30.10 5.03
CA GLU D 296 -7.36 30.35 6.32
C GLU D 296 -7.36 31.83 6.67
N LEU D 297 -7.02 32.69 5.70
CA LEU D 297 -6.98 34.12 5.99
C LEU D 297 -8.35 34.64 6.41
N ARG D 298 -9.43 34.04 5.89
CA ARG D 298 -10.79 34.42 6.28
C ARG D 298 -11.09 34.04 7.71
N LYS D 299 -10.39 33.04 8.26
CA LYS D 299 -10.64 32.65 9.65
C LYS D 299 -9.88 33.48 10.66
N VAL D 300 -8.92 34.31 10.25
CA VAL D 300 -8.14 35.06 11.23
C VAL D 300 -9.04 36.06 11.95
N LYS D 301 -9.01 36.05 13.28
CA LYS D 301 -9.78 37.02 14.06
C LYS D 301 -8.79 37.86 14.87
N ARG D 302 -8.60 39.11 14.46
CA ARG D 302 -7.56 39.94 15.09
C ARG D 302 -7.96 40.43 16.48
N SER D 303 -9.22 40.30 16.89
CA SER D 303 -9.57 40.57 18.28
C SER D 303 -9.25 39.39 19.21
N GLU D 304 -8.93 38.22 18.67
CA GLU D 304 -8.45 37.11 19.49
C GLU D 304 -6.93 36.94 19.39
N THR D 305 -6.39 36.93 18.18
CA THR D 305 -4.93 36.92 17.97
C THR D 305 -4.58 38.15 17.14
N PRO D 306 -4.15 39.26 17.76
CA PRO D 306 -3.88 40.48 16.96
C PRO D 306 -2.65 40.42 16.08
N TRP D 307 -1.67 39.56 16.39
CA TRP D 307 -0.42 39.52 15.64
C TRP D 307 -0.52 38.45 14.54
N LEU D 308 -0.48 38.88 13.29
CA LEU D 308 -0.66 37.98 12.15
C LEU D 308 0.71 37.82 11.51
N ILE D 309 1.26 36.61 11.60
CA ILE D 309 2.64 36.30 11.21
C ILE D 309 2.62 35.23 10.14
N VAL D 310 3.35 35.46 9.03
CA VAL D 310 3.50 34.49 7.95
C VAL D 310 4.96 34.02 7.90
N LEU D 311 5.15 32.70 7.83
CA LEU D 311 6.44 32.07 7.64
C LEU D 311 6.50 31.43 6.27
N MET D 312 7.56 31.70 5.52
CA MET D 312 7.82 31.02 4.26
C MET D 312 9.33 30.99 4.10
N HIS D 313 9.82 30.09 3.24
CA HIS D 313 11.28 29.98 3.19
C HIS D 313 11.90 31.02 2.26
N SER D 314 11.33 31.20 1.08
CA SER D 314 11.92 32.06 0.06
C SER D 314 11.34 33.47 0.17
N PRO D 315 12.16 34.50 0.35
CA PRO D 315 11.64 35.84 0.63
C PRO D 315 11.00 36.48 -0.60
N LEU D 316 9.89 37.19 -0.35
CA LEU D 316 9.20 37.94 -1.40
C LEU D 316 9.89 39.27 -1.69
N TYR D 317 10.60 39.82 -0.69
CA TYR D 317 11.37 41.06 -0.84
C TYR D 317 12.79 40.76 -0.40
N ASN D 318 13.75 41.01 -1.30
CA ASN D 318 15.12 40.56 -1.14
C ASN D 318 16.00 41.37 -2.07
N SER D 319 16.94 42.14 -1.50
CA SER D 319 17.84 42.97 -2.30
C SER D 319 19.27 42.42 -2.31
N TYR D 320 19.45 41.15 -1.98
CA TYR D 320 20.74 40.50 -2.16
C TYR D 320 20.81 39.85 -3.54
N ASN D 321 22.04 39.70 -4.05
CA ASN D 321 22.22 39.07 -5.36
C ASN D 321 21.80 37.61 -5.35
N HIS D 322 22.18 36.86 -4.31
CA HIS D 322 21.87 35.45 -4.22
C HIS D 322 20.36 35.24 -4.07
N HIS D 323 19.77 34.49 -5.00
CA HIS D 323 18.34 34.19 -5.05
C HIS D 323 17.48 35.41 -5.31
N PHE D 324 18.06 36.48 -5.89
CA PHE D 324 17.30 37.68 -6.20
C PHE D 324 16.11 37.34 -7.10
N MET D 325 14.92 37.81 -6.70
CA MET D 325 13.66 37.65 -7.42
C MET D 325 13.16 36.22 -7.52
N GLU D 326 13.73 35.29 -6.75
CA GLU D 326 13.16 33.95 -6.74
C GLU D 326 11.74 33.94 -6.17
N GLY D 327 11.44 34.88 -5.29
CA GLY D 327 10.10 34.93 -4.72
C GLY D 327 9.04 35.61 -5.57
N GLU D 328 9.36 36.04 -6.80
CA GLU D 328 8.36 36.77 -7.59
C GLU D 328 7.11 35.93 -7.84
N ALA D 329 7.27 34.64 -8.12
CA ALA D 329 6.12 33.83 -8.49
C ALA D 329 5.10 33.79 -7.35
N MET D 330 5.57 33.49 -6.13
CA MET D 330 4.63 33.46 -5.02
C MET D 330 4.10 34.86 -4.74
N ARG D 331 4.92 35.89 -4.95
CA ARG D 331 4.50 37.26 -4.68
C ARG D 331 3.29 37.66 -5.54
N THR D 332 3.30 37.27 -6.82
CA THR D 332 2.16 37.54 -7.69
C THR D 332 0.88 36.92 -7.16
N LYS D 333 0.96 35.81 -6.42
CA LYS D 333 -0.26 35.17 -5.95
C LYS D 333 -0.75 35.70 -4.61
N PHE D 334 0.16 35.95 -3.67
CA PHE D 334 -0.19 36.11 -2.28
C PHE D 334 0.04 37.50 -1.71
N GLU D 335 0.81 38.35 -2.38
CA GLU D 335 1.13 39.65 -1.78
C GLU D 335 -0.13 40.49 -1.55
N ALA D 336 -1.05 40.51 -2.52
CA ALA D 336 -2.26 41.31 -2.36
C ALA D 336 -3.12 40.82 -1.21
N TRP D 337 -3.10 39.50 -0.96
CA TRP D 337 -3.81 38.96 0.18
C TRP D 337 -3.18 39.42 1.48
N PHE D 338 -1.84 39.52 1.53
CA PHE D 338 -1.18 39.95 2.75
C PHE D 338 -1.54 41.40 3.07
N VAL D 339 -1.60 42.25 2.05
CA VAL D 339 -2.00 43.64 2.25
C VAL D 339 -3.47 43.71 2.64
N LYS D 340 -4.33 42.94 1.96
CA LYS D 340 -5.75 42.97 2.23
C LYS D 340 -6.06 42.56 3.67
N TYR D 341 -5.37 41.54 4.18
CA TYR D 341 -5.60 41.09 5.54
C TYR D 341 -4.61 41.70 6.54
N LYS D 342 -3.76 42.63 6.11
CA LYS D 342 -2.95 43.45 7.02
C LYS D 342 -2.03 42.59 7.88
N VAL D 343 -1.31 41.67 7.24
CA VAL D 343 -0.32 40.87 7.93
C VAL D 343 0.69 41.79 8.60
N ASP D 344 1.06 41.47 9.84
CA ASP D 344 2.01 42.32 10.54
C ASP D 344 3.41 42.14 9.99
N VAL D 345 3.88 40.89 9.91
CA VAL D 345 5.25 40.60 9.51
C VAL D 345 5.26 39.30 8.73
N VAL D 346 6.13 39.24 7.73
CA VAL D 346 6.43 38.02 6.97
C VAL D 346 7.90 37.69 7.18
N PHE D 347 8.17 36.51 7.72
CA PHE D 347 9.54 36.06 7.96
C PHE D 347 9.95 35.01 6.93
N ALA D 348 11.17 35.15 6.41
CA ALA D 348 11.69 34.23 5.44
C ALA D 348 13.17 34.00 5.71
N GLY D 349 13.71 32.97 5.05
CA GLY D 349 15.13 32.67 5.15
C GLY D 349 15.76 32.60 3.79
N HIS D 350 16.40 31.46 3.47
CA HIS D 350 16.92 31.15 2.15
C HIS D 350 18.14 31.99 1.77
N VAL D 351 18.03 33.31 1.81
CA VAL D 351 19.19 34.19 1.66
C VAL D 351 19.99 34.17 2.96
N HIS D 352 21.31 33.94 2.86
CA HIS D 352 22.14 33.73 4.04
C HIS D 352 22.67 35.07 4.55
N ALA D 353 21.74 35.85 5.12
CA ALA D 353 22.01 37.22 5.52
C ALA D 353 20.78 37.74 6.27
N TYR D 354 20.80 39.02 6.61
CA TYR D 354 19.71 39.66 7.32
C TYR D 354 19.19 40.81 6.47
N GLU D 355 17.86 40.95 6.42
CA GLU D 355 17.27 42.12 5.80
C GLU D 355 15.93 42.43 6.43
N ARG D 356 15.61 43.71 6.51
CA ARG D 356 14.34 44.22 6.98
C ARG D 356 13.83 45.24 5.97
N SER D 357 12.61 45.04 5.48
CA SER D 357 12.06 45.93 4.46
C SER D 357 11.31 47.08 5.11
N GLU D 358 11.03 48.11 4.32
CA GLU D 358 9.99 49.06 4.71
C GLU D 358 8.62 48.42 4.51
N ARG D 359 7.58 49.06 5.05
CA ARG D 359 6.22 48.61 4.78
C ARG D 359 5.83 49.07 3.39
N VAL D 360 5.84 48.14 2.43
CA VAL D 360 5.58 48.45 1.03
C VAL D 360 4.70 47.38 0.41
N SER D 361 4.10 47.74 -0.72
CA SER D 361 3.32 46.83 -1.55
C SER D 361 3.66 47.13 -3.00
N ASN D 362 3.54 46.10 -3.85
CA ASN D 362 3.83 46.22 -5.27
C ASN D 362 2.74 45.46 -6.02
N ILE D 363 1.49 45.90 -5.85
CA ILE D 363 0.34 45.09 -6.22
C ILE D 363 -0.54 45.78 -7.27
N ALA D 364 -0.09 46.86 -7.89
CA ALA D 364 -0.90 47.62 -8.83
C ALA D 364 -0.60 47.32 -10.30
N TYR D 365 0.36 46.44 -10.57
CA TYR D 365 0.77 46.14 -11.94
C TYR D 365 -0.33 45.44 -12.74
N LYS D 366 -0.58 45.93 -13.95
CA LYS D 366 -1.58 45.35 -14.86
C LYS D 366 -1.01 45.21 -16.26
N ILE D 367 0.28 44.86 -16.37
CA ILE D 367 1.00 44.54 -17.61
C ILE D 367 1.35 45.80 -18.40
N THR D 368 0.36 46.61 -18.76
CA THR D 368 0.60 47.74 -19.64
C THR D 368 0.58 49.09 -18.92
N ASN D 369 0.13 49.14 -17.67
CA ASN D 369 -0.10 50.39 -16.95
C ASN D 369 1.14 50.94 -16.28
N GLY D 370 2.30 50.31 -16.44
CA GLY D 370 3.56 50.79 -15.90
C GLY D 370 3.70 50.92 -14.38
N LEU D 371 2.76 50.39 -13.60
CA LEU D 371 2.80 50.49 -12.14
C LEU D 371 3.53 49.27 -11.55
N CYS D 372 4.86 49.29 -11.63
CA CYS D 372 5.68 48.15 -11.21
C CYS D 372 6.71 48.51 -10.14
N THR D 373 6.59 49.67 -9.50
CA THR D 373 7.52 50.07 -8.46
C THR D 373 6.86 49.92 -7.10
N PRO D 374 7.53 49.31 -6.10
CA PRO D 374 6.95 49.24 -4.76
C PRO D 374 6.75 50.63 -4.16
N VAL D 375 5.66 50.79 -3.42
CA VAL D 375 5.28 52.06 -2.81
C VAL D 375 5.00 51.83 -1.34
N LYS D 376 5.19 52.88 -0.54
CA LYS D 376 4.87 52.81 0.87
C LYS D 376 3.40 52.46 1.02
N ASP D 377 3.11 51.62 1.99
CA ASP D 377 1.76 51.12 2.16
C ASP D 377 1.64 50.69 3.61
N GLN D 378 0.84 51.42 4.38
CA GLN D 378 0.79 51.13 5.81
C GLN D 378 -0.14 49.97 6.17
N SER D 379 -0.84 49.36 5.19
CA SER D 379 -1.51 48.09 5.44
C SER D 379 -0.64 46.87 5.12
N ALA D 380 0.53 47.06 4.53
CA ALA D 380 1.37 45.92 4.15
C ALA D 380 2.19 45.43 5.34
N PRO D 381 2.62 44.17 5.32
CA PRO D 381 3.56 43.69 6.35
C PRO D 381 4.95 44.25 6.13
N VAL D 382 5.79 44.09 7.16
CA VAL D 382 7.24 44.21 7.01
C VAL D 382 7.77 42.84 6.59
N TYR D 383 8.71 42.80 5.65
CA TYR D 383 9.33 41.56 5.20
C TYR D 383 10.74 41.47 5.77
N ILE D 384 11.01 40.41 6.53
CA ILE D 384 12.29 40.23 7.19
C ILE D 384 12.94 38.93 6.71
N THR D 385 14.18 39.05 6.22
CA THR D 385 14.99 37.91 5.86
C THR D 385 15.92 37.61 7.02
N ILE D 386 15.89 36.35 7.47
CA ILE D 386 16.62 35.97 8.67
C ILE D 386 17.24 34.58 8.45
N GLY D 387 17.80 34.36 7.26
CA GLY D 387 18.35 33.07 6.93
C GLY D 387 19.83 32.97 7.25
N ASP D 388 20.24 33.58 8.36
CA ASP D 388 21.65 33.81 8.61
C ASP D 388 22.14 33.11 9.87
N ALA D 389 21.49 32.01 10.27
CA ALA D 389 21.91 31.33 11.49
C ALA D 389 23.17 30.48 11.33
N GLY D 390 23.65 30.26 10.11
CA GLY D 390 24.96 29.64 10.00
C GLY D 390 25.16 28.69 8.83
N ASN D 391 24.10 28.00 8.42
CA ASN D 391 24.11 27.02 7.34
C ASN D 391 25.38 26.17 7.42
N TYR D 392 26.19 26.11 6.36
CA TYR D 392 27.45 25.37 6.39
C TYR D 392 28.66 26.32 6.45
N GLY D 393 28.45 27.54 6.92
CA GLY D 393 29.55 28.46 7.16
C GLY D 393 29.73 29.59 6.16
N VAL D 394 28.80 29.83 5.24
CA VAL D 394 28.98 30.89 4.26
C VAL D 394 27.89 31.95 4.40
N ILE D 395 28.29 33.20 4.27
CA ILE D 395 27.37 34.34 4.32
C ILE D 395 27.11 34.79 2.88
N ASP D 396 25.97 35.42 2.64
CA ASP D 396 25.68 36.04 1.35
C ASP D 396 25.95 37.53 1.48
N SER D 397 27.05 38.01 0.92
CA SER D 397 27.43 39.39 1.12
C SER D 397 27.23 40.28 -0.10
N ASN D 398 27.14 39.72 -1.30
CA ASN D 398 26.95 40.54 -2.48
CA ASN D 398 26.93 40.52 -2.49
C ASN D 398 25.51 41.06 -2.52
N MET D 399 25.35 42.39 -2.49
CA MET D 399 24.05 43.02 -2.41
C MET D 399 23.79 43.86 -3.65
N ILE D 400 22.50 44.07 -3.96
CA ILE D 400 22.16 44.99 -5.04
C ILE D 400 22.49 46.41 -4.59
N GLN D 401 23.14 47.17 -5.47
CA GLN D 401 23.58 48.55 -5.21
C GLN D 401 22.99 49.50 -6.24
N PRO D 402 22.53 50.70 -5.83
CA PRO D 402 22.43 51.13 -4.42
C PRO D 402 21.29 50.40 -3.67
N GLN D 403 21.30 50.48 -2.35
CA GLN D 403 20.22 49.87 -1.58
C GLN D 403 18.89 50.44 -2.06
N PRO D 404 17.92 49.61 -2.45
CA PRO D 404 16.65 50.13 -2.94
C PRO D 404 15.82 50.70 -1.80
N GLU D 405 14.89 51.59 -2.16
CA GLU D 405 14.08 52.28 -1.15
C GLU D 405 13.24 51.31 -0.32
N TYR D 406 12.79 50.18 -0.91
CA TYR D 406 12.01 49.24 -0.12
C TYR D 406 12.82 48.55 0.98
N SER D 407 14.14 48.63 0.91
CA SER D 407 15.01 48.01 1.91
C SER D 407 15.28 48.99 3.04
N ALA D 408 14.88 48.63 4.26
CA ALA D 408 15.15 49.54 5.36
C ALA D 408 16.51 49.29 5.98
N PHE D 409 16.90 48.03 6.13
CA PHE D 409 18.17 47.69 6.76
C PHE D 409 18.60 46.32 6.27
N ARG D 410 19.90 46.17 6.00
CA ARG D 410 20.43 44.89 5.55
C ARG D 410 21.89 44.74 5.98
N GLU D 411 22.29 43.52 6.35
CA GLU D 411 23.68 43.24 6.69
C GLU D 411 23.98 41.75 6.57
N ALA D 412 25.18 41.43 6.08
CA ALA D 412 25.63 40.06 5.89
C ALA D 412 26.46 39.61 7.09
N SER D 413 25.77 39.25 8.18
CA SER D 413 26.41 38.68 9.34
C SER D 413 25.54 37.54 9.84
N PHE D 414 26.17 36.61 10.54
CA PHE D 414 25.45 35.52 11.17
C PHE D 414 24.72 36.01 12.42
N GLY D 415 23.55 35.45 12.66
CA GLY D 415 22.82 35.75 13.87
C GLY D 415 21.41 35.19 13.84
N HIS D 416 20.56 35.76 14.69
CA HIS D 416 19.19 35.30 14.88
C HIS D 416 18.35 36.50 15.32
N GLY D 417 17.03 36.31 15.27
CA GLY D 417 16.10 37.36 15.61
C GLY D 417 15.25 37.01 16.82
N MET D 418 14.52 38.00 17.32
CA MET D 418 13.55 37.81 18.38
C MET D 418 12.34 38.68 18.09
N PHE D 419 11.15 38.10 18.16
CA PHE D 419 9.90 38.83 17.98
C PHE D 419 9.18 38.79 19.32
N ASP D 420 9.26 39.89 20.05
CA ASP D 420 8.88 39.95 21.46
C ASP D 420 7.56 40.72 21.57
N ILE D 421 6.47 39.99 21.68
CA ILE D 421 5.13 40.58 21.72
C ILE D 421 4.85 41.08 23.13
N LYS D 422 4.56 42.37 23.25
CA LYS D 422 4.26 42.98 24.55
C LYS D 422 2.77 42.99 24.85
N ASN D 423 1.95 43.26 23.83
CA ASN D 423 0.51 43.39 24.00
C ASN D 423 -0.09 43.59 22.62
N ARG D 424 -1.37 43.95 22.56
CA ARG D 424 -2.06 44.00 21.27
C ARG D 424 -1.52 45.09 20.36
N THR D 425 -0.87 46.13 20.89
CA THR D 425 -0.42 47.24 20.05
C THR D 425 1.06 47.18 19.68
N HIS D 426 1.92 46.59 20.54
CA HIS D 426 3.37 46.72 20.46
C HIS D 426 4.05 45.37 20.48
N ALA D 427 5.02 45.17 19.58
CA ALA D 427 5.91 44.01 19.64
C ALA D 427 7.30 44.50 19.24
N HIS D 428 8.31 43.95 19.88
CA HIS D 428 9.66 44.45 19.69
C HIS D 428 10.49 43.41 18.95
N PHE D 429 10.96 43.76 17.76
CA PHE D 429 11.84 42.87 17.01
C PHE D 429 13.29 43.31 17.13
N SER D 430 14.16 42.34 17.37
CA SER D 430 15.59 42.61 17.50
C SER D 430 16.38 41.55 16.75
N TRP D 431 17.55 41.94 16.27
CA TRP D 431 18.48 41.09 15.55
C TRP D 431 19.80 41.08 16.31
N ASN D 432 20.27 39.90 16.69
CA ASN D 432 21.51 39.76 17.44
C ASN D 432 22.58 39.09 16.57
N ARG D 433 23.71 39.77 16.37
CA ARG D 433 24.79 39.22 15.58
C ARG D 433 25.69 38.29 16.41
N ASN D 434 26.20 37.25 15.76
CA ASN D 434 27.07 36.31 16.46
C ASN D 434 28.37 36.96 16.93
N GLN D 435 28.87 37.97 16.18
CA GLN D 435 30.11 38.62 16.62
C GLN D 435 29.93 39.58 17.78
N ASP D 436 28.70 39.85 18.23
CA ASP D 436 28.43 40.76 19.34
C ASP D 436 28.16 39.97 20.61
N GLY D 437 28.06 40.70 21.73
CA GLY D 437 27.65 40.08 22.97
C GLY D 437 26.20 39.65 22.91
N VAL D 438 25.86 38.62 23.71
CA VAL D 438 24.54 38.02 23.60
C VAL D 438 23.41 38.98 23.94
N ALA D 439 23.70 40.12 24.55
CA ALA D 439 22.68 41.09 24.91
C ALA D 439 22.64 42.31 23.97
N VAL D 440 23.44 42.32 22.90
CA VAL D 440 23.53 43.48 22.01
C VAL D 440 22.64 43.25 20.79
N GLU D 441 21.81 44.25 20.46
CA GLU D 441 20.94 44.23 19.29
C GLU D 441 21.55 45.14 18.23
N ALA D 442 22.02 44.56 17.13
CA ALA D 442 22.54 45.40 16.06
C ALA D 442 21.41 46.05 15.25
N ASP D 443 20.24 45.42 15.21
CA ASP D 443 19.06 46.04 14.64
C ASP D 443 17.90 45.83 15.60
N SER D 444 17.01 46.82 15.64
CA SER D 444 15.95 46.84 16.61
C SER D 444 14.84 47.76 16.12
N VAL D 445 13.59 47.30 16.15
CA VAL D 445 12.47 48.12 15.70
C VAL D 445 11.23 47.73 16.48
N TRP D 446 10.34 48.70 16.68
CA TRP D 446 9.02 48.42 17.24
C TRP D 446 8.05 48.08 16.11
N PHE D 447 7.32 47.00 16.28
CA PHE D 447 6.18 46.72 15.42
C PHE D 447 4.95 47.31 16.07
N PHE D 448 4.24 48.18 15.32
CA PHE D 448 2.96 48.72 15.72
C PHE D 448 1.88 47.92 14.99
N ASN D 449 1.01 47.28 15.77
CA ASN D 449 0.07 46.30 15.24
C ASN D 449 -0.81 46.89 14.13
N ARG D 450 -0.93 46.17 13.02
CA ARG D 450 -1.68 46.71 11.88
C ARG D 450 -3.16 46.83 12.17
N HIS D 451 -3.68 46.05 13.12
CA HIS D 451 -5.10 46.14 13.42
C HIS D 451 -5.40 47.10 14.55
N TRP D 452 -4.60 47.09 15.61
CA TRP D 452 -4.92 47.85 16.81
C TRP D 452 -4.16 49.15 16.93
N TYR D 453 -3.15 49.37 16.11
CA TYR D 453 -2.28 50.53 16.30
C TYR D 453 -1.46 50.79 15.03
N PRO D 454 -2.10 51.03 13.88
CA PRO D 454 -1.34 51.11 12.60
C PRO D 454 -0.61 52.43 12.44
N VAL D 455 0.23 52.76 13.42
CA VAL D 455 1.11 53.92 13.35
C VAL D 455 2.16 53.67 12.27
N ASP D 456 2.52 54.72 11.54
CA ASP D 456 3.71 54.67 10.69
C ASP D 456 4.95 54.32 11.54
N ASP D 457 5.50 53.11 11.33
CA ASP D 457 6.76 52.73 12.00
C ASP D 457 7.91 52.64 11.00
#